data_4NRL
#
_entry.id   4NRL
#
_cell.length_a   83.610
_cell.length_b   128.400
_cell.length_c   211.690
_cell.angle_alpha   90.00
_cell.angle_beta   90.00
_cell.angle_gamma   90.00
#
_symmetry.space_group_name_H-M   'P 21 2 21'
#
loop_
_entity.id
_entity.type
_entity.pdbx_description
1 polymer 'Hemagglutinin HA1 chain'
2 polymer 'Hemagglutinin HA2 chain'
3 branched 'N-acetyl-alpha-neuraminic acid-(2-3)-beta-D-galactopyranose-(1-3)-2-acetamido-2-deoxy-beta-D-glucopyranose-(1-3)-beta-D-galactopyranose-(1-4)-beta-D-glucopyranose'
4 branched 2-acetamido-2-deoxy-beta-D-glucopyranose-(1-4)-2-acetamido-2-deoxy-beta-D-glucopyranose
5 branched beta-D-mannopyranose-(1-4)-2-acetamido-2-deoxy-beta-D-glucopyranose-(1-4)-2-acetamido-2-deoxy-beta-D-glucopyranose
6 non-polymer 2-acetamido-2-deoxy-beta-D-glucopyranose
7 water water
#
loop_
_entity_poly.entity_id
_entity_poly.type
_entity_poly.pdbx_seq_one_letter_code
_entity_poly.pdbx_strand_id
1 'polypeptide(L)'
;DRICTGITSSNSPHVVKTATQGEVNVTGVIPLTTTPTRSHFANLKGTQTRGKLCPNCFNCTDLDVALGRPKCMGNIPSAK
VSILHEVKPVTSGCYPIMHDRTKIRQLPNLLRGYENIRLSTSNVINTETAPGGPYKVGTSGSCPNVTNGNGFFNTMAWVI
PKDNNKIAINPVTVEVPYICSEGEDQITVWGFHSDDKTQMERLYGDSNPQKFTSSANGVTTHYVSQIGGFPNQTEDEGLK
QSGRIVVDYMVQKPGKTGTIVYQRGILLPQKVWCASGRSKVIKGSLPLIGEADCLHEKYGGLNKSKPYYTGEHAKAIGNC
PIWVKTPLKLANGTKYRPPAKLLKER
;
A,C,E
2 'polypeptide(L)'
;GFFGAIAGFLEGGWEGMIAGWHGYTSHGAHGVAVAADLKSTQEAINKITKNLNSLSELEVKNLQRLSGAMNELHDEILEL
DEKVDDLRADTISSQIELAVLLSNEGIINSEDEHLLALERKLKKMLGPSAVEIGNGCFETKHKCNQTCLDRIAAGTFNAG
DFSLPTFDSLNITAASGALVPR
;
B,D,F
#
# COMPACT_ATOMS: atom_id res chain seq x y z
N ASP A 1 -57.73 17.32 25.41
CA ASP A 1 -56.67 17.84 24.54
C ASP A 1 -55.79 16.72 24.02
N ARG A 2 -55.14 16.96 22.88
CA ARG A 2 -54.25 15.97 22.29
C ARG A 2 -52.79 16.40 22.38
N ILE A 3 -52.00 15.58 23.07
CA ILE A 3 -50.57 15.85 23.21
C ILE A 3 -49.77 14.89 22.33
N CYS A 4 -48.87 15.44 21.52
CA CYS A 4 -48.10 14.63 20.59
C CYS A 4 -46.59 14.83 20.76
N THR A 5 -45.83 13.90 20.19
CA THR A 5 -44.38 14.06 20.09
C THR A 5 -44.04 14.67 18.74
N GLY A 6 -43.21 15.71 18.75
CA GLY A 6 -42.85 16.40 17.52
C GLY A 6 -41.38 16.77 17.43
N ILE A 7 -40.95 17.09 16.21
CA ILE A 7 -39.57 17.50 15.96
C ILE A 7 -39.57 18.92 15.39
N THR A 8 -38.56 19.70 15.74
CA THR A 8 -38.46 21.10 15.33
C THR A 8 -38.39 21.28 13.81
N SER A 9 -38.52 22.54 13.38
CA SER A 9 -38.32 22.91 11.99
C SER A 9 -37.53 24.21 11.89
N SER A 10 -36.38 24.16 11.21
CA SER A 10 -35.50 25.32 11.09
C SER A 10 -34.84 25.37 9.72
N ASN A 11 -34.19 26.48 9.42
CA ASN A 11 -33.40 26.61 8.20
C ASN A 11 -32.35 25.51 8.13
N SER A 12 -32.32 24.79 7.01
CA SER A 12 -31.46 23.63 6.87
C SER A 12 -30.59 23.67 5.62
N PRO A 13 -29.58 24.55 5.60
CA PRO A 13 -28.72 24.73 4.43
C PRO A 13 -27.66 23.64 4.27
N HIS A 14 -27.40 22.89 5.32
CA HIS A 14 -26.33 21.89 5.32
C HIS A 14 -26.80 20.53 4.81
N VAL A 15 -25.91 19.82 4.14
CA VAL A 15 -26.24 18.53 3.51
C VAL A 15 -25.27 17.44 3.94
N VAL A 16 -25.81 16.26 4.24
CA VAL A 16 -24.97 15.08 4.51
C VAL A 16 -25.47 13.87 3.73
N LYS A 17 -24.56 12.93 3.46
CA LYS A 17 -24.95 11.68 2.79
C LYS A 17 -25.31 10.63 3.82
N THR A 18 -26.37 9.87 3.54
CA THR A 18 -26.74 8.74 4.38
C THR A 18 -26.78 7.45 3.56
N ALA A 19 -26.74 6.32 4.26
CA ALA A 19 -26.83 5.03 3.59
C ALA A 19 -28.22 4.79 3.01
N THR A 20 -29.26 5.09 3.78
CA THR A 20 -30.61 4.67 3.40
C THR A 20 -31.55 5.80 3.01
N GLN A 21 -31.08 7.04 3.02
CA GLN A 21 -31.94 8.17 2.68
C GLN A 21 -31.29 9.14 1.69
N GLY A 22 -30.12 8.78 1.17
CA GLY A 22 -29.42 9.64 0.22
C GLY A 22 -28.92 10.90 0.92
N GLU A 23 -28.76 11.97 0.15
CA GLU A 23 -28.39 13.26 0.74
C GLU A 23 -29.61 13.87 1.42
N VAL A 24 -29.41 14.39 2.63
CA VAL A 24 -30.48 15.03 3.37
C VAL A 24 -30.03 16.38 3.95
N ASN A 25 -30.94 17.35 3.92
CA ASN A 25 -30.69 18.63 4.58
C ASN A 25 -30.80 18.47 6.09
N VAL A 26 -30.00 19.23 6.83
CA VAL A 26 -30.04 19.19 8.29
C VAL A 26 -29.91 20.58 8.90
N THR A 27 -30.29 20.71 10.16
CA THR A 27 -30.32 21.99 10.83
C THR A 27 -28.93 22.42 11.31
N GLY A 28 -28.04 21.45 11.48
CA GLY A 28 -26.70 21.73 11.97
C GLY A 28 -25.69 20.64 11.66
N VAL A 29 -24.46 21.05 11.38
CA VAL A 29 -23.37 20.10 11.18
C VAL A 29 -22.14 20.49 11.99
N ILE A 30 -21.28 19.52 12.24
CA ILE A 30 -19.95 19.78 12.77
C ILE A 30 -18.94 19.50 11.65
N PRO A 31 -18.29 20.56 11.14
CA PRO A 31 -17.34 20.37 10.04
C PRO A 31 -16.14 19.54 10.46
N LEU A 32 -15.77 18.58 9.62
CA LEU A 32 -14.67 17.67 9.93
C LEU A 32 -13.40 17.98 9.14
N THR A 33 -13.50 18.89 8.18
CA THR A 33 -12.35 19.22 7.34
C THR A 33 -12.10 20.71 7.22
N THR A 34 -10.88 21.05 6.82
CA THR A 34 -10.53 22.38 6.34
C THR A 34 -9.60 22.27 5.15
N THR A 35 -9.52 23.32 4.35
CA THR A 35 -8.44 23.43 3.38
C THR A 35 -7.38 24.35 3.97
N PRO A 36 -6.20 23.79 4.27
CA PRO A 36 -5.12 24.57 4.88
C PRO A 36 -4.58 25.63 3.93
N THR A 37 -3.90 26.63 4.47
CA THR A 37 -3.28 27.64 3.62
C THR A 37 -1.77 27.44 3.65
N ARG A 38 -1.13 27.75 2.53
CA ARG A 38 0.31 27.60 2.40
C ARG A 38 1.02 28.52 3.40
N SER A 39 1.93 27.95 4.17
CA SER A 39 2.67 28.73 5.16
C SER A 39 4.15 28.43 5.11
N HIS A 40 4.94 29.26 5.80
CA HIS A 40 6.35 29.00 5.97
C HIS A 40 6.54 27.70 6.75
N PHE A 41 7.65 27.01 6.50
CA PHE A 41 7.95 25.80 7.26
C PHE A 41 8.45 26.17 8.64
N ALA A 42 8.49 25.19 9.54
CA ALA A 42 8.81 25.46 10.94
C ALA A 42 9.44 24.25 11.62
N ASN A 43 9.76 24.40 12.90
CA ASN A 43 10.17 23.28 13.72
C ASN A 43 8.97 22.43 14.11
N LEU A 44 9.12 21.11 14.05
CA LEU A 44 8.07 20.20 14.46
C LEU A 44 7.95 20.22 15.99
N LYS A 45 6.76 20.54 16.49
CA LYS A 45 6.52 20.59 17.92
C LYS A 45 6.95 19.30 18.62
N GLY A 46 7.80 19.45 19.63
CA GLY A 46 8.23 18.32 20.43
C GLY A 46 9.34 17.50 19.78
N THR A 47 9.98 18.07 18.76
CA THR A 47 11.03 17.37 18.04
C THR A 47 11.96 18.33 17.31
N GLN A 48 13.25 18.26 17.65
CA GLN A 48 14.24 19.10 17.01
C GLN A 48 14.33 18.75 15.52
N THR A 49 14.23 19.79 14.69
CA THR A 49 14.10 19.60 13.24
C THR A 49 15.34 20.07 12.51
N ARG A 50 15.91 19.18 11.70
CA ARG A 50 17.14 19.48 11.00
C ARG A 50 16.88 20.23 9.71
N GLY A 51 17.63 21.32 9.50
CA GLY A 51 17.59 22.06 8.25
C GLY A 51 18.93 21.90 7.57
N LYS A 52 19.79 22.90 7.72
CA LYS A 52 21.19 22.76 7.36
C LYS A 52 21.81 21.64 8.20
N LEU A 53 22.70 20.87 7.59
CA LEU A 53 23.39 19.79 8.31
C LEU A 53 24.17 20.36 9.49
N CYS A 54 25.02 21.35 9.21
CA CYS A 54 25.84 21.98 10.23
C CYS A 54 25.44 23.44 10.42
N PRO A 55 24.56 23.70 11.41
CA PRO A 55 24.02 25.05 11.69
C PRO A 55 25.10 26.09 12.02
N ASN A 56 26.20 25.66 12.64
CA ASN A 56 27.24 26.60 13.04
C ASN A 56 28.28 26.82 11.93
N CYS A 57 28.14 26.11 10.83
CA CYS A 57 29.00 26.31 9.68
C CYS A 57 28.45 27.40 8.77
N PHE A 58 28.79 28.65 9.06
CA PHE A 58 28.26 29.77 8.30
C PHE A 58 28.92 29.92 6.94
N ASN A 59 28.12 30.29 5.94
CA ASN A 59 28.54 30.36 4.54
C ASN A 59 29.00 29.00 4.02
N CYS A 60 28.40 27.94 4.54
CA CYS A 60 28.68 26.58 4.10
C CYS A 60 27.39 25.92 3.65
N THR A 61 27.38 25.36 2.44
CA THR A 61 26.24 24.58 2.00
C THR A 61 26.33 23.17 2.56
N ASP A 62 25.21 22.45 2.57
CA ASP A 62 25.21 21.08 3.05
C ASP A 62 26.21 20.21 2.29
N LEU A 63 26.29 20.40 0.98
CA LEU A 63 27.24 19.66 0.16
C LEU A 63 28.68 20.04 0.53
N ASP A 64 28.92 21.34 0.77
CA ASP A 64 30.21 21.79 1.28
C ASP A 64 30.58 20.98 2.51
N VAL A 65 29.64 20.87 3.44
CA VAL A 65 29.86 20.14 4.68
C VAL A 65 30.07 18.66 4.44
N ALA A 66 29.26 18.08 3.55
CA ALA A 66 29.34 16.65 3.29
C ALA A 66 30.68 16.27 2.67
N LEU A 67 31.23 17.17 1.87
CA LEU A 67 32.52 16.94 1.22
C LEU A 67 33.70 17.25 2.14
N GLY A 68 33.44 17.94 3.25
CA GLY A 68 34.48 18.30 4.19
C GLY A 68 35.32 19.47 3.73
N ARG A 69 34.68 20.41 3.03
CA ARG A 69 35.33 21.66 2.66
C ARG A 69 35.94 22.34 3.88
N PRO A 70 37.20 22.79 3.77
CA PRO A 70 37.84 23.50 4.87
C PRO A 70 37.02 24.72 5.30
N LYS A 71 37.02 25.00 6.60
CA LYS A 71 36.21 26.04 7.25
C LYS A 71 34.76 25.59 7.44
N CYS A 72 34.41 24.44 6.86
CA CYS A 72 33.04 23.94 6.93
C CYS A 72 32.97 22.64 7.73
N MET A 73 33.77 22.55 8.79
CA MET A 73 33.66 21.44 9.70
C MET A 73 33.05 21.91 11.02
N GLY A 74 32.18 21.10 11.59
CA GLY A 74 31.49 21.45 12.81
C GLY A 74 30.55 20.36 13.26
N ASN A 75 29.90 20.59 14.39
CA ASN A 75 28.94 19.63 14.93
C ASN A 75 27.71 19.45 14.04
N ILE A 76 27.34 18.20 13.80
CA ILE A 76 26.12 17.91 13.08
C ILE A 76 25.15 17.23 14.03
N PRO A 77 24.24 18.01 14.61
CA PRO A 77 23.32 17.52 15.65
C PRO A 77 22.38 16.46 15.12
N SER A 78 22.05 15.48 15.95
CA SER A 78 21.07 14.45 15.59
C SER A 78 19.68 15.06 15.47
N ALA A 79 18.85 14.42 14.66
CA ALA A 79 17.47 14.88 14.45
C ALA A 79 16.59 13.75 13.93
N LYS A 80 15.43 13.58 14.55
CA LYS A 80 14.49 12.55 14.14
C LYS A 80 13.66 13.01 12.95
N VAL A 81 13.81 14.28 12.58
CA VAL A 81 13.06 14.89 11.50
C VAL A 81 13.94 15.85 10.72
N SER A 82 13.94 15.72 9.39
CA SER A 82 14.80 16.55 8.56
C SER A 82 14.05 17.11 7.35
N ILE A 83 14.36 18.36 7.01
CA ILE A 83 13.80 19.00 5.83
C ILE A 83 14.75 18.92 4.64
N LEU A 84 14.27 18.39 3.52
CA LEU A 84 15.04 18.38 2.29
C LEU A 84 14.77 19.66 1.51
N HIS A 85 15.73 20.59 1.56
CA HIS A 85 15.55 21.92 0.98
C HIS A 85 16.30 22.12 -0.34
N GLU A 86 17.15 21.18 -0.70
CA GLU A 86 17.79 21.19 -2.01
C GLU A 86 17.58 19.87 -2.76
N VAL A 87 16.78 19.91 -3.81
CA VAL A 87 16.56 18.70 -4.62
C VAL A 87 17.83 18.34 -5.38
N LYS A 88 18.66 19.35 -5.67
CA LYS A 88 19.98 19.14 -6.26
C LYS A 88 21.01 20.04 -5.61
N PRO A 89 21.55 19.61 -4.45
CA PRO A 89 22.46 20.40 -3.61
C PRO A 89 23.69 20.92 -4.35
N VAL A 90 24.12 22.13 -3.99
CA VAL A 90 25.23 22.78 -4.65
C VAL A 90 26.40 23.07 -3.71
N THR A 91 27.60 23.19 -4.27
CA THR A 91 28.75 23.64 -3.50
C THR A 91 28.88 25.15 -3.63
N SER A 92 29.64 25.77 -2.72
CA SER A 92 29.86 27.21 -2.78
C SER A 92 31.31 27.56 -2.48
N GLY A 93 32.23 26.72 -2.96
CA GLY A 93 33.65 26.94 -2.71
C GLY A 93 34.55 25.79 -3.05
N CYS A 94 35.82 25.92 -2.63
CA CYS A 94 36.87 24.92 -2.85
C CYS A 94 37.10 24.60 -4.33
N TYR A 95 37.82 23.51 -4.58
CA TYR A 95 38.26 23.15 -5.94
C TYR A 95 37.09 22.76 -6.83
N PRO A 96 37.11 23.21 -8.09
CA PRO A 96 36.02 22.96 -9.05
C PRO A 96 35.71 21.48 -9.29
N ILE A 97 34.46 21.11 -9.04
CA ILE A 97 33.98 19.75 -9.24
C ILE A 97 33.11 19.67 -10.50
N MET A 98 33.22 18.57 -11.23
CA MET A 98 32.25 18.27 -12.29
C MET A 98 31.17 17.36 -11.71
N HIS A 99 30.21 17.98 -11.03
CA HIS A 99 29.20 17.27 -10.24
C HIS A 99 28.38 16.23 -11.00
N ASP A 100 27.88 16.60 -12.17
CA ASP A 100 26.92 15.78 -12.89
C ASP A 100 27.49 14.48 -13.45
N ARG A 101 28.80 14.28 -13.31
CA ARG A 101 29.44 13.09 -13.84
C ARG A 101 29.35 11.94 -12.83
N THR A 102 28.91 12.27 -11.62
CA THR A 102 28.61 11.26 -10.61
C THR A 102 27.30 11.57 -9.90
N LYS A 103 27.02 10.80 -8.86
CA LYS A 103 25.84 10.98 -8.02
C LYS A 103 26.11 11.86 -6.81
N ILE A 104 27.29 12.48 -6.79
CA ILE A 104 27.81 13.14 -5.59
C ILE A 104 26.89 14.20 -4.97
N ARG A 105 26.09 14.88 -5.80
CA ARG A 105 25.25 15.97 -5.30
C ARG A 105 24.28 15.52 -4.20
N GLN A 106 23.80 14.28 -4.31
CA GLN A 106 22.78 13.79 -3.39
C GLN A 106 23.34 13.36 -2.04
N LEU A 107 24.67 13.37 -1.91
CA LEU A 107 25.34 12.92 -0.69
C LEU A 107 24.80 13.54 0.61
N PRO A 108 24.63 14.89 0.66
CA PRO A 108 24.10 15.42 1.91
C PRO A 108 22.63 15.05 2.13
N ASN A 109 21.92 14.79 1.03
CA ASN A 109 20.53 14.35 1.13
C ASN A 109 20.47 12.90 1.62
N LEU A 110 21.51 12.14 1.29
CA LEU A 110 21.64 10.77 1.79
C LEU A 110 21.90 10.79 3.30
N LEU A 111 22.82 11.65 3.72
CA LEU A 111 23.18 11.76 5.13
C LEU A 111 22.01 12.16 6.01
N ARG A 112 21.24 13.14 5.57
CA ARG A 112 20.15 13.68 6.38
C ARG A 112 19.05 12.66 6.62
N GLY A 113 19.08 11.56 5.87
CA GLY A 113 18.12 10.48 6.05
C GLY A 113 18.38 9.70 7.32
N TYR A 114 19.56 9.89 7.90
CA TYR A 114 19.93 9.23 9.14
C TYR A 114 19.62 10.15 10.31
N GLU A 115 19.37 9.57 11.48
CA GLU A 115 19.19 10.36 12.69
C GLU A 115 20.53 10.95 13.13
N ASN A 116 21.54 10.10 13.21
CA ASN A 116 22.87 10.53 13.67
C ASN A 116 23.87 10.60 12.53
N ILE A 117 24.63 11.68 12.48
CA ILE A 117 25.66 11.87 11.48
C ILE A 117 26.93 12.40 12.13
N ARG A 118 28.02 11.66 11.98
CA ARG A 118 29.32 12.15 12.43
C ARG A 118 30.40 11.82 11.41
N LEU A 119 31.42 12.69 11.35
CA LEU A 119 32.57 12.44 10.51
C LEU A 119 33.59 11.65 11.30
N SER A 120 34.21 10.67 10.68
CA SER A 120 35.21 9.85 11.36
C SER A 120 36.37 10.73 11.81
N THR A 121 37.03 10.32 12.88
CA THR A 121 38.06 11.14 13.50
C THR A 121 39.47 10.73 13.03
N SER A 122 39.57 9.50 12.54
CA SER A 122 40.81 9.02 11.93
C SER A 122 40.62 8.81 10.42
N ASN A 123 41.73 8.67 9.70
CA ASN A 123 41.68 8.41 8.27
C ASN A 123 41.43 6.93 8.00
N VAL A 124 40.73 6.64 6.91
CA VAL A 124 40.38 5.26 6.58
C VAL A 124 41.51 4.62 5.79
N ILE A 125 42.38 5.45 5.23
CA ILE A 125 43.53 4.97 4.47
C ILE A 125 44.76 5.83 4.75
N ASN A 126 45.87 5.18 5.09
CA ASN A 126 47.13 5.88 5.28
C ASN A 126 47.78 6.15 3.93
N THR A 127 47.85 7.41 3.54
CA THR A 127 48.38 7.80 2.24
C THR A 127 49.85 7.45 2.08
N GLU A 128 50.54 7.23 3.19
CA GLU A 128 51.97 6.97 3.16
C GLU A 128 52.26 5.50 2.94
N THR A 129 51.22 4.67 2.89
CA THR A 129 51.37 3.24 2.62
C THR A 129 50.40 2.82 1.52
N ALA A 130 49.61 3.77 1.03
CA ALA A 130 48.63 3.50 -0.02
C ALA A 130 49.36 3.09 -1.31
N PRO A 131 48.81 2.08 -2.01
CA PRO A 131 49.38 1.57 -3.26
C PRO A 131 49.61 2.66 -4.32
N GLY A 132 50.65 2.49 -5.13
CA GLY A 132 50.94 3.43 -6.19
C GLY A 132 52.12 4.33 -5.89
N GLY A 133 53.20 3.76 -5.38
CA GLY A 133 54.41 4.50 -5.06
C GLY A 133 54.22 5.48 -3.93
N PRO A 134 55.31 6.18 -3.54
CA PRO A 134 55.24 7.17 -2.47
C PRO A 134 54.51 8.44 -2.89
N TYR A 135 53.78 9.05 -1.96
CA TYR A 135 52.99 10.23 -2.26
C TYR A 135 53.35 11.42 -1.37
N LYS A 136 53.09 12.61 -1.87
CA LYS A 136 52.98 13.79 -1.04
C LYS A 136 51.54 14.26 -1.15
N VAL A 137 51.01 14.93 -0.13
CA VAL A 137 49.62 15.35 -0.18
C VAL A 137 49.52 16.76 -0.74
N GLY A 138 48.65 16.91 -1.75
CA GLY A 138 48.51 18.18 -2.43
C GLY A 138 47.39 19.01 -1.83
N THR A 139 47.50 20.33 -1.99
CA THR A 139 46.50 21.26 -1.51
C THR A 139 46.27 22.33 -2.56
N SER A 140 45.36 23.26 -2.29
CA SER A 140 45.07 24.31 -3.25
C SER A 140 44.65 25.60 -2.56
N GLY A 141 44.86 26.72 -3.25
CA GLY A 141 44.45 28.02 -2.75
C GLY A 141 42.96 28.17 -2.90
N SER A 142 42.36 27.26 -3.68
CA SER A 142 40.92 27.20 -3.83
C SER A 142 40.27 26.74 -2.54
N CYS A 143 41.05 26.08 -1.68
CA CYS A 143 40.52 25.54 -0.44
C CYS A 143 41.25 26.07 0.80
N PRO A 144 41.18 27.39 1.05
CA PRO A 144 41.88 27.97 2.21
C PRO A 144 41.32 27.44 3.52
N ASN A 145 42.16 27.00 4.44
CA ASN A 145 41.63 26.46 5.70
C ASN A 145 41.42 27.57 6.73
N VAL A 146 41.24 27.19 8.00
CA VAL A 146 40.86 28.13 9.06
C VAL A 146 41.91 29.20 9.35
N THR A 147 43.16 28.98 8.92
CA THR A 147 44.18 30.01 9.03
C THR A 147 44.59 30.51 7.64
N ASN A 148 43.74 30.20 6.66
CA ASN A 148 43.90 30.63 5.27
C ASN A 148 45.14 30.06 4.58
N GLY A 149 45.65 28.95 5.08
CA GLY A 149 46.68 28.22 4.36
C GLY A 149 46.01 27.35 3.31
N ASN A 150 46.76 26.95 2.29
CA ASN A 150 46.22 26.09 1.24
C ASN A 150 45.85 24.70 1.74
N GLY A 151 44.61 24.29 1.48
CA GLY A 151 44.12 23.01 1.97
C GLY A 151 43.35 22.23 0.93
N PHE A 152 42.54 21.28 1.39
CA PHE A 152 41.74 20.45 0.51
C PHE A 152 40.56 19.87 1.30
N PHE A 153 39.61 19.27 0.59
CA PHE A 153 38.49 18.56 1.23
C PHE A 153 38.99 17.58 2.30
N ASN A 154 38.50 17.74 3.53
CA ASN A 154 38.93 16.89 4.63
C ASN A 154 38.51 15.43 4.51
N THR A 155 37.61 15.14 3.57
CA THR A 155 37.16 13.77 3.36
C THR A 155 38.10 13.02 2.42
N MET A 156 38.97 13.77 1.73
CA MET A 156 39.84 13.17 0.72
C MET A 156 41.29 13.64 0.82
N ALA A 157 42.19 12.88 0.22
CA ALA A 157 43.58 13.28 0.10
C ALA A 157 44.02 13.32 -1.35
N TRP A 158 44.34 14.53 -1.82
CA TRP A 158 44.87 14.71 -3.17
C TRP A 158 46.32 14.22 -3.22
N VAL A 159 46.51 12.91 -3.34
CA VAL A 159 47.84 12.35 -3.32
C VAL A 159 48.58 12.61 -4.63
N ILE A 160 49.83 13.02 -4.51
CA ILE A 160 50.67 13.33 -5.66
C ILE A 160 51.95 12.51 -5.58
N PRO A 161 52.34 11.86 -6.70
CA PRO A 161 53.59 11.12 -6.72
C PRO A 161 54.78 12.05 -6.46
N LYS A 162 55.78 11.58 -5.71
CA LYS A 162 56.95 12.39 -5.42
C LYS A 162 57.77 12.60 -6.70
N ASP A 163 58.67 13.58 -6.68
CA ASP A 163 59.42 13.99 -7.87
C ASP A 163 60.13 12.83 -8.55
N ASN A 164 60.52 11.83 -7.75
CA ASN A 164 61.15 10.64 -8.31
C ASN A 164 60.14 9.58 -8.69
N ASN A 165 58.88 9.99 -8.77
CA ASN A 165 57.81 9.00 -8.97
C ASN A 165 56.79 9.44 -10.03
N LYS A 166 57.18 10.41 -10.86
CA LYS A 166 56.32 10.87 -11.93
C LYS A 166 56.25 9.81 -13.03
N ILE A 167 55.50 8.75 -12.80
CA ILE A 167 55.42 7.63 -13.73
C ILE A 167 54.01 7.03 -13.75
N ALA A 168 53.58 6.56 -14.91
CA ALA A 168 52.30 5.89 -15.06
C ALA A 168 52.23 4.58 -14.28
N ILE A 169 51.04 4.21 -13.84
CA ILE A 169 50.84 2.93 -13.16
C ILE A 169 49.68 2.15 -13.77
N ASN A 170 49.76 0.83 -13.66
CA ASN A 170 48.62 -0.02 -13.90
C ASN A 170 47.59 0.21 -12.79
N PRO A 171 46.30 -0.07 -13.06
CA PRO A 171 45.28 0.09 -12.02
C PRO A 171 45.61 -0.71 -10.76
N VAL A 172 45.77 0.00 -9.64
CA VAL A 172 46.04 -0.66 -8.37
C VAL A 172 44.80 -0.69 -7.49
N THR A 173 44.75 -1.63 -6.56
CA THR A 173 43.57 -1.83 -5.73
C THR A 173 43.86 -1.51 -4.26
N VAL A 174 43.02 -0.69 -3.66
CA VAL A 174 43.06 -0.48 -2.22
C VAL A 174 41.73 -0.92 -1.60
N GLU A 175 41.82 -1.60 -0.45
CA GLU A 175 40.62 -1.96 0.28
C GLU A 175 40.27 -0.88 1.29
N VAL A 176 39.04 -0.40 1.22
CA VAL A 176 38.58 0.59 2.19
C VAL A 176 37.94 -0.12 3.38
N PRO A 177 38.62 -0.12 4.53
CA PRO A 177 38.12 -0.85 5.70
C PRO A 177 36.91 -0.18 6.33
N TYR A 178 36.12 -0.96 7.05
CA TYR A 178 35.00 -0.43 7.81
C TYR A 178 35.51 0.01 9.18
N ILE A 179 35.42 1.31 9.46
CA ILE A 179 35.99 1.84 10.70
C ILE A 179 34.95 2.49 11.60
N CYS A 180 33.68 2.23 11.33
CA CYS A 180 32.60 2.79 12.12
C CYS A 180 32.18 1.84 13.22
N SER A 181 31.35 2.31 14.15
CA SER A 181 30.93 1.52 15.31
C SER A 181 29.69 0.66 15.01
N GLU A 182 29.35 -0.20 15.97
CA GLU A 182 28.23 -1.14 15.84
C GLU A 182 26.95 -0.52 15.29
N GLY A 183 26.55 -0.97 14.12
CA GLY A 183 25.28 -0.57 13.53
C GLY A 183 25.35 0.58 12.56
N GLU A 184 26.47 1.30 12.57
CA GLU A 184 26.60 2.49 11.74
C GLU A 184 26.86 2.15 10.27
N ASP A 185 26.28 2.93 9.38
CA ASP A 185 26.65 2.87 7.96
C ASP A 185 27.86 3.76 7.76
N GLN A 186 28.77 3.32 6.89
CA GLN A 186 29.91 4.16 6.54
C GLN A 186 29.73 4.70 5.13
N ILE A 187 29.89 6.00 4.98
CA ILE A 187 29.79 6.63 3.67
C ILE A 187 31.16 7.15 3.27
N THR A 188 31.76 6.48 2.29
CA THR A 188 33.13 6.75 1.90
C THR A 188 33.17 7.71 0.73
N VAL A 189 33.86 8.83 0.91
CA VAL A 189 33.98 9.82 -0.16
C VAL A 189 35.35 9.70 -0.81
N TRP A 190 35.36 9.76 -2.14
CA TRP A 190 36.58 9.57 -2.91
C TRP A 190 36.39 10.17 -4.29
N GLY A 191 37.46 10.25 -5.05
CA GLY A 191 37.37 10.78 -6.39
C GLY A 191 38.71 10.84 -7.10
N PHE A 192 38.77 11.67 -8.13
CA PHE A 192 40.01 11.85 -8.87
C PHE A 192 40.13 13.21 -9.52
N HIS A 193 41.35 13.74 -9.48
CA HIS A 193 41.68 15.00 -10.11
C HIS A 193 42.20 14.75 -11.51
N SER A 194 41.86 15.64 -12.44
CA SER A 194 42.37 15.56 -13.79
C SER A 194 42.70 16.96 -14.28
N ASP A 195 43.49 17.06 -15.34
CA ASP A 195 43.95 18.35 -15.81
C ASP A 195 44.25 18.29 -17.30
N ASP A 196 44.79 19.37 -17.85
CA ASP A 196 45.21 19.36 -19.25
C ASP A 196 46.49 18.54 -19.41
N LYS A 197 46.86 18.30 -20.67
CA LYS A 197 48.00 17.45 -20.99
C LYS A 197 49.27 17.85 -20.25
N THR A 198 49.51 19.16 -20.15
CA THR A 198 50.73 19.67 -19.52
C THR A 198 50.78 19.40 -18.02
N GLN A 199 49.73 19.77 -17.31
CA GLN A 199 49.69 19.60 -15.86
C GLN A 199 49.66 18.14 -15.44
N MET A 200 49.00 17.31 -16.25
CA MET A 200 48.95 15.88 -16.01
C MET A 200 50.36 15.30 -15.97
N GLU A 201 51.18 15.71 -16.93
CA GLU A 201 52.56 15.26 -17.01
C GLU A 201 53.38 15.82 -15.85
N ARG A 202 53.17 17.08 -15.53
CA ARG A 202 53.84 17.71 -14.39
C ARG A 202 53.49 17.01 -13.07
N LEU A 203 52.19 16.82 -12.84
CA LEU A 203 51.71 16.25 -11.58
C LEU A 203 51.90 14.74 -11.47
N TYR A 204 51.67 14.01 -12.56
CA TYR A 204 51.54 12.57 -12.46
C TYR A 204 52.50 11.80 -13.36
N GLY A 205 53.08 12.48 -14.35
CA GLY A 205 54.01 11.84 -15.26
C GLY A 205 53.28 11.00 -16.29
N ASP A 206 52.01 11.35 -16.51
CA ASP A 206 51.17 10.64 -17.48
C ASP A 206 50.06 11.58 -17.92
N SER A 207 49.84 11.69 -19.23
CA SER A 207 48.82 12.58 -19.76
C SER A 207 47.71 11.80 -20.45
N ASN A 208 47.74 10.48 -20.29
CA ASN A 208 46.67 9.63 -20.76
C ASN A 208 45.48 9.64 -19.80
N PRO A 209 44.27 9.37 -20.32
CA PRO A 209 43.10 9.27 -19.44
C PRO A 209 43.28 8.17 -18.39
N GLN A 210 42.90 8.46 -17.16
CA GLN A 210 43.04 7.48 -16.08
C GLN A 210 41.70 6.81 -15.79
N LYS A 211 41.77 5.62 -15.22
CA LYS A 211 40.57 4.79 -15.03
C LYS A 211 40.35 4.45 -13.56
N PHE A 212 39.10 4.51 -13.12
CA PHE A 212 38.77 4.27 -11.72
C PHE A 212 37.57 3.37 -11.56
N THR A 213 37.65 2.44 -10.61
CA THR A 213 36.58 1.48 -10.38
C THR A 213 36.38 1.21 -8.90
N SER A 214 35.15 1.43 -8.42
CA SER A 214 34.80 1.15 -7.04
C SER A 214 33.83 -0.02 -6.93
N SER A 215 33.79 -0.67 -5.78
CA SER A 215 32.88 -1.81 -5.57
C SER A 215 32.50 -1.98 -4.10
N ALA A 216 31.21 -1.91 -3.82
CA ALA A 216 30.70 -2.06 -2.46
C ALA A 216 29.25 -2.51 -2.47
N ASN A 217 28.94 -3.47 -1.61
CA ASN A 217 27.60 -4.06 -1.54
C ASN A 217 27.00 -4.40 -2.89
N GLY A 218 27.80 -4.99 -3.76
CA GLY A 218 27.34 -5.46 -5.06
C GLY A 218 27.28 -4.36 -6.11
N VAL A 219 27.57 -3.12 -5.70
CA VAL A 219 27.49 -1.99 -6.62
C VAL A 219 28.88 -1.60 -7.16
N THR A 220 29.05 -1.75 -8.47
CA THR A 220 30.27 -1.31 -9.14
C THR A 220 30.05 -0.04 -9.98
N THR A 221 31.01 0.88 -9.93
CA THR A 221 30.99 2.07 -10.77
C THR A 221 32.33 2.25 -11.46
N HIS A 222 32.30 2.63 -12.74
CA HIS A 222 33.52 2.76 -13.53
C HIS A 222 33.61 4.16 -14.14
N TYR A 223 34.78 4.78 -14.00
CA TYR A 223 35.00 6.12 -14.53
C TYR A 223 36.27 6.18 -15.38
N VAL A 224 36.25 7.04 -16.39
CA VAL A 224 37.44 7.32 -17.20
C VAL A 224 37.65 8.84 -17.25
N SER A 225 38.85 9.28 -16.88
CA SER A 225 39.10 10.70 -16.75
C SER A 225 39.12 11.42 -18.09
N GLN A 226 39.02 12.74 -18.06
CA GLN A 226 39.06 13.57 -19.25
C GLN A 226 40.29 14.45 -19.23
N ILE A 227 40.97 14.58 -20.37
CA ILE A 227 42.19 15.38 -20.44
C ILE A 227 41.94 16.72 -21.11
N GLY A 228 41.84 17.77 -20.31
CA GLY A 228 41.60 19.11 -20.82
C GLY A 228 40.25 19.29 -21.47
N GLY A 229 39.99 20.51 -21.94
CA GLY A 229 38.75 20.82 -22.61
C GLY A 229 37.55 20.69 -21.69
N PHE A 230 37.78 20.94 -20.40
CA PHE A 230 36.74 20.77 -19.39
C PHE A 230 35.65 21.82 -19.56
N PRO A 231 34.43 21.52 -19.06
CA PRO A 231 33.40 22.56 -18.94
C PRO A 231 33.81 23.64 -17.95
N ASN A 232 33.16 24.81 -17.97
CA ASN A 232 33.61 25.89 -17.09
C ASN A 232 33.42 25.63 -15.61
N GLN A 233 34.33 26.21 -14.82
CA GLN A 233 34.28 26.11 -13.37
C GLN A 233 32.96 26.68 -12.85
N THR A 234 32.36 25.99 -11.89
CA THR A 234 31.13 26.47 -11.29
C THR A 234 31.03 26.00 -9.84
N GLU A 235 30.29 26.77 -9.04
CA GLU A 235 30.04 26.45 -7.64
C GLU A 235 31.32 26.22 -6.82
N ASP A 236 32.40 26.86 -7.22
CA ASP A 236 33.69 26.70 -6.54
C ASP A 236 34.16 28.01 -5.93
N GLU A 237 35.44 28.06 -5.56
CA GLU A 237 35.98 29.21 -4.86
C GLU A 237 36.05 30.43 -5.75
N GLY A 238 36.02 30.22 -7.05
CA GLY A 238 36.01 31.33 -7.98
C GLY A 238 37.43 31.65 -8.41
N LEU A 239 38.39 30.95 -7.84
CA LEU A 239 39.79 31.12 -8.21
C LEU A 239 40.07 30.25 -9.44
N LYS A 240 40.62 30.83 -10.50
CA LYS A 240 40.76 30.12 -11.76
C LYS A 240 41.72 28.92 -11.66
N GLN A 241 41.29 27.81 -12.24
CA GLN A 241 42.04 26.55 -12.19
C GLN A 241 41.94 25.86 -13.55
N SER A 242 42.97 25.08 -13.89
CA SER A 242 43.00 24.42 -15.18
C SER A 242 42.52 22.98 -15.07
N GLY A 243 42.44 22.48 -13.84
CA GLY A 243 42.03 21.11 -13.61
C GLY A 243 40.65 20.98 -12.98
N ARG A 244 40.11 19.77 -13.02
CA ARG A 244 38.82 19.48 -12.44
C ARG A 244 38.88 18.20 -11.63
N ILE A 245 38.09 18.11 -10.57
CA ILE A 245 37.97 16.87 -9.84
C ILE A 245 36.59 16.26 -10.03
N VAL A 246 36.54 14.93 -10.00
CA VAL A 246 35.29 14.20 -10.00
C VAL A 246 35.15 13.53 -8.65
N VAL A 247 34.00 13.69 -8.01
CA VAL A 247 33.80 13.14 -6.67
C VAL A 247 32.63 12.18 -6.66
N ASP A 248 32.77 11.11 -5.89
CA ASP A 248 31.73 10.09 -5.78
C ASP A 248 31.67 9.65 -4.32
N TYR A 249 30.62 8.93 -3.95
CA TYR A 249 30.58 8.38 -2.60
C TYR A 249 30.26 6.89 -2.66
N MET A 250 30.62 6.20 -1.60
CA MET A 250 30.54 4.75 -1.54
C MET A 250 29.91 4.33 -0.23
N VAL A 251 28.78 3.65 -0.29
CA VAL A 251 28.10 3.24 0.93
C VAL A 251 28.58 1.87 1.40
N GLN A 252 29.09 1.82 2.62
CA GLN A 252 29.51 0.56 3.21
C GLN A 252 28.63 0.24 4.41
N LYS A 253 27.90 -0.88 4.32
CA LYS A 253 27.01 -1.31 5.39
C LYS A 253 27.87 -1.88 6.52
N PRO A 254 27.28 -2.08 7.72
CA PRO A 254 28.08 -2.50 8.88
C PRO A 254 29.01 -3.69 8.62
N GLY A 255 30.29 -3.49 8.90
CA GLY A 255 31.29 -4.54 8.77
C GLY A 255 31.69 -4.85 7.34
N LYS A 256 31.24 -4.01 6.40
CA LYS A 256 31.53 -4.25 4.99
C LYS A 256 32.69 -3.39 4.49
N THR A 257 33.62 -4.03 3.81
CA THR A 257 34.71 -3.31 3.16
C THR A 257 34.31 -2.96 1.74
N GLY A 258 34.97 -1.95 1.17
CA GLY A 258 34.80 -1.64 -0.23
C GLY A 258 36.17 -1.59 -0.88
N THR A 259 36.21 -1.61 -2.21
CA THR A 259 37.47 -1.47 -2.91
C THR A 259 37.42 -0.33 -3.91
N ILE A 260 38.56 0.33 -4.08
CA ILE A 260 38.72 1.33 -5.12
C ILE A 260 39.93 0.94 -5.95
N VAL A 261 39.74 0.80 -7.25
CA VAL A 261 40.85 0.51 -8.15
C VAL A 261 41.19 1.77 -8.91
N TYR A 262 42.42 2.27 -8.76
CA TYR A 262 42.74 3.59 -9.26
C TYR A 262 44.10 3.68 -9.93
N GLN A 263 44.29 4.73 -10.69
CA GLN A 263 45.58 5.06 -11.28
C GLN A 263 46.05 6.42 -10.77
N ARG A 264 46.38 7.32 -11.69
CA ARG A 264 46.92 8.62 -11.31
C ARG A 264 45.83 9.68 -11.14
N GLY A 265 45.98 10.52 -10.12
CA GLY A 265 45.04 11.60 -9.88
C GLY A 265 44.03 11.25 -8.81
N ILE A 266 44.15 10.04 -8.27
CA ILE A 266 43.21 9.52 -7.27
C ILE A 266 43.09 10.43 -6.06
N LEU A 267 41.85 10.72 -5.67
CA LEU A 267 41.59 11.35 -4.38
C LEU A 267 41.21 10.27 -3.39
N LEU A 268 42.18 9.84 -2.58
CA LEU A 268 41.93 8.75 -1.64
C LEU A 268 41.06 9.22 -0.50
N PRO A 269 40.11 8.37 -0.08
CA PRO A 269 39.26 8.68 1.07
C PRO A 269 40.08 8.87 2.33
N GLN A 270 39.74 9.89 3.12
CA GLN A 270 40.36 10.10 4.42
C GLN A 270 39.34 9.95 5.52
N LYS A 271 38.74 11.06 5.91
CA LYS A 271 37.66 11.03 6.90
C LYS A 271 36.39 10.52 6.23
N VAL A 272 35.65 9.67 6.95
CA VAL A 272 34.43 9.10 6.39
C VAL A 272 33.23 9.38 7.30
N TRP A 273 32.05 9.39 6.70
CA TRP A 273 30.83 9.62 7.45
C TRP A 273 30.37 8.35 8.14
N CYS A 274 30.00 8.47 9.41
CA CYS A 274 29.42 7.37 10.16
C CYS A 274 28.00 7.74 10.59
N ALA A 275 27.03 7.03 10.04
CA ALA A 275 25.64 7.40 10.26
C ALA A 275 24.81 6.21 10.73
N SER A 276 23.80 6.49 11.55
CA SER A 276 22.92 5.45 12.07
C SER A 276 21.54 6.01 12.37
N GLY A 277 20.57 5.12 12.58
CA GLY A 277 19.20 5.52 12.85
C GLY A 277 18.52 6.05 11.62
N ARG A 278 17.26 6.43 11.74
CA ARG A 278 16.54 7.02 10.63
C ARG A 278 15.91 8.36 10.99
N SER A 279 16.10 9.33 10.10
CA SER A 279 15.41 10.61 10.21
C SER A 279 14.23 10.63 9.24
N LYS A 280 13.10 11.15 9.71
CA LYS A 280 11.94 11.31 8.82
C LYS A 280 12.15 12.56 7.97
N VAL A 281 12.04 12.40 6.66
CA VAL A 281 12.43 13.45 5.73
C VAL A 281 11.29 13.85 4.79
N ILE A 282 11.07 15.16 4.65
CA ILE A 282 10.15 15.68 3.64
C ILE A 282 10.75 16.89 2.94
N LYS A 283 10.31 17.15 1.71
CA LYS A 283 10.70 18.36 0.99
C LYS A 283 10.17 19.60 1.70
N GLY A 284 10.99 20.64 1.77
CA GLY A 284 10.58 21.89 2.38
C GLY A 284 11.54 23.02 2.05
N SER A 285 11.40 24.13 2.77
CA SER A 285 12.25 25.29 2.54
C SER A 285 12.73 25.89 3.86
N LEU A 286 13.78 26.69 3.77
CA LEU A 286 14.35 27.35 4.94
C LEU A 286 14.10 28.85 4.84
N PRO A 287 14.09 29.56 5.98
CA PRO A 287 14.35 29.07 7.34
C PRO A 287 13.13 28.45 7.99
N LEU A 288 13.34 27.71 9.07
CA LEU A 288 12.23 27.18 9.85
C LEU A 288 11.78 28.27 10.81
N ILE A 289 10.51 28.65 10.72
CA ILE A 289 9.99 29.76 11.49
C ILE A 289 8.92 29.32 12.48
N GLY A 290 9.31 29.25 13.76
CA GLY A 290 8.36 28.95 14.82
C GLY A 290 8.09 27.47 14.98
N GLU A 291 6.93 27.14 15.53
CA GLU A 291 6.54 25.75 15.74
C GLU A 291 5.28 25.39 14.96
N ALA A 292 5.07 24.09 14.77
CA ALA A 292 3.86 23.58 14.15
C ALA A 292 3.65 22.13 14.56
N ASP A 293 2.39 21.70 14.57
CA ASP A 293 2.07 20.31 14.88
C ASP A 293 2.48 19.41 13.73
N CYS A 294 2.42 19.96 12.52
CA CYS A 294 2.53 19.17 11.31
C CYS A 294 3.36 19.88 10.27
N LEU A 295 4.33 19.18 9.69
CA LEU A 295 5.05 19.70 8.55
C LEU A 295 4.52 19.01 7.30
N HIS A 296 4.08 19.83 6.35
CA HIS A 296 3.38 19.35 5.16
C HIS A 296 4.10 19.91 3.95
N GLU A 297 4.45 19.03 3.02
CA GLU A 297 5.29 19.41 1.89
C GLU A 297 4.69 20.55 1.06
N LYS A 298 3.37 20.67 1.10
CA LYS A 298 2.67 21.62 0.25
C LYS A 298 2.22 22.86 1.02
N TYR A 299 1.87 22.67 2.30
CA TYR A 299 1.32 23.77 3.08
C TYR A 299 2.31 24.26 4.14
N GLY A 300 3.44 23.58 4.24
CA GLY A 300 4.46 23.97 5.21
C GLY A 300 4.01 23.59 6.61
N GLY A 301 4.29 24.48 7.56
CA GLY A 301 3.82 24.27 8.92
C GLY A 301 2.34 24.54 9.03
N LEU A 302 1.63 23.64 9.72
CA LEU A 302 0.21 23.86 10.01
C LEU A 302 -0.15 23.22 11.35
N ASN A 303 -1.07 23.84 12.07
CA ASN A 303 -1.51 23.31 13.35
C ASN A 303 -2.81 22.52 13.17
N LYS A 304 -3.00 21.50 14.00
CA LYS A 304 -4.12 20.58 13.83
C LYS A 304 -5.37 21.06 14.56
N SER A 305 -6.45 21.23 13.81
CA SER A 305 -7.76 21.55 14.39
C SER A 305 -8.74 20.42 14.08
N LYS A 306 -9.34 20.48 12.90
CA LYS A 306 -10.18 19.39 12.41
C LYS A 306 -9.39 18.08 12.30
N PRO A 307 -10.07 16.94 12.44
CA PRO A 307 -9.40 15.64 12.36
C PRO A 307 -8.91 15.35 10.94
N TYR A 308 -9.58 15.93 9.94
CA TYR A 308 -9.24 15.70 8.54
C TYR A 308 -8.96 17.01 7.82
N TYR A 309 -8.46 16.93 6.59
CA TYR A 309 -8.31 18.11 5.75
C TYR A 309 -8.53 17.79 4.28
N THR A 310 -8.88 18.82 3.51
CA THR A 310 -9.03 18.69 2.06
C THR A 310 -8.01 19.55 1.33
N GLY A 311 -7.71 19.21 0.09
CA GLY A 311 -6.77 19.96 -0.70
C GLY A 311 -5.70 19.10 -1.36
N GLU A 312 -4.47 19.59 -1.37
CA GLU A 312 -3.37 18.89 -2.01
C GLU A 312 -2.72 17.90 -1.06
N HIS A 313 -2.93 16.60 -1.30
CA HIS A 313 -2.26 15.57 -0.52
C HIS A 313 -0.78 15.51 -0.89
N ALA A 314 0.06 15.35 0.12
CA ALA A 314 1.49 15.18 -0.08
C ALA A 314 2.10 14.58 1.18
N LYS A 315 3.38 14.26 1.11
CA LYS A 315 4.08 13.74 2.28
C LYS A 315 3.99 14.73 3.43
N ALA A 316 3.74 14.23 4.62
CA ALA A 316 3.61 15.08 5.80
C ALA A 316 4.01 14.30 7.05
N ILE A 317 4.66 14.98 7.98
CA ILE A 317 5.10 14.35 9.22
C ILE A 317 4.62 15.12 10.44
N GLY A 318 4.42 14.40 11.55
CA GLY A 318 4.01 15.01 12.79
C GLY A 318 2.57 14.70 13.15
N ASN A 319 1.98 15.57 13.97
CA ASN A 319 0.58 15.45 14.35
C ASN A 319 -0.31 16.09 13.30
N CYS A 320 -0.71 15.29 12.31
CA CYS A 320 -1.37 15.83 11.12
C CYS A 320 -2.83 15.45 10.99
N PRO A 321 -3.63 16.30 10.33
CA PRO A 321 -4.97 15.91 9.88
C PRO A 321 -4.86 14.88 8.75
N ILE A 322 -5.85 14.00 8.64
CA ILE A 322 -5.83 12.99 7.58
C ILE A 322 -6.55 13.46 6.32
N TRP A 323 -5.91 13.29 5.17
CA TRP A 323 -6.47 13.73 3.90
C TRP A 323 -7.73 12.96 3.50
N VAL A 324 -8.69 13.68 2.93
CA VAL A 324 -9.91 13.08 2.39
C VAL A 324 -10.29 13.72 1.05
N LYS A 325 -11.01 12.98 0.22
CA LYS A 325 -11.41 13.47 -1.10
C LYS A 325 -12.37 14.65 -1.06
N THR A 326 -13.28 14.64 -0.09
CA THR A 326 -14.36 15.62 -0.02
C THR A 326 -14.52 16.22 1.37
N PRO A 327 -15.07 17.44 1.46
CA PRO A 327 -15.29 18.07 2.76
C PRO A 327 -16.40 17.38 3.56
N LEU A 328 -16.02 16.40 4.37
CA LEU A 328 -16.97 15.64 5.17
C LEU A 328 -17.51 16.44 6.35
N LYS A 329 -18.78 16.19 6.69
CA LYS A 329 -19.43 16.88 7.80
C LYS A 329 -20.20 15.92 8.71
N LEU A 330 -20.04 16.07 10.02
CA LEU A 330 -20.84 15.31 10.98
C LEU A 330 -22.12 16.05 11.33
N ALA A 331 -23.26 15.37 11.23
CA ALA A 331 -24.55 15.99 11.50
C ALA A 331 -24.72 16.36 12.96
N ASN A 332 -25.13 17.61 13.22
CA ASN A 332 -25.39 18.04 14.58
C ASN A 332 -26.76 18.72 14.63
N GLY A 333 -27.79 17.93 14.35
CA GLY A 333 -29.15 18.44 14.31
C GLY A 333 -30.11 17.42 13.74
N THR A 334 -31.21 17.89 13.18
CA THR A 334 -32.25 17.00 12.66
C THR A 334 -32.42 17.17 11.16
N LYS A 335 -32.81 16.10 10.48
CA LYS A 335 -33.15 16.19 9.06
C LYS A 335 -34.27 17.19 8.87
N TYR A 336 -34.16 18.01 7.82
CA TYR A 336 -35.14 19.07 7.57
C TYR A 336 -36.59 18.58 7.52
N ARG A 337 -37.46 19.34 8.17
CA ARG A 337 -38.89 19.13 8.08
C ARG A 337 -39.58 20.45 7.76
N PRO A 338 -40.55 20.43 6.83
CA PRO A 338 -41.38 21.60 6.56
C PRO A 338 -42.25 21.98 7.76
N PRO A 339 -42.60 23.27 7.88
CA PRO A 339 -43.50 23.79 8.92
C PRO A 339 -44.87 23.12 8.91
N ALA A 340 -45.42 22.89 10.10
CA ALA A 340 -46.64 22.11 10.27
C ALA A 340 -47.87 22.81 9.68
N LYS A 341 -48.66 22.03 8.93
CA LYS A 341 -49.87 22.52 8.30
C LYS A 341 -50.91 22.95 9.33
N GLY B 1 -38.45 9.36 10.07
CA GLY B 1 -37.80 8.48 9.12
C GLY B 1 -38.77 7.55 8.42
N PHE B 2 -38.39 6.29 8.29
CA PHE B 2 -39.25 5.31 7.64
C PHE B 2 -40.27 4.77 8.63
N PHE B 3 -39.88 4.70 9.90
CA PHE B 3 -40.79 4.28 10.96
C PHE B 3 -41.95 5.26 11.06
N GLY B 4 -41.63 6.53 11.26
CA GLY B 4 -42.62 7.58 11.39
C GLY B 4 -43.53 7.70 10.17
N ALA B 5 -42.99 7.39 9.00
CA ALA B 5 -43.78 7.45 7.77
C ALA B 5 -44.84 6.37 7.76
N ILE B 6 -44.45 5.15 8.12
CA ILE B 6 -45.37 4.03 8.19
C ILE B 6 -46.32 4.15 9.37
N ALA B 7 -45.77 4.55 10.51
CA ALA B 7 -46.54 4.67 11.75
C ALA B 7 -47.50 5.86 11.72
N GLY B 8 -47.40 6.70 10.70
CA GLY B 8 -48.22 7.88 10.59
C GLY B 8 -47.85 9.01 11.55
N PHE B 9 -46.58 9.07 11.93
CA PHE B 9 -46.07 10.21 12.70
C PHE B 9 -46.17 11.46 11.84
N LEU B 10 -46.30 12.62 12.48
CA LEU B 10 -46.32 13.88 11.76
C LEU B 10 -45.02 14.11 11.00
N GLU B 11 -45.12 14.30 9.69
CA GLU B 11 -43.94 14.41 8.83
C GLU B 11 -43.38 15.82 8.82
N GLY B 12 -44.21 16.79 9.18
CA GLY B 12 -43.77 18.17 9.26
C GLY B 12 -43.03 18.44 10.56
N GLY B 13 -42.75 19.70 10.83
CA GLY B 13 -42.02 20.07 12.04
C GLY B 13 -42.50 21.38 12.64
N TRP B 14 -42.02 21.69 13.83
CA TRP B 14 -42.51 22.83 14.58
C TRP B 14 -41.44 23.91 14.79
N GLU B 15 -41.60 25.03 14.08
CA GLU B 15 -40.69 26.17 14.19
C GLU B 15 -40.63 26.76 15.59
N GLY B 16 -41.69 26.57 16.37
CA GLY B 16 -41.74 27.09 17.73
C GLY B 16 -40.80 26.37 18.67
N MET B 17 -40.36 25.19 18.26
CA MET B 17 -39.42 24.40 19.06
C MET B 17 -37.99 24.90 18.84
N ILE B 18 -37.53 25.77 19.73
CA ILE B 18 -36.27 26.47 19.53
C ILE B 18 -35.19 25.99 20.50
N ALA B 19 -35.59 25.76 21.75
CA ALA B 19 -34.65 25.39 22.80
C ALA B 19 -34.06 24.00 22.61
N GLY B 20 -34.60 23.24 21.67
CA GLY B 20 -34.18 21.87 21.46
C GLY B 20 -34.63 21.31 20.12
N TRP B 21 -34.26 20.06 19.86
CA TRP B 21 -34.54 19.43 18.58
C TRP B 21 -35.83 18.63 18.66
N HIS B 22 -36.13 18.16 19.87
CA HIS B 22 -37.23 17.23 20.10
C HIS B 22 -38.11 17.76 21.23
N GLY B 23 -39.38 17.37 21.21
CA GLY B 23 -40.26 17.73 22.30
C GLY B 23 -41.73 17.38 22.09
N TYR B 24 -42.61 18.22 22.61
CA TYR B 24 -44.04 17.93 22.62
C TYR B 24 -44.87 19.06 22.03
N THR B 25 -46.07 18.70 21.56
CA THR B 25 -47.07 19.69 21.17
C THR B 25 -48.39 19.41 21.87
N SER B 26 -49.18 20.46 22.09
CA SER B 26 -50.47 20.32 22.74
C SER B 26 -51.58 20.94 21.91
N HIS B 27 -52.60 20.15 21.59
CA HIS B 27 -53.71 20.62 20.77
C HIS B 27 -55.03 20.67 21.54
N GLY B 28 -55.60 21.85 21.66
CA GLY B 28 -56.86 22.02 22.37
C GLY B 28 -57.61 23.27 21.96
N ALA B 29 -58.24 23.93 22.92
CA ALA B 29 -59.00 25.14 22.66
C ALA B 29 -58.07 26.34 22.53
N HIS B 30 -56.92 26.28 23.21
CA HIS B 30 -55.94 27.35 23.14
C HIS B 30 -55.23 27.43 21.79
N GLY B 31 -55.44 26.42 20.94
CA GLY B 31 -54.71 26.33 19.70
C GLY B 31 -53.63 25.26 19.77
N VAL B 32 -52.39 25.65 19.49
CA VAL B 32 -51.28 24.71 19.55
C VAL B 32 -50.08 25.24 20.33
N ALA B 33 -49.78 24.57 21.45
CA ALA B 33 -48.62 24.91 22.26
C ALA B 33 -47.43 24.04 21.86
N VAL B 34 -46.23 24.57 22.02
CA VAL B 34 -45.02 23.87 21.63
C VAL B 34 -43.94 23.99 22.70
N ALA B 35 -43.35 22.85 23.08
CA ALA B 35 -42.26 22.84 24.04
C ALA B 35 -41.19 21.85 23.64
N ALA B 36 -39.93 22.23 23.82
CA ALA B 36 -38.82 21.35 23.55
C ALA B 36 -38.44 20.55 24.78
N ASP B 37 -38.06 19.30 24.59
CA ASP B 37 -37.54 18.48 25.69
C ASP B 37 -36.02 18.53 25.64
N LEU B 38 -35.43 19.15 26.64
CA LEU B 38 -33.98 19.37 26.66
C LEU B 38 -33.21 18.07 26.88
N LYS B 39 -33.78 17.18 27.68
CA LYS B 39 -33.15 15.90 27.95
C LYS B 39 -32.96 15.09 26.67
N SER B 40 -34.01 15.04 25.84
CA SER B 40 -33.95 14.31 24.58
C SER B 40 -32.99 14.98 23.61
N THR B 41 -32.93 16.30 23.66
CA THR B 41 -32.01 17.06 22.82
C THR B 41 -30.57 16.85 23.28
N GLN B 42 -30.36 16.93 24.58
CA GLN B 42 -29.04 16.75 25.18
C GLN B 42 -28.45 15.37 24.87
N GLU B 43 -29.27 14.33 25.04
CA GLU B 43 -28.84 12.96 24.77
C GLU B 43 -28.36 12.81 23.33
N ALA B 44 -29.12 13.37 22.40
CA ALA B 44 -28.76 13.33 20.99
C ALA B 44 -27.42 14.02 20.76
N ILE B 45 -27.21 15.11 21.49
CA ILE B 45 -25.99 15.91 21.35
C ILE B 45 -24.79 15.18 21.95
N ASN B 46 -24.99 14.51 23.07
CA ASN B 46 -23.92 13.74 23.69
C ASN B 46 -23.48 12.58 22.79
N LYS B 47 -24.45 11.90 22.19
CA LYS B 47 -24.16 10.83 21.24
C LYS B 47 -23.30 11.34 20.08
N ILE B 48 -23.67 12.51 19.56
CA ILE B 48 -22.93 13.11 18.45
C ILE B 48 -21.53 13.54 18.89
N THR B 49 -21.43 14.08 20.11
CA THR B 49 -20.16 14.53 20.66
C THR B 49 -19.22 13.34 20.85
N LYS B 50 -19.76 12.23 21.35
CA LYS B 50 -18.99 11.01 21.49
C LYS B 50 -18.56 10.49 20.13
N ASN B 51 -19.47 10.61 19.16
CA ASN B 51 -19.23 10.13 17.80
C ASN B 51 -18.15 10.97 17.11
N LEU B 52 -18.08 12.24 17.49
CA LEU B 52 -17.08 13.14 16.95
C LEU B 52 -15.70 12.78 17.51
N ASN B 53 -15.66 12.49 18.81
CA ASN B 53 -14.43 12.05 19.47
C ASN B 53 -13.91 10.74 18.90
N SER B 54 -14.84 9.84 18.56
CA SER B 54 -14.48 8.53 18.03
C SER B 54 -13.82 8.65 16.66
N LEU B 55 -14.42 9.46 15.79
CA LEU B 55 -13.87 9.71 14.47
C LEU B 55 -12.51 10.40 14.57
N SER B 56 -12.33 11.20 15.61
CA SER B 56 -11.12 11.99 15.77
C SER B 56 -9.99 11.17 16.41
N GLU B 57 -10.31 9.95 16.83
CA GLU B 57 -9.32 9.09 17.48
C GLU B 57 -8.47 8.33 16.48
N LEU B 58 -8.91 8.27 15.23
CA LEU B 58 -8.20 7.52 14.21
C LEU B 58 -6.83 8.10 13.95
N GLU B 59 -5.80 7.25 14.00
CA GLU B 59 -4.45 7.65 13.68
C GLU B 59 -3.90 6.78 12.54
N VAL B 60 -3.18 7.41 11.62
CA VAL B 60 -2.50 6.66 10.56
C VAL B 60 -1.03 7.05 10.48
N LYS B 61 -0.21 6.13 9.98
CA LYS B 61 1.22 6.38 9.82
C LYS B 61 1.46 7.59 8.92
N ASN B 62 2.42 8.42 9.30
CA ASN B 62 2.87 9.49 8.42
C ASN B 62 3.38 8.91 7.11
N LEU B 63 3.17 9.65 6.03
CA LEU B 63 3.87 9.34 4.79
C LEU B 63 5.03 10.33 4.66
N GLN B 64 6.25 9.81 4.68
CA GLN B 64 7.42 10.65 4.46
C GLN B 64 8.22 10.10 3.29
N ARG B 65 9.39 10.67 3.07
CA ARG B 65 10.27 10.23 2.00
C ARG B 65 10.97 8.94 2.40
N LEU B 66 11.38 8.15 1.41
CA LEU B 66 12.30 7.05 1.67
C LEU B 66 13.65 7.65 2.01
N SER B 67 14.31 7.11 3.03
CA SER B 67 15.61 7.62 3.45
C SER B 67 16.72 7.28 2.47
N GLY B 68 16.62 6.12 1.83
CA GLY B 68 17.68 5.62 0.97
C GLY B 68 17.62 6.04 -0.49
N ALA B 69 16.41 6.17 -1.02
CA ALA B 69 16.24 6.48 -2.44
C ALA B 69 16.57 7.94 -2.73
N MET B 70 17.59 8.14 -3.57
CA MET B 70 18.06 9.47 -3.90
C MET B 70 17.49 9.97 -5.22
N ASN B 71 17.15 11.25 -5.26
CA ASN B 71 16.70 11.92 -6.47
C ASN B 71 17.68 11.66 -7.63
N GLU B 72 17.12 11.59 -8.84
CA GLU B 72 17.87 11.29 -10.07
C GLU B 72 18.34 9.84 -10.13
N LEU B 73 19.14 9.41 -9.15
CA LEU B 73 19.67 8.05 -9.14
C LEU B 73 18.59 6.96 -9.03
N HIS B 74 17.58 7.21 -8.21
CA HIS B 74 16.55 6.19 -7.94
C HIS B 74 15.14 6.63 -8.33
N ASP B 75 15.01 7.29 -9.47
CA ASP B 75 13.72 7.84 -9.88
C ASP B 75 12.62 6.79 -10.09
N GLU B 76 12.99 5.61 -10.57
CA GLU B 76 12.03 4.54 -10.77
C GLU B 76 11.40 4.09 -9.45
N ILE B 77 12.24 3.87 -8.45
CA ILE B 77 11.78 3.53 -7.11
C ILE B 77 10.89 4.64 -6.56
N LEU B 78 11.33 5.87 -6.76
CA LEU B 78 10.59 7.04 -6.28
C LEU B 78 9.21 7.17 -6.92
N GLU B 79 9.06 6.74 -8.16
CA GLU B 79 7.77 6.76 -8.82
C GLU B 79 6.83 5.79 -8.09
N LEU B 80 7.35 4.62 -7.75
CA LEU B 80 6.58 3.63 -7.02
C LEU B 80 6.23 4.14 -5.63
N ASP B 81 7.16 4.86 -5.02
CA ASP B 81 6.94 5.44 -3.70
C ASP B 81 5.81 6.45 -3.75
N GLU B 82 5.78 7.26 -4.82
CA GLU B 82 4.71 8.23 -5.02
C GLU B 82 3.38 7.50 -5.17
N LYS B 83 3.41 6.36 -5.86
CA LYS B 83 2.22 5.55 -6.08
C LYS B 83 1.71 4.96 -4.77
N VAL B 84 2.63 4.48 -3.94
CA VAL B 84 2.29 3.94 -2.63
C VAL B 84 1.57 4.98 -1.77
N ASP B 85 2.12 6.19 -1.74
CA ASP B 85 1.51 7.29 -0.98
C ASP B 85 0.11 7.61 -1.49
N ASP B 86 -0.02 7.73 -2.80
CA ASP B 86 -1.29 8.06 -3.44
C ASP B 86 -2.37 7.04 -3.11
N LEU B 87 -2.01 5.76 -3.13
CA LEU B 87 -2.98 4.71 -2.87
C LEU B 87 -3.34 4.63 -1.39
N ARG B 88 -2.38 4.95 -0.53
CA ARG B 88 -2.64 5.01 0.90
C ARG B 88 -3.66 6.12 1.18
N ALA B 89 -3.39 7.30 0.60
CA ALA B 89 -4.28 8.45 0.76
C ALA B 89 -5.68 8.11 0.26
N ASP B 90 -5.74 7.45 -0.89
CA ASP B 90 -7.00 7.06 -1.51
C ASP B 90 -7.78 6.08 -0.63
N THR B 91 -7.10 5.05 -0.15
CA THR B 91 -7.73 3.98 0.61
C THR B 91 -8.25 4.45 1.96
N ILE B 92 -7.41 5.16 2.71
CA ILE B 92 -7.79 5.67 4.02
C ILE B 92 -8.92 6.69 3.88
N SER B 93 -8.89 7.47 2.80
CA SER B 93 -9.94 8.45 2.54
C SER B 93 -11.31 7.80 2.41
N SER B 94 -11.38 6.71 1.64
CA SER B 94 -12.65 6.04 1.42
C SER B 94 -13.12 5.33 2.70
N GLN B 95 -12.16 4.90 3.51
CA GLN B 95 -12.47 4.25 4.78
C GLN B 95 -13.06 5.26 5.77
N ILE B 96 -12.45 6.44 5.81
CA ILE B 96 -12.95 7.52 6.66
C ILE B 96 -14.34 7.94 6.19
N GLU B 97 -14.52 8.01 4.88
CA GLU B 97 -15.81 8.34 4.29
C GLU B 97 -16.89 7.36 4.72
N LEU B 98 -16.53 6.07 4.80
CA LEU B 98 -17.46 5.05 5.26
C LEU B 98 -17.80 5.25 6.74
N ALA B 99 -16.79 5.54 7.54
CA ALA B 99 -16.97 5.72 8.98
C ALA B 99 -17.90 6.92 9.26
N VAL B 100 -17.73 7.97 8.48
CA VAL B 100 -18.55 9.17 8.64
C VAL B 100 -19.97 8.92 8.12
N LEU B 101 -20.06 8.18 7.02
CA LEU B 101 -21.36 7.85 6.43
C LEU B 101 -22.23 7.07 7.41
N LEU B 102 -21.63 6.07 8.06
CA LEU B 102 -22.34 5.26 9.04
C LEU B 102 -22.71 6.08 10.27
N SER B 103 -21.86 7.04 10.61
CA SER B 103 -22.12 7.94 11.73
C SER B 103 -23.36 8.79 11.46
N ASN B 104 -23.41 9.39 10.28
CA ASN B 104 -24.55 10.22 9.89
C ASN B 104 -25.81 9.38 9.72
N GLU B 105 -25.63 8.14 9.27
CA GLU B 105 -26.75 7.20 9.14
C GLU B 105 -27.40 6.96 10.49
N GLY B 106 -26.58 6.75 11.52
CA GLY B 106 -27.06 6.52 12.86
C GLY B 106 -27.77 7.72 13.45
N ILE B 107 -27.20 8.90 13.25
CA ILE B 107 -27.73 10.14 13.82
C ILE B 107 -29.11 10.48 13.26
N ILE B 108 -29.24 10.41 11.94
CA ILE B 108 -30.51 10.71 11.29
C ILE B 108 -31.58 9.66 11.62
N ASN B 109 -31.18 8.39 11.63
CA ASN B 109 -32.10 7.29 11.95
C ASN B 109 -32.64 7.34 13.38
N SER B 110 -31.83 7.85 14.30
CA SER B 110 -32.17 7.80 15.72
C SER B 110 -33.31 8.74 16.08
N GLU B 111 -33.72 9.59 15.14
CA GLU B 111 -34.76 10.58 15.38
C GLU B 111 -36.08 9.96 15.86
N ASP B 112 -36.60 9.02 15.09
CA ASP B 112 -37.85 8.35 15.44
C ASP B 112 -37.71 7.59 16.75
N GLU B 113 -36.51 7.07 17.01
CA GLU B 113 -36.22 6.37 18.24
C GLU B 113 -36.34 7.32 19.44
N HIS B 114 -35.91 8.56 19.25
CA HIS B 114 -36.08 9.60 20.27
C HIS B 114 -37.55 9.86 20.54
N LEU B 115 -38.32 10.00 19.46
CA LEU B 115 -39.76 10.20 19.57
C LEU B 115 -40.44 9.08 20.34
N LEU B 116 -40.04 7.84 20.04
CA LEU B 116 -40.59 6.67 20.71
C LEU B 116 -40.29 6.71 22.21
N ALA B 117 -39.14 7.27 22.57
CA ALA B 117 -38.76 7.37 23.97
C ALA B 117 -39.46 8.54 24.65
N LEU B 118 -39.79 9.57 23.87
CA LEU B 118 -40.51 10.72 24.39
C LEU B 118 -41.97 10.37 24.67
N GLU B 119 -42.47 9.37 23.95
CA GLU B 119 -43.80 8.85 24.22
C GLU B 119 -43.87 8.30 25.63
N ARG B 120 -42.81 7.60 26.05
CA ARG B 120 -42.77 6.93 27.34
C ARG B 120 -42.66 7.92 28.50
N LYS B 121 -41.99 9.04 28.27
CA LYS B 121 -41.89 10.08 29.29
C LYS B 121 -43.26 10.73 29.42
N LEU B 122 -43.86 11.03 28.28
CA LEU B 122 -45.17 11.67 28.23
C LEU B 122 -46.24 10.75 28.83
N LYS B 123 -46.24 9.48 28.42
CA LYS B 123 -47.24 8.51 28.85
C LYS B 123 -47.33 8.36 30.37
N LYS B 124 -46.17 8.16 31.01
CA LYS B 124 -46.14 7.95 32.46
C LYS B 124 -46.64 9.16 33.24
N MET B 125 -46.27 10.35 32.80
CA MET B 125 -46.69 11.57 33.46
C MET B 125 -48.19 11.80 33.36
N LEU B 126 -48.75 11.47 32.20
CA LEU B 126 -50.17 11.71 31.92
C LEU B 126 -51.10 10.83 32.76
N GLY B 127 -50.57 9.74 33.31
CA GLY B 127 -51.36 8.84 34.13
C GLY B 127 -52.25 7.93 33.31
N PRO B 128 -52.91 6.96 33.98
CA PRO B 128 -53.70 5.91 33.33
C PRO B 128 -54.99 6.40 32.68
N SER B 129 -55.35 7.65 32.90
CA SER B 129 -56.60 8.19 32.38
C SER B 129 -56.46 8.71 30.95
N ALA B 130 -55.22 8.87 30.48
CA ALA B 130 -54.97 9.35 29.14
C ALA B 130 -55.04 8.19 28.15
N VAL B 131 -55.33 8.50 26.89
CA VAL B 131 -55.54 7.45 25.88
C VAL B 131 -54.51 7.50 24.75
N GLU B 132 -53.74 6.44 24.61
CA GLU B 132 -52.70 6.35 23.60
C GLU B 132 -53.25 6.01 22.21
N ILE B 133 -53.01 6.90 21.25
CA ILE B 133 -53.53 6.73 19.89
C ILE B 133 -52.64 5.82 19.06
N GLY B 134 -51.32 5.98 19.19
CA GLY B 134 -50.37 5.16 18.47
C GLY B 134 -49.49 5.91 17.48
N ASN B 135 -49.95 7.07 17.04
CA ASN B 135 -49.18 7.88 16.09
C ASN B 135 -48.29 8.90 16.80
N GLY B 136 -48.00 8.62 18.07
CA GLY B 136 -47.19 9.52 18.88
C GLY B 136 -48.03 10.51 19.64
N CYS B 137 -49.34 10.31 19.64
CA CYS B 137 -50.24 11.23 20.30
C CYS B 137 -51.02 10.58 21.43
N PHE B 138 -51.34 11.37 22.44
CA PHE B 138 -52.20 10.94 23.54
C PHE B 138 -53.41 11.85 23.65
N GLU B 139 -54.57 11.27 23.93
CA GLU B 139 -55.77 12.06 24.18
C GLU B 139 -55.99 12.18 25.68
N THR B 140 -56.09 13.41 26.17
CA THR B 140 -56.22 13.64 27.61
C THR B 140 -57.63 14.04 28.01
N LYS B 141 -58.00 13.73 29.24
CA LYS B 141 -59.27 14.13 29.80
C LYS B 141 -59.23 15.59 30.23
N HIS B 142 -58.02 16.07 30.52
CA HIS B 142 -57.82 17.43 31.01
C HIS B 142 -57.34 18.35 29.88
N LYS B 143 -57.46 19.65 30.10
CA LYS B 143 -56.93 20.64 29.16
C LYS B 143 -55.44 20.77 29.44
N CYS B 144 -54.66 21.10 28.41
CA CYS B 144 -53.22 21.25 28.60
C CYS B 144 -52.61 22.35 27.74
N ASN B 145 -52.56 23.56 28.29
CA ASN B 145 -51.92 24.67 27.62
C ASN B 145 -50.41 24.80 27.74
N GLN B 146 -49.89 25.91 27.21
CA GLN B 146 -48.46 26.15 27.15
C GLN B 146 -47.79 26.07 28.52
N THR B 147 -48.47 26.55 29.55
CA THR B 147 -47.94 26.46 30.91
C THR B 147 -47.92 25.00 31.34
N CYS B 148 -48.99 24.28 30.99
CA CYS B 148 -49.11 22.86 31.28
C CYS B 148 -48.07 22.05 30.51
N LEU B 149 -47.95 22.32 29.22
CA LEU B 149 -47.00 21.63 28.37
C LEU B 149 -45.56 21.80 28.85
N ASP B 150 -45.23 23.01 29.31
CA ASP B 150 -43.90 23.31 29.81
C ASP B 150 -43.51 22.47 31.02
N ARG B 151 -44.47 22.16 31.88
CA ARG B 151 -44.18 21.35 33.06
C ARG B 151 -43.92 19.90 32.65
N ILE B 152 -44.55 19.48 31.56
CA ILE B 152 -44.33 18.15 31.02
C ILE B 152 -42.90 18.01 30.54
N ALA B 153 -42.46 18.97 29.73
CA ALA B 153 -41.08 19.02 29.24
C ALA B 153 -40.08 18.99 30.37
N ALA B 154 -40.38 19.68 31.47
CA ALA B 154 -39.48 19.75 32.61
C ALA B 154 -39.56 18.50 33.48
N GLY B 155 -40.57 17.66 33.23
CA GLY B 155 -40.72 16.41 33.96
C GLY B 155 -41.37 16.57 35.32
N THR B 156 -42.00 17.72 35.55
CA THR B 156 -42.59 18.05 36.85
C THR B 156 -44.11 17.91 36.86
N PHE B 157 -44.69 17.70 35.68
CA PHE B 157 -46.13 17.55 35.52
C PHE B 157 -46.73 16.48 36.42
N ASN B 158 -47.80 16.84 37.13
CA ASN B 158 -48.57 15.88 37.92
C ASN B 158 -50.01 15.81 37.43
N ALA B 159 -50.57 14.60 37.41
CA ALA B 159 -51.95 14.40 36.95
C ALA B 159 -52.95 14.77 38.04
N GLY B 160 -52.48 14.79 39.29
CA GLY B 160 -53.31 15.19 40.41
C GLY B 160 -53.64 16.67 40.40
N ASP B 161 -52.92 17.42 39.58
CA ASP B 161 -53.18 18.85 39.40
C ASP B 161 -54.41 19.09 38.55
N PHE B 162 -55.01 18.01 38.08
CA PHE B 162 -56.29 18.07 37.38
C PHE B 162 -57.25 17.02 37.95
N SER B 163 -56.99 16.63 39.20
CA SER B 163 -57.77 15.62 39.91
C SER B 163 -57.81 14.28 39.18
N LEU B 164 -56.85 14.05 38.30
CA LEU B 164 -56.75 12.79 37.56
C LEU B 164 -55.85 11.78 38.27
N PRO B 165 -56.08 10.48 38.03
CA PRO B 165 -55.26 9.45 38.68
C PRO B 165 -53.83 9.43 38.16
N THR B 166 -52.90 8.96 38.99
CA THR B 166 -51.50 8.88 38.61
C THR B 166 -50.95 7.47 38.76
N PHE B 167 -49.92 7.14 38.00
CA PHE B 167 -49.06 6.04 38.39
C PHE B 167 -48.21 6.53 39.55
N ASP B 168 -48.42 5.97 40.73
CA ASP B 168 -47.64 6.39 41.89
C ASP B 168 -46.23 5.85 41.73
N SER B 169 -45.24 6.75 41.82
CA SER B 169 -43.87 6.41 41.48
C SER B 169 -43.08 5.73 42.58
N LEU B 170 -41.84 5.37 42.24
CA LEU B 170 -40.93 4.72 43.16
C LEU B 170 -39.77 5.66 43.51
N ASP C 1 -62.54 -10.32 16.61
CA ASP C 1 -61.48 -10.83 15.74
C ASP C 1 -60.10 -10.34 16.19
N ARG C 2 -59.07 -11.09 15.83
CA ARG C 2 -57.71 -10.73 16.17
C ARG C 2 -56.91 -10.35 14.92
N ILE C 3 -56.44 -9.11 14.87
CA ILE C 3 -55.65 -8.62 13.74
C ILE C 3 -54.18 -8.48 14.14
N CYS C 4 -53.29 -9.06 13.35
CA CYS C 4 -51.88 -9.06 13.67
C CYS C 4 -51.01 -8.46 12.56
N THR C 5 -49.76 -8.15 12.90
CA THR C 5 -48.77 -7.77 11.90
C THR C 5 -48.00 -9.01 11.46
N GLY C 6 -47.83 -9.19 10.15
CA GLY C 6 -47.15 -10.36 9.65
C GLY C 6 -46.18 -10.09 8.50
N ILE C 7 -45.30 -11.05 8.26
CA ILE C 7 -44.33 -10.95 7.18
C ILE C 7 -44.55 -12.08 6.18
N THR C 8 -44.30 -11.82 4.90
CA THR C 8 -44.55 -12.79 3.84
C THR C 8 -43.71 -14.06 3.97
N SER C 9 -44.07 -15.04 3.15
CA SER C 9 -43.29 -16.26 3.01
C SER C 9 -43.22 -16.61 1.53
N SER C 10 -42.01 -16.67 1.01
CA SER C 10 -41.80 -16.93 -0.42
C SER C 10 -40.56 -17.78 -0.64
N ASN C 11 -40.40 -18.25 -1.88
CA ASN C 11 -39.19 -18.95 -2.27
C ASN C 11 -37.95 -18.09 -2.01
N SER C 12 -36.98 -18.65 -1.29
CA SER C 12 -35.82 -17.86 -0.86
C SER C 12 -34.50 -18.54 -1.21
N PRO C 13 -34.14 -18.57 -2.50
CA PRO C 13 -32.94 -19.25 -3.00
C PRO C 13 -31.65 -18.44 -2.78
N HIS C 14 -31.78 -17.16 -2.49
CA HIS C 14 -30.61 -16.29 -2.36
C HIS C 14 -30.08 -16.20 -0.93
N VAL C 15 -28.77 -16.07 -0.79
CA VAL C 15 -28.13 -16.04 0.52
C VAL C 15 -27.21 -14.82 0.69
N VAL C 16 -27.31 -14.15 1.83
CA VAL C 16 -26.40 -13.07 2.18
C VAL C 16 -25.87 -13.26 3.59
N LYS C 17 -24.69 -12.70 3.86
CA LYS C 17 -24.10 -12.77 5.18
C LYS C 17 -24.52 -11.57 6.01
N THR C 18 -24.79 -11.81 7.29
CA THR C 18 -25.08 -10.72 8.22
C THR C 18 -24.07 -10.76 9.36
N ALA C 19 -23.96 -9.64 10.08
CA ALA C 19 -23.07 -9.58 11.24
C ALA C 19 -23.57 -10.46 12.38
N THR C 20 -24.86 -10.38 12.68
CA THR C 20 -25.40 -10.98 13.90
C THR C 20 -26.30 -12.21 13.70
N GLN C 21 -26.52 -12.63 12.45
CA GLN C 21 -27.38 -13.78 12.19
C GLN C 21 -26.77 -14.79 11.23
N GLY C 22 -25.51 -14.58 10.87
CA GLY C 22 -24.82 -15.47 9.94
C GLY C 22 -25.40 -15.36 8.55
N GLU C 23 -25.26 -16.42 7.76
CA GLU C 23 -25.88 -16.45 6.43
C GLU C 23 -27.38 -16.71 6.57
N VAL C 24 -28.18 -15.93 5.84
CA VAL C 24 -29.62 -16.10 5.86
C VAL C 24 -30.17 -16.10 4.43
N ASN C 25 -31.17 -16.93 4.18
CA ASN C 25 -31.86 -16.93 2.90
C ASN C 25 -32.70 -15.67 2.82
N VAL C 26 -32.88 -15.14 1.61
CA VAL C 26 -33.75 -13.99 1.42
C VAL C 26 -34.56 -14.19 0.15
N THR C 27 -35.65 -13.44 0.01
CA THR C 27 -36.56 -13.65 -1.11
C THR C 27 -36.03 -13.02 -2.40
N GLY C 28 -35.13 -12.07 -2.25
CA GLY C 28 -34.57 -11.38 -3.41
C GLY C 28 -33.26 -10.70 -3.12
N VAL C 29 -32.37 -10.69 -4.11
CA VAL C 29 -31.11 -9.98 -3.99
C VAL C 29 -30.85 -9.09 -5.19
N ILE C 30 -30.00 -8.09 -4.99
CA ILE C 30 -29.47 -7.30 -6.09
C ILE C 30 -28.00 -7.64 -6.27
N PRO C 31 -27.66 -8.30 -7.39
CA PRO C 31 -26.26 -8.66 -7.59
C PRO C 31 -25.40 -7.41 -7.77
N LEU C 32 -24.26 -7.37 -7.09
CA LEU C 32 -23.41 -6.19 -7.12
C LEU C 32 -22.20 -6.43 -8.01
N THR C 33 -22.03 -7.66 -8.46
CA THR C 33 -20.89 -8.03 -9.28
C THR C 33 -21.27 -8.83 -10.53
N THR C 34 -20.35 -8.85 -11.49
CA THR C 34 -20.37 -9.79 -12.60
C THR C 34 -18.96 -10.28 -12.83
N THR C 35 -18.82 -11.42 -13.49
CA THR C 35 -17.51 -11.84 -13.97
C THR C 35 -17.38 -11.47 -15.44
N PRO C 36 -16.47 -10.53 -15.74
CA PRO C 36 -16.30 -10.04 -17.13
C PRO C 36 -15.78 -11.12 -18.07
N THR C 37 -15.98 -10.92 -19.36
CA THR C 37 -15.46 -11.83 -20.37
C THR C 37 -14.34 -11.17 -21.15
N ARG C 38 -13.38 -11.97 -21.59
CA ARG C 38 -12.24 -11.47 -22.34
C ARG C 38 -12.69 -10.88 -23.68
N SER C 39 -12.27 -9.66 -23.96
CA SER C 39 -12.64 -8.99 -25.20
C SER C 39 -11.42 -8.35 -25.86
N HIS C 40 -11.58 -7.93 -27.11
CA HIS C 40 -10.55 -7.16 -27.79
C HIS C 40 -10.33 -5.84 -27.07
N PHE C 41 -9.12 -5.30 -27.15
CA PHE C 41 -8.85 -4.00 -26.56
C PHE C 41 -9.46 -2.92 -27.43
N ALA C 42 -9.57 -1.71 -26.88
CA ALA C 42 -10.30 -0.64 -27.57
C ALA C 42 -9.75 0.72 -27.20
N ASN C 43 -10.36 1.75 -27.77
CA ASN C 43 -10.07 3.13 -27.37
C ASN C 43 -10.75 3.43 -26.04
N LEU C 44 -10.04 4.10 -25.15
CA LEU C 44 -10.64 4.52 -23.89
C LEU C 44 -11.58 5.69 -24.13
N LYS C 45 -12.84 5.52 -23.76
CA LYS C 45 -13.84 6.57 -23.92
C LYS C 45 -13.40 7.88 -23.29
N GLY C 46 -13.41 8.94 -24.09
CA GLY C 46 -13.09 10.28 -23.60
C GLY C 46 -11.61 10.57 -23.48
N THR C 47 -10.78 9.76 -24.13
CA THR C 47 -9.33 9.94 -24.07
C THR C 47 -8.63 9.25 -25.24
N GLN C 48 -7.89 10.01 -26.04
CA GLN C 48 -7.15 9.44 -27.17
C GLN C 48 -6.12 8.43 -26.71
N THR C 49 -6.14 7.25 -27.33
CA THR C 49 -5.34 6.13 -26.85
C THR C 49 -4.23 5.79 -27.82
N ARG C 50 -2.99 5.79 -27.32
CA ARG C 50 -1.81 5.55 -28.13
C ARG C 50 -1.55 4.06 -28.29
N GLY C 51 -1.30 3.62 -29.52
CA GLY C 51 -0.89 2.26 -29.79
C GLY C 51 0.54 2.27 -30.27
N LYS C 52 0.71 2.19 -31.60
CA LYS C 52 2.00 2.48 -32.21
C LYS C 52 2.35 3.93 -31.88
N LEU C 53 3.64 4.19 -31.66
CA LEU C 53 4.10 5.56 -31.39
C LEU C 53 3.72 6.46 -32.55
N CYS C 54 4.13 6.07 -33.75
CA CYS C 54 3.80 6.81 -34.96
C CYS C 54 2.86 5.95 -35.81
N PRO C 55 1.54 6.18 -35.66
CA PRO C 55 0.51 5.36 -36.30
C PRO C 55 0.61 5.33 -37.82
N ASN C 56 1.06 6.43 -38.41
CA ASN C 56 1.13 6.53 -39.87
C ASN C 56 2.47 6.09 -40.45
N CYS C 57 3.39 5.67 -39.59
CA CYS C 57 4.67 5.14 -40.07
C CYS C 57 4.50 3.67 -40.40
N PHE C 58 4.06 3.40 -41.63
CA PHE C 58 3.75 2.04 -42.04
C PHE C 58 5.02 1.22 -42.30
N ASN C 59 4.97 -0.06 -41.94
CA ASN C 59 6.11 -0.97 -41.99
C ASN C 59 7.24 -0.50 -41.10
N CYS C 60 6.87 0.19 -40.02
CA CYS C 60 7.81 0.65 -39.01
C CYS C 60 7.36 0.17 -37.64
N THR C 61 8.24 -0.51 -36.91
CA THR C 61 7.96 -0.89 -35.53
C THR C 61 8.25 0.29 -34.59
N ASP C 62 7.72 0.21 -33.37
CA ASP C 62 7.95 1.25 -32.37
C ASP C 62 9.44 1.46 -32.11
N LEU C 63 10.18 0.36 -32.05
CA LEU C 63 11.63 0.43 -31.84
C LEU C 63 12.33 1.10 -33.02
N ASP C 64 11.87 0.78 -34.23
CA ASP C 64 12.36 1.44 -35.45
C ASP C 64 12.27 2.96 -35.32
N VAL C 65 11.10 3.44 -34.90
CA VAL C 65 10.85 4.87 -34.77
C VAL C 65 11.72 5.51 -33.69
N ALA C 66 11.84 4.82 -32.56
CA ALA C 66 12.58 5.34 -31.42
C ALA C 66 14.08 5.49 -31.73
N LEU C 67 14.59 4.62 -32.58
CA LEU C 67 16.00 4.67 -32.97
C LEU C 67 16.23 5.72 -34.06
N GLY C 68 15.14 6.19 -34.66
CA GLY C 68 15.22 7.18 -35.71
C GLY C 68 15.61 6.58 -37.06
N ARG C 69 15.19 5.34 -37.28
CA ARG C 69 15.36 4.67 -38.57
C ARG C 69 14.80 5.54 -39.69
N PRO C 70 15.58 5.70 -40.77
CA PRO C 70 15.13 6.47 -41.95
C PRO C 70 13.83 5.93 -42.51
N LYS C 71 12.97 6.83 -43.00
CA LYS C 71 11.61 6.54 -43.50
C LYS C 71 10.62 6.35 -42.36
N CYS C 72 11.11 6.28 -41.13
CA CYS C 72 10.25 6.02 -39.98
C CYS C 72 10.18 7.23 -39.07
N MET C 73 10.14 8.40 -39.69
CA MET C 73 9.91 9.65 -38.98
C MET C 73 8.50 10.09 -39.34
N GLY C 74 7.76 10.64 -38.38
CA GLY C 74 6.39 11.02 -38.65
C GLY C 74 5.69 11.65 -37.46
N ASN C 75 4.42 11.99 -37.63
CA ASN C 75 3.66 12.58 -36.55
C ASN C 75 3.50 11.59 -35.41
N ILE C 76 3.88 12.03 -34.21
CA ILE C 76 3.72 11.23 -33.00
C ILE C 76 2.79 11.95 -32.04
N PRO C 77 1.49 11.60 -32.08
CA PRO C 77 0.48 12.31 -31.29
C PRO C 77 0.67 12.11 -29.79
N SER C 78 0.37 13.16 -29.02
CA SER C 78 0.38 13.06 -27.56
C SER C 78 -0.79 12.20 -27.10
N ALA C 79 -0.65 11.58 -25.93
CA ALA C 79 -1.70 10.72 -25.40
C ALA C 79 -1.58 10.55 -23.89
N LYS C 80 -2.70 10.72 -23.19
CA LYS C 80 -2.74 10.54 -21.75
C LYS C 80 -2.88 9.06 -21.38
N VAL C 81 -3.07 8.22 -22.38
CA VAL C 81 -3.24 6.78 -22.18
C VAL C 81 -2.53 6.02 -23.30
N SER C 82 -1.74 5.02 -22.91
CA SER C 82 -0.93 4.27 -23.88
C SER C 82 -1.00 2.77 -23.65
N ILE C 83 -1.05 2.01 -24.75
CA ILE C 83 -1.02 0.56 -24.69
C ILE C 83 0.38 -0.01 -24.92
N LEU C 84 0.86 -0.83 -23.99
CA LEU C 84 2.10 -1.55 -24.17
C LEU C 84 1.83 -2.89 -24.84
N HIS C 85 2.10 -2.98 -26.13
CA HIS C 85 1.75 -4.19 -26.89
C HIS C 85 2.98 -5.05 -27.20
N GLU C 86 4.16 -4.51 -26.93
CA GLU C 86 5.39 -5.28 -27.07
C GLU C 86 6.17 -5.28 -25.76
N VAL C 87 6.19 -6.42 -25.08
CA VAL C 87 6.94 -6.56 -23.84
C VAL C 87 8.44 -6.57 -24.12
N LYS C 88 8.82 -7.01 -25.32
CA LYS C 88 10.21 -6.97 -25.77
C LYS C 88 10.29 -6.53 -27.23
N PRO C 89 10.20 -5.21 -27.46
CA PRO C 89 10.11 -4.60 -28.81
C PRO C 89 11.22 -5.02 -29.76
N VAL C 90 10.88 -5.19 -31.03
CA VAL C 90 11.82 -5.63 -32.05
C VAL C 90 11.96 -4.60 -33.16
N THR C 91 13.10 -4.61 -33.85
CA THR C 91 13.29 -3.77 -35.03
C THR C 91 12.88 -4.50 -36.30
N SER C 92 12.67 -3.74 -37.38
CA SER C 92 12.30 -4.33 -38.66
C SER C 92 13.03 -3.67 -39.82
N GLY C 93 14.30 -3.32 -39.61
CA GLY C 93 15.08 -2.69 -40.65
C GLY C 93 16.42 -2.10 -40.22
N CYS C 94 17.04 -1.36 -41.14
CA CYS C 94 18.32 -0.70 -40.94
C CYS C 94 19.46 -1.66 -40.55
N TYR C 95 20.58 -1.09 -40.08
CA TYR C 95 21.80 -1.85 -39.82
C TYR C 95 21.62 -2.81 -38.64
N PRO C 96 22.16 -4.03 -38.76
CA PRO C 96 22.01 -5.10 -37.75
C PRO C 96 22.51 -4.71 -36.36
N ILE C 97 21.61 -4.80 -35.38
CA ILE C 97 21.92 -4.51 -34.00
C ILE C 97 22.03 -5.80 -33.18
N MET C 98 22.95 -5.82 -32.22
CA MET C 98 22.95 -6.87 -31.21
C MET C 98 22.18 -6.36 -29.99
N HIS C 99 20.85 -6.45 -30.09
CA HIS C 99 19.94 -5.82 -29.15
C HIS C 99 20.14 -6.18 -27.68
N ASP C 100 20.25 -7.49 -27.41
CA ASP C 100 20.24 -8.00 -26.04
C ASP C 100 21.47 -7.64 -25.21
N ARG C 101 22.45 -6.97 -25.82
CA ARG C 101 23.66 -6.61 -25.11
C ARG C 101 23.49 -5.29 -24.35
N THR C 102 22.38 -4.62 -24.59
CA THR C 102 22.00 -3.44 -23.81
C THR C 102 20.52 -3.45 -23.43
N LYS C 103 20.05 -2.34 -22.88
CA LYS C 103 18.66 -2.18 -22.48
C LYS C 103 17.81 -1.54 -23.59
N ILE C 104 18.41 -1.39 -24.76
CA ILE C 104 17.84 -0.58 -25.84
C ILE C 104 16.42 -0.96 -26.26
N ARG C 105 16.07 -2.25 -26.15
CA ARG C 105 14.76 -2.72 -26.62
C ARG C 105 13.59 -2.00 -25.95
N GLN C 106 13.76 -1.66 -24.67
CA GLN C 106 12.69 -1.07 -23.90
C GLN C 106 12.49 0.42 -24.17
N LEU C 107 13.39 0.99 -24.99
CA LEU C 107 13.37 2.42 -25.29
C LEU C 107 12.00 2.96 -25.74
N PRO C 108 11.32 2.27 -26.67
CA PRO C 108 10.01 2.82 -27.05
C PRO C 108 8.97 2.66 -25.95
N ASN C 109 9.13 1.64 -25.10
CA ASN C 109 8.22 1.45 -23.98
C ASN C 109 8.44 2.51 -22.91
N LEU C 110 9.68 3.00 -22.84
CA LEU C 110 10.01 4.12 -21.97
C LEU C 110 9.35 5.40 -22.47
N LEU C 111 9.46 5.63 -23.77
CA LEU C 111 8.91 6.83 -24.41
C LEU C 111 7.41 6.93 -24.22
N ARG C 112 6.71 5.82 -24.41
CA ARG C 112 5.24 5.81 -24.38
C ARG C 112 4.71 6.15 -22.99
N GLY C 113 5.59 6.12 -21.99
CA GLY C 113 5.22 6.49 -20.63
C GLY C 113 4.99 7.97 -20.50
N TYR C 114 5.45 8.73 -21.49
CA TYR C 114 5.25 10.18 -21.51
C TYR C 114 4.00 10.54 -22.30
N GLU C 115 3.37 11.66 -21.97
CA GLU C 115 2.26 12.14 -22.75
C GLU C 115 2.74 12.68 -24.09
N ASN C 116 3.74 13.57 -24.03
CA ASN C 116 4.25 14.22 -25.23
C ASN C 116 5.61 13.65 -25.62
N ILE C 117 5.77 13.36 -26.91
CA ILE C 117 7.03 12.84 -27.43
C ILE C 117 7.39 13.56 -28.72
N ARG C 118 8.56 14.20 -28.75
CA ARG C 118 9.05 14.75 -30.00
C ARG C 118 10.54 14.51 -30.17
N LEU C 119 10.97 14.42 -31.43
CA LEU C 119 12.38 14.32 -31.73
C LEU C 119 12.93 15.73 -31.90
N SER C 120 14.12 15.97 -31.36
CA SER C 120 14.77 17.28 -31.45
C SER C 120 15.07 17.61 -32.91
N THR C 121 15.12 18.90 -33.23
CA THR C 121 15.29 19.33 -34.61
C THR C 121 16.75 19.67 -34.89
N SER C 122 17.51 19.94 -33.83
CA SER C 122 18.94 20.14 -33.96
C SER C 122 19.69 18.97 -33.34
N ASN C 123 20.96 18.83 -33.69
CA ASN C 123 21.80 17.78 -33.13
C ASN C 123 22.37 18.15 -31.78
N VAL C 124 22.56 17.16 -30.91
CA VAL C 124 23.04 17.40 -29.56
C VAL C 124 24.58 17.41 -29.54
N ILE C 125 25.18 16.85 -30.58
CA ILE C 125 26.63 16.82 -30.70
C ILE C 125 27.06 17.10 -32.14
N ASN C 126 27.96 18.06 -32.29
CA ASN C 126 28.52 18.41 -33.60
C ASN C 126 29.64 17.45 -33.99
N THR C 127 29.39 16.65 -35.03
CA THR C 127 30.35 15.65 -35.48
C THR C 127 31.63 16.26 -36.03
N GLU C 128 31.57 17.54 -36.40
CA GLU C 128 32.73 18.22 -36.99
C GLU C 128 33.65 18.79 -35.92
N THR C 129 33.24 18.69 -34.66
CA THR C 129 34.05 19.16 -33.56
C THR C 129 34.21 18.10 -32.47
N ALA C 130 33.60 16.94 -32.69
CA ALA C 130 33.67 15.85 -31.72
C ALA C 130 35.09 15.34 -31.56
N PRO C 131 35.51 15.08 -30.31
CA PRO C 131 36.84 14.56 -29.97
C PRO C 131 37.18 13.27 -30.70
N GLY C 132 38.46 13.07 -30.99
CA GLY C 132 38.92 11.87 -31.65
C GLY C 132 39.26 12.12 -33.11
N GLY C 133 40.00 13.20 -33.35
CA GLY C 133 40.42 13.56 -34.69
C GLY C 133 39.24 13.94 -35.58
N PRO C 134 39.53 14.32 -36.83
CA PRO C 134 38.48 14.72 -37.77
C PRO C 134 37.65 13.52 -38.26
N TYR C 135 36.36 13.74 -38.48
CA TYR C 135 35.46 12.68 -38.90
C TYR C 135 34.73 12.98 -40.19
N LYS C 136 34.33 11.94 -40.89
CA LYS C 136 33.30 12.02 -41.91
C LYS C 136 32.13 11.17 -41.44
N VAL C 137 30.92 11.51 -41.86
CA VAL C 137 29.76 10.76 -41.39
C VAL C 137 29.44 9.63 -42.37
N GLY C 138 29.30 8.43 -41.82
CA GLY C 138 29.08 7.25 -42.63
C GLY C 138 27.61 6.91 -42.80
N THR C 139 27.31 6.19 -43.87
CA THR C 139 25.94 5.77 -44.15
C THR C 139 25.94 4.34 -44.62
N SER C 140 24.76 3.78 -44.86
CA SER C 140 24.67 2.40 -45.31
C SER C 140 23.45 2.16 -46.19
N GLY C 141 23.53 1.15 -47.05
CA GLY C 141 22.42 0.77 -47.90
C GLY C 141 21.36 0.04 -47.12
N SER C 142 21.72 -0.39 -45.90
CA SER C 142 20.78 -1.01 -44.99
C SER C 142 19.78 0.01 -44.48
N CYS C 143 20.14 1.28 -44.56
CA CYS C 143 19.29 2.35 -44.02
C CYS C 143 18.91 3.40 -45.07
N PRO C 144 18.15 3.00 -46.11
CA PRO C 144 17.77 3.94 -47.18
C PRO C 144 16.90 5.08 -46.65
N ASN C 145 17.24 6.31 -47.01
CA ASN C 145 16.52 7.48 -46.51
C ASN C 145 15.29 7.91 -47.33
N VAL C 146 14.81 9.12 -47.07
CA VAL C 146 13.57 9.61 -47.65
C VAL C 146 13.64 9.81 -49.16
N THR C 147 14.85 9.91 -49.70
CA THR C 147 15.04 9.96 -51.15
C THR C 147 15.75 8.69 -51.59
N ASN C 148 15.74 7.71 -50.68
CA ASN C 148 16.28 6.36 -50.93
C ASN C 148 17.79 6.31 -51.17
N GLY C 149 18.50 7.34 -50.73
CA GLY C 149 19.96 7.31 -50.69
C GLY C 149 20.42 6.59 -49.43
N ASN C 150 21.67 6.16 -49.40
CA ASN C 150 22.20 5.49 -48.22
C ASN C 150 22.23 6.42 -47.01
N GLY C 151 21.65 5.96 -45.91
CA GLY C 151 21.53 6.77 -44.72
C GLY C 151 21.84 6.02 -43.44
N PHE C 152 21.37 6.56 -42.32
CA PHE C 152 21.59 5.96 -41.01
C PHE C 152 20.53 6.45 -40.02
N PHE C 153 20.48 5.82 -38.85
CA PHE C 153 19.63 6.25 -37.75
C PHE C 153 19.73 7.75 -37.50
N ASN C 154 18.61 8.45 -37.55
CA ASN C 154 18.61 9.90 -37.35
C ASN C 154 18.98 10.31 -35.93
N THR C 155 18.99 9.36 -35.01
CA THR C 155 19.35 9.65 -33.63
C THR C 155 20.87 9.60 -33.43
N MET C 156 21.57 9.03 -34.40
CA MET C 156 23.01 8.81 -34.26
C MET C 156 23.79 9.22 -35.51
N ALA C 157 25.10 9.42 -35.34
CA ALA C 157 25.98 9.69 -36.47
C ALA C 157 27.10 8.67 -36.50
N TRP C 158 27.11 7.83 -37.54
CA TRP C 158 28.17 6.85 -37.73
C TRP C 158 29.45 7.54 -38.22
N VAL C 159 30.19 8.14 -37.29
CA VAL C 159 31.39 8.88 -37.65
C VAL C 159 32.56 7.96 -37.97
N ILE C 160 33.27 8.30 -39.04
CA ILE C 160 34.44 7.54 -39.48
C ILE C 160 35.65 8.46 -39.56
N PRO C 161 36.79 8.02 -39.02
CA PRO C 161 38.01 8.83 -39.10
C PRO C 161 38.41 9.10 -40.55
N LYS C 162 38.86 10.32 -40.82
CA LYS C 162 39.32 10.70 -42.14
C LYS C 162 40.65 10.00 -42.42
N ASP C 163 41.06 9.97 -43.68
CA ASP C 163 42.26 9.25 -44.11
C ASP C 163 43.52 9.65 -43.32
N ASN C 164 43.55 10.89 -42.83
CA ASN C 164 44.67 11.34 -42.01
C ASN C 164 44.46 11.03 -40.54
N ASN C 165 43.48 10.18 -40.24
CA ASN C 165 43.09 9.91 -38.87
C ASN C 165 42.86 8.42 -38.60
N LYS C 166 43.33 7.57 -39.52
CA LYS C 166 43.20 6.13 -39.33
C LYS C 166 44.19 5.64 -38.28
N ILE C 167 43.89 5.94 -37.01
CA ILE C 167 44.79 5.63 -35.90
C ILE C 167 44.01 5.29 -34.63
N ALA C 168 44.56 4.41 -33.81
CA ALA C 168 43.96 4.10 -32.52
C ALA C 168 43.99 5.35 -31.63
N ILE C 169 43.01 5.48 -30.75
CA ILE C 169 43.00 6.61 -29.81
C ILE C 169 42.79 6.19 -28.36
N ASN C 170 43.29 7.01 -27.44
CA ASN C 170 42.90 6.92 -26.04
C ASN C 170 41.45 7.32 -25.90
N PRO C 171 40.75 6.81 -24.87
CA PRO C 171 39.36 7.18 -24.63
C PRO C 171 39.15 8.68 -24.51
N VAL C 172 38.36 9.27 -25.40
CA VAL C 172 38.07 10.68 -25.33
C VAL C 172 36.66 10.92 -24.80
N THR C 173 36.44 12.10 -24.23
CA THR C 173 35.18 12.42 -23.58
C THR C 173 34.41 13.52 -24.29
N VAL C 174 33.14 13.28 -24.57
CA VAL C 174 32.26 14.33 -25.04
C VAL C 174 31.17 14.55 -24.00
N GLU C 175 30.86 15.81 -23.72
CA GLU C 175 29.77 16.14 -22.83
C GLU C 175 28.49 16.33 -23.64
N VAL C 176 27.45 15.58 -23.30
CA VAL C 176 26.16 15.70 -23.98
C VAL C 176 25.27 16.72 -23.30
N PRO C 177 25.08 17.88 -23.95
CA PRO C 177 24.30 18.98 -23.38
C PRO C 177 22.81 18.69 -23.33
N TYR C 178 22.10 19.38 -22.43
CA TYR C 178 20.65 19.31 -22.39
C TYR C 178 20.06 20.35 -23.34
N ILE C 179 19.35 19.88 -24.37
CA ILE C 179 18.85 20.78 -25.40
C ILE C 179 17.33 20.77 -25.54
N CYS C 180 16.62 20.22 -24.56
CA CYS C 180 15.16 20.16 -24.62
C CYS C 180 14.49 21.35 -23.94
N SER C 181 13.18 21.47 -24.12
CA SER C 181 12.43 22.61 -23.61
C SER C 181 11.98 22.40 -22.16
N GLU C 182 11.48 23.45 -21.54
CA GLU C 182 11.09 23.47 -20.14
C GLU C 182 10.22 22.30 -19.69
N GLY C 183 10.77 21.49 -18.79
CA GLY C 183 10.03 20.39 -18.18
C GLY C 183 10.28 19.06 -18.86
N GLU C 184 10.85 19.10 -20.05
CA GLU C 184 11.03 17.90 -20.86
C GLU C 184 12.18 17.04 -20.39
N ASP C 185 12.00 15.73 -20.47
CA ASP C 185 13.10 14.78 -20.30
C ASP C 185 13.81 14.63 -21.64
N GLN C 186 15.13 14.48 -21.61
CA GLN C 186 15.86 14.19 -22.82
C GLN C 186 16.31 12.74 -22.80
N ILE C 187 16.00 11.99 -23.86
CA ILE C 187 16.44 10.62 -23.96
C ILE C 187 17.42 10.51 -25.12
N THR C 188 18.68 10.32 -24.76
CA THR C 188 19.77 10.37 -25.71
C THR C 188 20.14 8.98 -26.20
N VAL C 189 20.13 8.79 -27.52
CA VAL C 189 20.47 7.50 -28.11
C VAL C 189 21.88 7.55 -28.67
N TRP C 190 22.63 6.48 -28.44
CA TRP C 190 24.04 6.41 -28.82
C TRP C 190 24.48 4.95 -28.88
N GLY C 191 25.68 4.71 -29.40
CA GLY C 191 26.19 3.36 -29.47
C GLY C 191 27.56 3.26 -30.12
N PHE C 192 27.89 2.07 -30.59
CA PHE C 192 29.17 1.87 -31.27
C PHE C 192 29.12 0.75 -32.28
N HIS C 193 29.80 0.96 -33.40
CA HIS C 193 29.88 -0.04 -34.47
C HIS C 193 31.15 -0.87 -34.31
N SER C 194 31.05 -2.15 -34.64
CA SER C 194 32.20 -3.04 -34.62
C SER C 194 32.14 -3.97 -35.82
N ASP C 195 33.27 -4.58 -36.16
CA ASP C 195 33.37 -5.38 -37.37
C ASP C 195 34.43 -6.45 -37.22
N ASP C 196 34.72 -7.17 -38.29
CA ASP C 196 35.82 -8.14 -38.25
C ASP C 196 37.15 -7.40 -38.27
N LYS C 197 38.23 -8.13 -38.05
CA LYS C 197 39.57 -7.56 -37.93
C LYS C 197 39.95 -6.66 -39.11
N THR C 198 39.62 -7.10 -40.32
CA THR C 198 39.99 -6.38 -41.54
C THR C 198 39.26 -5.05 -41.67
N GLN C 199 37.93 -5.09 -41.53
CA GLN C 199 37.09 -3.90 -41.70
C GLN C 199 37.35 -2.86 -40.62
N MET C 200 37.69 -3.31 -39.42
CA MET C 200 38.02 -2.40 -38.32
C MET C 200 39.16 -1.45 -38.70
N GLU C 201 40.24 -2.01 -39.26
CA GLU C 201 41.38 -1.20 -39.68
C GLU C 201 41.09 -0.33 -40.89
N ARG C 202 40.32 -0.84 -41.85
CA ARG C 202 39.90 -0.02 -42.99
C ARG C 202 39.12 1.18 -42.49
N LEU C 203 38.17 0.92 -41.60
CA LEU C 203 37.30 1.95 -41.07
C LEU C 203 37.95 2.84 -40.02
N TYR C 204 38.70 2.22 -39.12
CA TYR C 204 39.11 2.92 -37.91
C TYR C 204 40.61 2.93 -37.66
N GLY C 205 41.34 2.03 -38.33
CA GLY C 205 42.78 1.98 -38.16
C GLY C 205 43.19 1.30 -36.87
N ASP C 206 42.29 0.48 -36.34
CA ASP C 206 42.53 -0.25 -35.10
C ASP C 206 41.63 -1.48 -35.09
N SER C 207 42.21 -2.64 -34.81
CA SER C 207 41.45 -3.89 -34.81
C SER C 207 41.39 -4.52 -33.42
N ASN C 208 41.85 -3.77 -32.42
CA ASN C 208 41.69 -4.17 -31.03
C ASN C 208 40.29 -3.80 -30.54
N PRO C 209 39.77 -4.54 -29.53
CA PRO C 209 38.46 -4.19 -28.96
C PRO C 209 38.42 -2.79 -28.40
N GLN C 210 37.33 -2.07 -28.67
CA GLN C 210 37.18 -0.70 -28.22
C GLN C 210 36.32 -0.62 -26.97
N LYS C 211 36.50 0.43 -26.17
CA LYS C 211 35.83 0.54 -24.89
C LYS C 211 35.01 1.82 -24.81
N PHE C 212 33.81 1.71 -24.26
CA PHE C 212 32.87 2.83 -24.20
C PHE C 212 32.22 2.95 -22.82
N THR C 213 32.09 4.18 -22.35
CA THR C 213 31.52 4.44 -21.03
C THR C 213 30.61 5.65 -21.02
N SER C 214 29.36 5.45 -20.57
CA SER C 214 28.42 6.55 -20.45
C SER C 214 28.16 6.85 -18.98
N SER C 215 27.70 8.06 -18.70
CA SER C 215 27.42 8.45 -17.33
C SER C 215 26.34 9.53 -17.25
N ALA C 216 25.26 9.22 -16.54
CA ALA C 216 24.15 10.16 -16.39
C ALA C 216 23.32 9.82 -15.16
N ASN C 217 22.95 10.85 -14.41
CA ASN C 217 22.18 10.72 -13.18
C ASN C 217 22.70 9.62 -12.24
N GLY C 218 24.02 9.60 -12.06
CA GLY C 218 24.64 8.67 -11.13
C GLY C 218 24.86 7.28 -11.70
N VAL C 219 24.36 7.05 -12.90
CA VAL C 219 24.47 5.75 -13.54
C VAL C 219 25.61 5.68 -14.54
N THR C 220 26.59 4.80 -14.26
CA THR C 220 27.64 4.54 -15.23
C THR C 220 27.42 3.17 -15.87
N THR C 221 27.63 3.09 -17.18
CA THR C 221 27.57 1.83 -17.89
C THR C 221 28.82 1.68 -18.75
N HIS C 222 29.38 0.48 -18.77
CA HIS C 222 30.64 0.24 -19.45
C HIS C 222 30.52 -0.90 -20.46
N TYR C 223 31.03 -0.67 -21.67
CA TYR C 223 30.99 -1.67 -22.73
C TYR C 223 32.36 -1.88 -23.35
N VAL C 224 32.60 -3.12 -23.80
CA VAL C 224 33.80 -3.44 -24.56
C VAL C 224 33.38 -4.14 -25.85
N SER C 225 33.84 -3.63 -26.99
CA SER C 225 33.39 -4.11 -28.29
C SER C 225 33.91 -5.50 -28.59
N GLN C 226 33.32 -6.15 -29.58
CA GLN C 226 33.75 -7.48 -30.01
C GLN C 226 34.28 -7.43 -31.44
N ILE C 227 35.38 -8.13 -31.70
CA ILE C 227 35.99 -8.13 -33.02
C ILE C 227 35.68 -9.42 -33.78
N GLY C 228 34.76 -9.33 -34.74
CA GLY C 228 34.37 -10.47 -35.55
C GLY C 228 33.66 -11.58 -34.79
N GLY C 229 33.28 -12.63 -35.51
CA GLY C 229 32.61 -13.77 -34.92
C GLY C 229 31.26 -13.45 -34.33
N PHE C 230 30.57 -12.48 -34.93
CA PHE C 230 29.29 -11.98 -34.42
C PHE C 230 28.14 -12.98 -34.56
N PRO C 231 27.10 -12.81 -33.71
CA PRO C 231 25.82 -13.48 -33.95
C PRO C 231 25.17 -12.96 -35.23
N ASN C 232 24.21 -13.71 -35.74
CA ASN C 232 23.59 -13.44 -37.04
C ASN C 232 22.72 -12.22 -37.05
N GLN C 233 22.67 -11.57 -38.20
CA GLN C 233 21.83 -10.42 -38.39
C GLN C 233 20.39 -10.84 -38.14
N THR C 234 19.67 -10.00 -37.40
CA THR C 234 18.27 -10.26 -37.13
C THR C 234 17.56 -8.94 -36.94
N GLU C 235 16.25 -8.93 -37.23
CA GLU C 235 15.42 -7.73 -37.06
C GLU C 235 15.98 -6.52 -37.80
N ASP C 236 16.68 -6.76 -38.90
CA ASP C 236 17.30 -5.68 -39.67
C ASP C 236 16.73 -5.57 -41.08
N GLU C 237 17.41 -4.81 -41.93
CA GLU C 237 16.93 -4.54 -43.28
C GLU C 237 17.03 -5.78 -44.16
N GLY C 238 17.86 -6.73 -43.74
CA GLY C 238 18.02 -7.98 -44.45
C GLY C 238 19.17 -8.01 -45.42
N LEU C 239 19.88 -6.90 -45.54
CA LEU C 239 21.07 -6.82 -46.40
C LEU C 239 22.28 -7.32 -45.62
N LYS C 240 23.03 -8.26 -46.18
CA LYS C 240 24.12 -8.90 -45.45
C LYS C 240 25.23 -7.91 -45.09
N GLN C 241 25.70 -8.00 -43.85
CA GLN C 241 26.73 -7.11 -43.32
C GLN C 241 27.68 -7.91 -42.44
N SER C 242 28.92 -7.46 -42.36
CA SER C 242 29.94 -8.15 -41.59
C SER C 242 30.07 -7.53 -40.21
N GLY C 243 29.49 -6.33 -40.05
CA GLY C 243 29.57 -5.62 -38.79
C GLY C 243 28.26 -5.58 -38.01
N ARG C 244 28.37 -5.22 -36.73
CA ARG C 244 27.23 -5.11 -35.85
C ARG C 244 27.33 -3.81 -35.06
N ILE C 245 26.19 -3.21 -34.73
CA ILE C 245 26.21 -2.08 -33.82
C ILE C 245 25.57 -2.44 -32.49
N VAL C 246 26.05 -1.80 -31.43
CA VAL C 246 25.43 -1.91 -30.13
C VAL C 246 24.81 -0.54 -29.83
N VAL C 247 23.54 -0.54 -29.44
CA VAL C 247 22.84 0.72 -29.22
C VAL C 247 22.36 0.79 -27.79
N ASP C 248 22.44 1.98 -27.20
CA ASP C 248 22.03 2.18 -25.83
C ASP C 248 21.32 3.54 -25.72
N TYR C 249 20.64 3.78 -24.61
CA TYR C 249 20.06 5.09 -24.40
C TYR C 249 20.42 5.63 -23.03
N MET C 250 20.38 6.95 -22.93
CA MET C 250 20.82 7.66 -21.74
C MET C 250 19.79 8.71 -21.39
N VAL C 251 19.19 8.60 -20.22
CA VAL C 251 18.14 9.53 -19.83
C VAL C 251 18.71 10.76 -19.12
N GLN C 252 18.41 11.93 -19.65
CA GLN C 252 18.84 13.17 -19.04
C GLN C 252 17.65 13.98 -18.54
N LYS C 253 17.59 14.19 -17.23
CA LYS C 253 16.52 14.95 -16.60
C LYS C 253 16.76 16.43 -16.87
N PRO C 254 15.75 17.30 -16.63
CA PRO C 254 15.87 18.72 -16.98
C PRO C 254 17.15 19.39 -16.47
N GLY C 255 17.89 19.99 -17.39
CA GLY C 255 19.11 20.71 -17.06
C GLY C 255 20.30 19.82 -16.74
N LYS C 256 20.17 18.53 -16.97
CA LYS C 256 21.26 17.59 -16.68
C LYS C 256 22.03 17.18 -17.93
N THR C 257 23.35 17.24 -17.82
CA THR C 257 24.23 16.78 -18.87
C THR C 257 24.60 15.31 -18.67
N GLY C 258 25.03 14.66 -19.74
CA GLY C 258 25.59 13.33 -19.65
C GLY C 258 26.92 13.33 -20.35
N THR C 259 27.73 12.30 -20.10
CA THR C 259 29.00 12.17 -20.81
C THR C 259 29.11 10.81 -21.47
N ILE C 260 29.80 10.78 -22.59
CA ILE C 260 30.16 9.52 -23.23
C ILE C 260 31.67 9.48 -23.45
N VAL C 261 32.31 8.45 -22.93
CA VAL C 261 33.73 8.26 -23.15
C VAL C 261 33.90 7.13 -24.15
N TYR C 262 34.53 7.43 -25.27
CA TYR C 262 34.55 6.50 -26.40
C TYR C 262 35.90 6.41 -27.10
N GLN C 263 36.06 5.35 -27.89
CA GLN C 263 37.21 5.21 -28.77
C GLN C 263 36.73 5.14 -30.22
N ARG C 264 37.14 4.11 -30.95
CA ARG C 264 36.78 3.99 -32.36
C ARG C 264 35.48 3.22 -32.56
N GLY C 265 34.67 3.68 -33.51
CA GLY C 265 33.41 3.03 -33.83
C GLY C 265 32.20 3.69 -33.22
N ILE C 266 32.43 4.76 -32.48
CA ILE C 266 31.38 5.49 -31.77
C ILE C 266 30.23 5.94 -32.66
N LEU C 267 29.00 5.67 -32.21
CA LEU C 267 27.82 6.28 -32.81
C LEU C 267 27.41 7.46 -31.96
N LEU C 268 27.80 8.66 -32.39
CA LEU C 268 27.52 9.86 -31.61
C LEU C 268 26.05 10.22 -31.69
N PRO C 269 25.47 10.61 -30.54
CA PRO C 269 24.08 11.06 -30.53
C PRO C 269 23.87 12.30 -31.39
N GLN C 270 22.81 12.30 -32.19
CA GLN C 270 22.45 13.47 -32.98
C GLN C 270 21.11 14.03 -32.51
N LYS C 271 20.03 13.58 -33.15
CA LYS C 271 18.69 13.98 -32.71
C LYS C 271 18.33 13.23 -31.43
N VAL C 272 17.71 13.93 -30.49
CA VAL C 272 17.35 13.32 -29.22
C VAL C 272 15.85 13.47 -28.95
N TRP C 273 15.31 12.56 -28.15
CA TRP C 273 13.91 12.62 -27.79
C TRP C 273 13.67 13.62 -26.68
N CYS C 274 12.65 14.45 -26.86
CA CYS C 274 12.22 15.39 -25.83
C CYS C 274 10.80 15.05 -25.41
N ALA C 275 10.65 14.62 -24.16
CA ALA C 275 9.37 14.10 -23.71
C ALA C 275 8.94 14.75 -22.39
N SER C 276 7.63 14.87 -22.22
CA SER C 276 7.08 15.47 -21.01
C SER C 276 5.71 14.89 -20.68
N GLY C 277 5.25 15.12 -19.46
CA GLY C 277 3.96 14.61 -19.02
C GLY C 277 4.00 13.12 -18.75
N ARG C 278 2.88 12.56 -18.30
CA ARG C 278 2.79 11.14 -18.09
C ARG C 278 1.61 10.52 -18.81
N SER C 279 1.86 9.41 -19.49
CA SER C 279 0.80 8.61 -20.07
C SER C 279 0.52 7.44 -19.15
N LYS C 280 -0.74 7.13 -18.93
CA LYS C 280 -1.11 5.96 -18.15
C LYS C 280 -1.00 4.73 -19.05
N VAL C 281 -0.25 3.74 -18.60
CA VAL C 281 0.14 2.62 -19.44
C VAL C 281 -0.31 1.28 -18.87
N ILE C 282 -0.91 0.46 -19.73
CA ILE C 282 -1.23 -0.92 -19.38
C ILE C 282 -0.89 -1.86 -20.52
N LYS C 283 -0.64 -3.14 -20.19
CA LYS C 283 -0.42 -4.16 -21.20
C LYS C 283 -1.68 -4.35 -22.02
N GLY C 284 -1.51 -4.53 -23.32
CA GLY C 284 -2.63 -4.79 -24.21
C GLY C 284 -2.15 -5.31 -25.55
N SER C 285 -3.06 -5.38 -26.51
CA SER C 285 -2.71 -5.85 -27.84
C SER C 285 -3.37 -4.98 -28.90
N LEU C 286 -2.87 -5.08 -30.13
CA LEU C 286 -3.38 -4.30 -31.24
C LEU C 286 -4.07 -5.22 -32.24
N PRO C 287 -5.03 -4.69 -33.02
CA PRO C 287 -5.47 -3.29 -33.05
C PRO C 287 -6.51 -2.97 -31.98
N LEU C 288 -6.70 -1.67 -31.73
CA LEU C 288 -7.75 -1.21 -30.82
C LEU C 288 -9.06 -1.12 -31.57
N ILE C 289 -10.08 -1.81 -31.07
CA ILE C 289 -11.36 -1.90 -31.76
C ILE C 289 -12.50 -1.26 -30.98
N GLY C 290 -12.92 -0.07 -31.41
CA GLY C 290 -14.06 0.59 -30.83
C GLY C 290 -13.77 1.38 -29.56
N GLU C 291 -14.79 1.57 -28.74
CA GLU C 291 -14.65 2.29 -27.48
C GLU C 291 -14.98 1.41 -26.28
N ALA C 292 -14.51 1.84 -25.11
CA ALA C 292 -14.83 1.17 -23.86
C ALA C 292 -14.68 2.13 -22.68
N ASP C 293 -15.42 1.87 -21.60
CA ASP C 293 -15.31 2.67 -20.39
C ASP C 293 -14.00 2.37 -19.69
N CYS C 294 -13.54 1.13 -19.85
CA CYS C 294 -12.44 0.60 -19.07
C CYS C 294 -11.51 -0.26 -19.92
N LEU C 295 -10.21 -0.01 -19.81
CA LEU C 295 -9.23 -0.90 -20.41
C LEU C 295 -8.61 -1.75 -19.30
N HIS C 296 -8.69 -3.06 -19.46
CA HIS C 296 -8.32 -4.00 -18.43
C HIS C 296 -7.31 -5.00 -19.00
N GLU C 297 -6.18 -5.16 -18.32
CA GLU C 297 -5.08 -5.98 -18.84
C GLU C 297 -5.50 -7.40 -19.17
N LYS C 298 -6.54 -7.88 -18.52
CA LYS C 298 -6.97 -9.27 -18.65
C LYS C 298 -8.20 -9.42 -19.53
N TYR C 299 -9.08 -8.42 -19.48
CA TYR C 299 -10.36 -8.50 -20.19
C TYR C 299 -10.44 -7.57 -21.39
N GLY C 300 -9.41 -6.75 -21.59
CA GLY C 300 -9.39 -5.84 -22.71
C GLY C 300 -10.38 -4.71 -22.49
N GLY C 301 -11.07 -4.31 -23.54
CA GLY C 301 -12.12 -3.31 -23.40
C GLY C 301 -13.34 -3.92 -22.74
N LEU C 302 -13.88 -3.21 -21.75
CA LEU C 302 -15.14 -3.62 -21.15
C LEU C 302 -15.90 -2.38 -20.68
N ASN C 303 -17.23 -2.47 -20.76
CA ASN C 303 -18.08 -1.39 -20.30
C ASN C 303 -18.58 -1.63 -18.88
N LYS C 304 -18.82 -0.55 -18.15
CA LYS C 304 -19.17 -0.63 -16.74
C LYS C 304 -20.68 -0.78 -16.53
N SER C 305 -21.06 -1.87 -15.86
CA SER C 305 -22.45 -2.09 -15.48
C SER C 305 -22.58 -2.12 -13.96
N LYS C 306 -22.38 -3.29 -13.37
CA LYS C 306 -22.30 -3.42 -11.91
C LYS C 306 -21.13 -2.63 -11.35
N PRO C 307 -21.25 -2.16 -10.11
CA PRO C 307 -20.19 -1.35 -9.48
C PRO C 307 -18.92 -2.15 -9.21
N TYR C 308 -19.06 -3.46 -9.03
CA TYR C 308 -17.91 -4.31 -8.72
C TYR C 308 -17.79 -5.44 -9.73
N TYR C 309 -16.69 -6.17 -9.68
CA TYR C 309 -16.56 -7.37 -10.51
C TYR C 309 -15.75 -8.45 -9.82
N THR C 310 -15.97 -9.70 -10.25
CA THR C 310 -15.22 -10.84 -9.76
C THR C 310 -14.40 -11.42 -10.89
N GLY C 311 -13.33 -12.13 -10.55
CA GLY C 311 -12.50 -12.75 -11.57
C GLY C 311 -11.03 -12.43 -11.38
N GLU C 312 -10.34 -12.20 -12.49
CA GLU C 312 -8.90 -11.93 -12.46
C GLU C 312 -8.62 -10.45 -12.27
N HIS C 313 -8.12 -10.08 -11.09
CA HIS C 313 -7.70 -8.71 -10.87
C HIS C 313 -6.41 -8.44 -11.65
N ALA C 314 -6.33 -7.27 -12.25
CA ALA C 314 -5.14 -6.83 -12.95
C ALA C 314 -5.20 -5.32 -13.12
N LYS C 315 -4.13 -4.73 -13.64
CA LYS C 315 -4.10 -3.29 -13.88
C LYS C 315 -5.23 -2.89 -14.84
N ALA C 316 -5.90 -1.79 -14.53
CA ALA C 316 -6.99 -1.31 -15.38
C ALA C 316 -7.14 0.21 -15.25
N ILE C 317 -7.45 0.85 -16.37
CA ILE C 317 -7.63 2.31 -16.39
C ILE C 317 -8.97 2.71 -17.00
N GLY C 318 -9.49 3.84 -16.55
CA GLY C 318 -10.75 4.36 -17.06
C GLY C 318 -11.85 4.23 -16.03
N ASN C 319 -13.09 4.21 -16.49
CA ASN C 319 -14.24 4.02 -15.60
C ASN C 319 -14.48 2.53 -15.37
N CYS C 320 -13.85 1.99 -14.33
CA CYS C 320 -13.81 0.54 -14.14
C CYS C 320 -14.61 0.08 -12.93
N PRO C 321 -15.12 -1.17 -12.99
CA PRO C 321 -15.65 -1.81 -11.79
C PRO C 321 -14.53 -2.13 -10.81
N ILE C 322 -14.83 -2.15 -9.52
CA ILE C 322 -13.81 -2.46 -8.51
C ILE C 322 -13.80 -3.95 -8.20
N TRP C 323 -12.62 -4.55 -8.21
CA TRP C 323 -12.46 -5.97 -7.95
C TRP C 323 -12.81 -6.34 -6.51
N VAL C 324 -13.48 -7.47 -6.34
CA VAL C 324 -13.79 -8.03 -5.02
C VAL C 324 -13.58 -9.54 -5.00
N LYS C 325 -13.31 -10.08 -3.82
CA LYS C 325 -13.04 -11.52 -3.66
C LYS C 325 -14.25 -12.41 -3.97
N THR C 326 -15.45 -11.95 -3.63
CA THR C 326 -16.64 -12.79 -3.74
C THR C 326 -17.77 -12.05 -4.44
N PRO C 327 -18.67 -12.80 -5.10
CA PRO C 327 -19.80 -12.14 -5.75
C PRO C 327 -20.78 -11.60 -4.71
N LEU C 328 -20.57 -10.35 -4.30
CA LEU C 328 -21.42 -9.74 -3.29
C LEU C 328 -22.81 -9.43 -3.83
N LYS C 329 -23.81 -9.56 -2.96
CA LYS C 329 -25.19 -9.26 -3.32
C LYS C 329 -25.84 -8.44 -2.22
N LEU C 330 -26.56 -7.39 -2.61
CA LEU C 330 -27.32 -6.59 -1.67
C LEU C 330 -28.72 -7.19 -1.51
N ALA C 331 -29.13 -7.39 -0.26
CA ALA C 331 -30.42 -8.01 0.01
C ALA C 331 -31.56 -7.11 -0.44
N ASN C 332 -32.48 -7.68 -1.21
CA ASN C 332 -33.67 -6.95 -1.65
C ASN C 332 -34.93 -7.78 -1.40
N GLY C 333 -35.21 -8.00 -0.11
CA GLY C 333 -36.37 -8.78 0.29
C GLY C 333 -36.31 -9.09 1.77
N THR C 334 -36.96 -10.17 2.17
CA THR C 334 -37.05 -10.52 3.58
C THR C 334 -36.36 -11.85 3.87
N LYS C 335 -35.82 -11.97 5.07
CA LYS C 335 -35.25 -13.24 5.54
C LYS C 335 -36.31 -14.33 5.49
N TYR C 336 -35.92 -15.52 5.05
CA TYR C 336 -36.85 -16.63 4.86
C TYR C 336 -37.64 -16.97 6.13
N ARG C 337 -38.94 -17.24 5.94
CA ARG C 337 -39.81 -17.75 6.99
C ARG C 337 -40.58 -18.97 6.52
N PRO C 338 -40.67 -20.01 7.36
CA PRO C 338 -41.52 -21.16 7.04
C PRO C 338 -42.99 -20.75 7.01
N PRO C 339 -43.80 -21.41 6.18
CA PRO C 339 -45.23 -21.07 6.17
C PRO C 339 -45.92 -21.32 7.51
N ALA C 340 -46.69 -20.34 7.97
CA ALA C 340 -47.34 -20.43 9.27
C ALA C 340 -48.57 -21.33 9.22
N LYS C 341 -48.66 -22.30 10.12
CA LYS C 341 -49.85 -23.13 10.24
C LYS C 341 -51.01 -22.34 10.84
N GLY D 1 -36.99 -11.13 14.01
CA GLY D 1 -35.60 -11.16 14.41
C GLY D 1 -35.42 -11.54 15.87
N PHE D 2 -34.53 -10.86 16.57
CA PHE D 2 -34.30 -11.15 17.98
C PHE D 2 -35.37 -10.47 18.83
N PHE D 3 -35.82 -9.30 18.39
CA PHE D 3 -36.90 -8.59 19.06
C PHE D 3 -38.17 -9.43 19.01
N GLY D 4 -38.57 -9.79 17.79
CA GLY D 4 -39.76 -10.59 17.58
C GLY D 4 -39.75 -11.94 18.27
N ALA D 5 -38.55 -12.50 18.42
CA ALA D 5 -38.41 -13.80 19.10
C ALA D 5 -38.71 -13.66 20.59
N ILE D 6 -38.16 -12.60 21.20
CA ILE D 6 -38.37 -12.34 22.61
C ILE D 6 -39.79 -11.83 22.86
N ALA D 7 -40.25 -10.95 21.97
CA ALA D 7 -41.57 -10.33 22.12
C ALA D 7 -42.69 -11.33 21.85
N GLY D 8 -42.32 -12.51 21.37
CA GLY D 8 -43.30 -13.53 21.02
C GLY D 8 -44.07 -13.21 19.75
N PHE D 9 -43.43 -12.45 18.85
CA PHE D 9 -44.01 -12.23 17.53
C PHE D 9 -44.04 -13.55 16.79
N LEU D 10 -44.99 -13.68 15.86
CA LEU D 10 -45.09 -14.88 15.03
C LEU D 10 -43.81 -15.06 14.19
N GLU D 11 -43.16 -16.19 14.36
CA GLU D 11 -41.89 -16.44 13.69
C GLU D 11 -42.07 -16.97 12.27
N GLY D 12 -43.25 -17.50 11.99
CA GLY D 12 -43.56 -17.98 10.66
C GLY D 12 -43.93 -16.85 9.72
N GLY D 13 -44.40 -17.21 8.53
CA GLY D 13 -44.76 -16.23 7.53
C GLY D 13 -45.98 -16.66 6.72
N TRP D 14 -46.47 -15.75 5.89
CA TRP D 14 -47.73 -15.97 5.16
C TRP D 14 -47.53 -16.00 3.65
N GLU D 15 -47.66 -17.19 3.05
CA GLU D 15 -47.54 -17.34 1.60
C GLU D 15 -48.55 -16.49 0.83
N GLY D 16 -49.67 -16.19 1.46
CA GLY D 16 -50.71 -15.38 0.84
C GLY D 16 -50.32 -13.93 0.65
N MET D 17 -49.29 -13.50 1.38
CA MET D 17 -48.80 -12.13 1.29
C MET D 17 -47.90 -12.00 0.06
N ILE D 18 -48.49 -11.55 -1.05
CA ILE D 18 -47.80 -11.55 -2.34
C ILE D 18 -47.44 -10.15 -2.82
N ALA D 19 -48.36 -9.21 -2.64
CA ALA D 19 -48.19 -7.85 -3.15
C ALA D 19 -47.08 -7.08 -2.44
N GLY D 20 -46.58 -7.63 -1.33
CA GLY D 20 -45.59 -6.94 -0.52
C GLY D 20 -44.84 -7.85 0.44
N TRP D 21 -43.93 -7.27 1.19
CA TRP D 21 -43.07 -8.03 2.09
C TRP D 21 -43.67 -8.09 3.48
N HIS D 22 -44.43 -7.05 3.82
CA HIS D 22 -44.92 -6.84 5.17
C HIS D 22 -46.43 -6.60 5.10
N GLY D 23 -47.13 -6.90 6.18
CA GLY D 23 -48.54 -6.56 6.24
C GLY D 23 -49.28 -7.10 7.45
N TYR D 24 -50.54 -7.45 7.23
CA TYR D 24 -51.43 -7.84 8.31
C TYR D 24 -52.12 -9.19 8.07
N THR D 25 -52.53 -9.82 9.16
CA THR D 25 -53.40 -10.99 9.06
C THR D 25 -54.63 -10.80 9.95
N SER D 26 -55.73 -11.42 9.56
CA SER D 26 -56.97 -11.32 10.32
C SER D 26 -57.50 -12.71 10.65
N HIS D 27 -57.70 -12.97 11.95
CA HIS D 27 -58.20 -14.27 12.39
C HIS D 27 -59.58 -14.14 13.03
N GLY D 28 -60.56 -14.81 12.44
CA GLY D 28 -61.92 -14.78 12.96
C GLY D 28 -62.75 -15.97 12.53
N ALA D 29 -64.02 -15.73 12.26
CA ALA D 29 -64.95 -16.78 11.83
C ALA D 29 -64.73 -17.11 10.36
N HIS D 30 -64.24 -16.11 9.62
CA HIS D 30 -63.94 -16.24 8.21
C HIS D 30 -62.75 -17.15 7.94
N GLY D 31 -62.04 -17.53 9.00
CA GLY D 31 -60.80 -18.25 8.87
C GLY D 31 -59.65 -17.29 9.10
N VAL D 32 -58.73 -17.22 8.15
CA VAL D 32 -57.60 -16.31 8.25
C VAL D 32 -57.38 -15.52 6.97
N ALA D 33 -57.57 -14.21 7.06
CA ALA D 33 -57.34 -13.30 5.92
C ALA D 33 -55.93 -12.71 5.98
N VAL D 34 -55.37 -12.43 4.80
CA VAL D 34 -54.01 -11.90 4.70
C VAL D 34 -53.94 -10.75 3.70
N ALA D 35 -53.33 -9.65 4.10
CA ALA D 35 -53.14 -8.51 3.21
C ALA D 35 -51.75 -7.89 3.38
N ALA D 36 -51.13 -7.51 2.26
CA ALA D 36 -49.84 -6.85 2.29
C ALA D 36 -49.98 -5.33 2.39
N ASP D 37 -49.05 -4.70 3.11
CA ASP D 37 -49.00 -3.26 3.19
C ASP D 37 -47.98 -2.70 2.21
N LEU D 38 -48.47 -1.96 1.21
CA LEU D 38 -47.60 -1.45 0.15
C LEU D 38 -46.71 -0.33 0.66
N LYS D 39 -47.24 0.47 1.58
CA LYS D 39 -46.49 1.58 2.16
C LYS D 39 -45.23 1.08 2.88
N SER D 40 -45.38 0.05 3.69
CA SER D 40 -44.26 -0.53 4.42
C SER D 40 -43.29 -1.21 3.46
N THR D 41 -43.83 -1.81 2.41
CA THR D 41 -43.02 -2.49 1.41
C THR D 41 -42.22 -1.48 0.59
N GLN D 42 -42.87 -0.39 0.17
CA GLN D 42 -42.22 0.64 -0.62
C GLN D 42 -41.07 1.27 0.16
N GLU D 43 -41.31 1.60 1.43
CA GLU D 43 -40.28 2.19 2.28
C GLU D 43 -39.05 1.29 2.37
N ALA D 44 -39.27 -0.01 2.55
CA ALA D 44 -38.18 -0.96 2.63
C ALA D 44 -37.40 -1.01 1.33
N ILE D 45 -38.10 -0.90 0.21
CA ILE D 45 -37.49 -0.96 -1.10
C ILE D 45 -36.69 0.31 -1.37
N ASN D 46 -37.22 1.44 -0.94
CA ASN D 46 -36.54 2.73 -1.13
C ASN D 46 -35.24 2.81 -0.35
N LYS D 47 -35.25 2.35 0.90
CA LYS D 47 -34.05 2.30 1.73
C LYS D 47 -32.95 1.48 1.06
N ILE D 48 -33.34 0.35 0.50
CA ILE D 48 -32.41 -0.53 -0.19
C ILE D 48 -31.86 0.11 -1.48
N THR D 49 -32.74 0.79 -2.21
CA THR D 49 -32.34 1.44 -3.45
C THR D 49 -31.35 2.56 -3.17
N LYS D 50 -31.61 3.31 -2.10
CA LYS D 50 -30.69 4.35 -1.65
C LYS D 50 -29.37 3.73 -1.22
N ASN D 51 -29.46 2.58 -0.55
CA ASN D 51 -28.29 1.88 -0.05
C ASN D 51 -27.45 1.35 -1.21
N LEU D 52 -28.13 1.02 -2.30
CA LEU D 52 -27.46 0.55 -3.51
C LEU D 52 -26.71 1.69 -4.19
N ASN D 53 -27.35 2.86 -4.26
CA ASN D 53 -26.74 4.05 -4.83
C ASN D 53 -25.49 4.45 -4.05
N SER D 54 -25.55 4.30 -2.74
CA SER D 54 -24.44 4.66 -1.86
C SER D 54 -23.24 3.76 -2.11
N LEU D 55 -23.48 2.46 -2.18
CA LEU D 55 -22.44 1.48 -2.46
C LEU D 55 -21.83 1.67 -3.85
N SER D 56 -22.63 2.17 -4.77
CA SER D 56 -22.22 2.32 -6.16
C SER D 56 -21.43 3.62 -6.39
N GLU D 57 -21.38 4.47 -5.37
CA GLU D 57 -20.74 5.77 -5.49
C GLU D 57 -19.23 5.74 -5.26
N LEU D 58 -18.74 4.65 -4.69
CA LEU D 58 -17.33 4.52 -4.34
C LEU D 58 -16.40 4.59 -5.56
N GLU D 59 -15.37 5.43 -5.47
CA GLU D 59 -14.34 5.49 -6.48
C GLU D 59 -12.97 5.20 -5.86
N VAL D 60 -12.17 4.42 -6.56
CA VAL D 60 -10.79 4.18 -6.16
C VAL D 60 -9.85 4.44 -7.33
N LYS D 61 -8.62 4.81 -7.02
CA LYS D 61 -7.63 5.10 -8.06
C LYS D 61 -7.38 3.88 -8.94
N ASN D 62 -7.29 4.11 -10.25
CA ASN D 62 -6.85 3.08 -11.17
C ASN D 62 -5.46 2.58 -10.82
N LEU D 63 -5.21 1.29 -11.05
CA LEU D 63 -3.87 0.76 -11.01
C LEU D 63 -3.36 0.57 -12.44
N GLN D 64 -2.30 1.29 -12.80
CA GLN D 64 -1.67 1.08 -14.10
C GLN D 64 -0.19 0.77 -13.92
N ARG D 65 0.54 0.70 -15.04
CA ARG D 65 1.97 0.43 -14.99
C ARG D 65 2.74 1.67 -14.57
N LEU D 66 3.91 1.46 -13.99
CA LEU D 66 4.86 2.52 -13.75
C LEU D 66 5.42 3.02 -15.07
N SER D 67 5.52 4.34 -15.22
CA SER D 67 6.03 4.92 -16.46
C SER D 67 7.53 4.71 -16.61
N GLY D 68 8.25 4.72 -15.48
CA GLY D 68 9.70 4.65 -15.51
C GLY D 68 10.28 3.25 -15.47
N ALA D 69 9.61 2.34 -14.75
CA ALA D 69 10.14 0.99 -14.57
C ALA D 69 10.03 0.15 -15.83
N MET D 70 11.18 -0.25 -16.37
CA MET D 70 11.23 -1.02 -17.61
C MET D 70 11.39 -2.51 -17.35
N ASN D 71 10.66 -3.31 -18.11
CA ASN D 71 10.80 -4.77 -18.08
C ASN D 71 12.26 -5.19 -18.24
N GLU D 72 12.62 -6.30 -17.59
CA GLU D 72 13.98 -6.84 -17.56
C GLU D 72 14.92 -6.00 -16.71
N LEU D 73 15.08 -4.72 -17.07
CA LEU D 73 15.98 -3.83 -16.34
C LEU D 73 15.55 -3.61 -14.89
N HIS D 74 14.24 -3.45 -14.67
CA HIS D 74 13.73 -3.13 -13.34
C HIS D 74 12.77 -4.17 -12.79
N ASP D 75 13.07 -5.44 -13.03
CA ASP D 75 12.16 -6.53 -12.62
C ASP D 75 11.95 -6.60 -11.10
N GLU D 76 12.97 -6.28 -10.33
CA GLU D 76 12.85 -6.27 -8.87
C GLU D 76 11.82 -5.23 -8.46
N ILE D 77 11.96 -4.03 -9.01
CA ILE D 77 11.01 -2.95 -8.77
C ILE D 77 9.60 -3.35 -9.20
N LEU D 78 9.50 -3.98 -10.37
CA LEU D 78 8.22 -4.40 -10.91
C LEU D 78 7.53 -5.43 -10.01
N GLU D 79 8.32 -6.26 -9.34
CA GLU D 79 7.78 -7.24 -8.42
C GLU D 79 7.11 -6.54 -7.23
N LEU D 80 7.76 -5.50 -6.72
CA LEU D 80 7.19 -4.72 -5.63
C LEU D 80 5.93 -4.00 -6.08
N ASP D 81 5.94 -3.52 -7.33
CA ASP D 81 4.78 -2.84 -7.90
C ASP D 81 3.59 -3.79 -8.00
N GLU D 82 3.86 -5.03 -8.39
CA GLU D 82 2.84 -6.07 -8.45
C GLU D 82 2.27 -6.32 -7.07
N LYS D 83 3.15 -6.29 -6.07
CA LYS D 83 2.75 -6.52 -4.69
C LYS D 83 1.86 -5.36 -4.21
N VAL D 84 2.24 -4.14 -4.59
CA VAL D 84 1.46 -2.96 -4.26
C VAL D 84 0.04 -3.05 -4.82
N ASP D 85 -0.07 -3.46 -6.08
CA ASP D 85 -1.37 -3.64 -6.73
C ASP D 85 -2.19 -4.71 -6.02
N ASP D 86 -1.54 -5.85 -5.78
CA ASP D 86 -2.21 -6.99 -5.16
C ASP D 86 -2.79 -6.65 -3.79
N LEU D 87 -2.04 -5.91 -2.98
CA LEU D 87 -2.48 -5.57 -1.64
C LEU D 87 -3.58 -4.51 -1.67
N ARG D 88 -3.52 -3.63 -2.67
CA ARG D 88 -4.58 -2.64 -2.86
C ARG D 88 -5.89 -3.36 -3.14
N ALA D 89 -5.84 -4.30 -4.08
CA ALA D 89 -7.02 -5.09 -4.43
C ALA D 89 -7.57 -5.80 -3.20
N ASP D 90 -6.66 -6.38 -2.42
CA ASP D 90 -7.02 -7.14 -1.22
C ASP D 90 -7.69 -6.26 -0.18
N THR D 91 -7.10 -5.11 0.09
CA THR D 91 -7.57 -4.22 1.15
C THR D 91 -8.93 -3.58 0.83
N ILE D 92 -9.05 -3.05 -0.38
CA ILE D 92 -10.29 -2.40 -0.81
C ILE D 92 -11.44 -3.41 -0.92
N SER D 93 -11.11 -4.63 -1.34
CA SER D 93 -12.12 -5.69 -1.43
C SER D 93 -12.74 -5.97 -0.06
N SER D 94 -11.88 -6.08 0.96
CA SER D 94 -12.34 -6.38 2.30
C SER D 94 -13.11 -5.21 2.88
N GLN D 95 -12.77 -4.00 2.46
CA GLN D 95 -13.47 -2.80 2.90
C GLN D 95 -14.88 -2.79 2.30
N ILE D 96 -14.98 -3.11 1.03
CA ILE D 96 -16.27 -3.22 0.36
C ILE D 96 -17.08 -4.38 0.96
N GLU D 97 -16.42 -5.48 1.25
CA GLU D 97 -17.06 -6.61 1.90
C GLU D 97 -17.66 -6.20 3.24
N LEU D 98 -16.93 -5.35 3.95
CA LEU D 98 -17.41 -4.82 5.23
C LEU D 98 -18.60 -3.90 5.04
N ALA D 99 -18.51 -3.03 4.04
CA ALA D 99 -19.56 -2.06 3.76
C ALA D 99 -20.86 -2.76 3.36
N VAL D 100 -20.74 -3.82 2.59
CA VAL D 100 -21.91 -4.57 2.14
C VAL D 100 -22.51 -5.39 3.28
N LEU D 101 -21.65 -5.95 4.13
CA LEU D 101 -22.11 -6.73 5.27
C LEU D 101 -22.97 -5.88 6.20
N LEU D 102 -22.52 -4.65 6.45
CA LEU D 102 -23.25 -3.73 7.30
C LEU D 102 -24.56 -3.30 6.65
N SER D 103 -24.57 -3.19 5.32
CA SER D 103 -25.77 -2.84 4.60
C SER D 103 -26.85 -3.90 4.77
N ASN D 104 -26.46 -5.16 4.55
CA ASN D 104 -27.38 -6.28 4.70
C ASN D 104 -27.78 -6.50 6.16
N GLU D 105 -26.87 -6.20 7.08
CA GLU D 105 -27.18 -6.29 8.50
C GLU D 105 -28.32 -5.35 8.86
N GLY D 106 -28.25 -4.13 8.35
CA GLY D 106 -29.30 -3.14 8.58
C GLY D 106 -30.61 -3.55 7.95
N ILE D 107 -30.54 -4.06 6.73
CA ILE D 107 -31.74 -4.42 5.97
C ILE D 107 -32.50 -5.58 6.62
N ILE D 108 -31.78 -6.63 7.00
CA ILE D 108 -32.40 -7.79 7.65
C ILE D 108 -32.94 -7.44 9.04
N ASN D 109 -32.19 -6.64 9.80
CA ASN D 109 -32.60 -6.23 11.13
C ASN D 109 -33.86 -5.38 11.14
N SER D 110 -34.06 -4.59 10.08
CA SER D 110 -35.14 -3.61 10.05
C SER D 110 -36.53 -4.23 9.92
N GLU D 111 -36.58 -5.55 9.71
CA GLU D 111 -37.84 -6.25 9.53
C GLU D 111 -38.79 -6.04 10.71
N ASP D 112 -38.32 -6.33 11.93
CA ASP D 112 -39.15 -6.14 13.11
C ASP D 112 -39.53 -4.68 13.32
N GLU D 113 -38.65 -3.77 12.92
CA GLU D 113 -38.92 -2.34 13.03
C GLU D 113 -40.10 -1.93 12.15
N HIS D 114 -40.21 -2.55 10.98
CA HIS D 114 -41.34 -2.32 10.09
C HIS D 114 -42.63 -2.79 10.76
N LEU D 115 -42.58 -4.00 11.34
CA LEU D 115 -43.71 -4.57 12.05
C LEU D 115 -44.18 -3.66 13.19
N LEU D 116 -43.22 -3.13 13.94
CA LEU D 116 -43.53 -2.25 15.06
C LEU D 116 -44.22 -0.98 14.60
N ALA D 117 -43.87 -0.51 13.41
CA ALA D 117 -44.49 0.69 12.85
C ALA D 117 -45.86 0.36 12.27
N LEU D 118 -46.02 -0.89 11.82
CA LEU D 118 -47.29 -1.33 11.29
C LEU D 118 -48.32 -1.52 12.41
N GLU D 119 -47.81 -1.78 13.61
CA GLU D 119 -48.65 -1.82 14.80
C GLU D 119 -49.30 -0.46 15.02
N ARG D 120 -48.50 0.59 14.84
CA ARG D 120 -48.95 1.96 15.08
C ARG D 120 -49.95 2.42 14.03
N LYS D 121 -49.81 1.89 12.81
CA LYS D 121 -50.77 2.17 11.75
C LYS D 121 -52.10 1.48 12.06
N LEU D 122 -51.99 0.21 12.44
CA LEU D 122 -53.15 -0.61 12.75
C LEU D 122 -53.88 -0.09 13.99
N LYS D 123 -53.13 0.21 15.04
CA LYS D 123 -53.70 0.66 16.31
C LYS D 123 -54.59 1.87 16.17
N LYS D 124 -54.10 2.90 15.49
CA LYS D 124 -54.87 4.14 15.33
C LYS D 124 -56.14 3.90 14.54
N MET D 125 -56.06 3.07 13.52
CA MET D 125 -57.22 2.77 12.68
C MET D 125 -58.29 2.00 13.45
N LEU D 126 -57.84 1.09 14.32
CA LEU D 126 -58.76 0.23 15.06
C LEU D 126 -59.58 0.99 16.10
N GLY D 127 -59.11 2.17 16.48
CA GLY D 127 -59.80 2.99 17.47
C GLY D 127 -59.62 2.52 18.90
N PRO D 128 -60.11 3.32 19.86
CA PRO D 128 -59.88 3.09 21.30
C PRO D 128 -60.60 1.87 21.86
N SER D 129 -61.47 1.24 21.07
CA SER D 129 -62.22 0.09 21.54
C SER D 129 -61.43 -1.20 21.37
N ALA D 130 -60.34 -1.15 20.62
CA ALA D 130 -59.52 -2.33 20.37
C ALA D 130 -58.55 -2.56 21.51
N VAL D 131 -58.09 -3.81 21.65
CA VAL D 131 -57.24 -4.19 22.76
C VAL D 131 -55.87 -4.65 22.27
N GLU D 132 -54.83 -3.92 22.66
CA GLU D 132 -53.47 -4.25 22.25
C GLU D 132 -52.93 -5.37 23.12
N ILE D 133 -52.58 -6.48 22.49
CA ILE D 133 -52.11 -7.66 23.23
C ILE D 133 -50.63 -7.55 23.57
N GLY D 134 -49.84 -7.03 22.63
CA GLY D 134 -48.42 -6.84 22.85
C GLY D 134 -47.53 -7.67 21.93
N ASN D 135 -48.07 -8.76 21.40
CA ASN D 135 -47.30 -9.62 20.51
C ASN D 135 -47.50 -9.22 19.05
N GLY D 136 -47.95 -7.99 18.84
CA GLY D 136 -48.22 -7.49 17.49
C GLY D 136 -49.65 -7.71 17.07
N CYS D 137 -50.49 -8.13 18.00
CA CYS D 137 -51.89 -8.43 17.69
C CYS D 137 -52.84 -7.52 18.46
N PHE D 138 -53.98 -7.24 17.84
CA PHE D 138 -55.06 -6.50 18.50
C PHE D 138 -56.35 -7.31 18.50
N GLU D 139 -57.11 -7.24 19.60
CA GLU D 139 -58.40 -7.90 19.65
C GLU D 139 -59.51 -6.89 19.36
N THR D 140 -60.35 -7.19 18.38
CA THR D 140 -61.41 -6.29 17.95
C THR D 140 -62.79 -6.73 18.39
N LYS D 141 -63.71 -5.77 18.55
CA LYS D 141 -65.09 -6.06 18.86
C LYS D 141 -65.84 -6.51 17.61
N HIS D 142 -65.36 -6.06 16.46
CA HIS D 142 -66.00 -6.33 15.19
C HIS D 142 -65.32 -7.44 14.42
N LYS D 143 -66.03 -7.99 13.44
CA LYS D 143 -65.45 -8.98 12.56
C LYS D 143 -64.61 -8.22 11.53
N CYS D 144 -63.57 -8.87 11.03
CA CYS D 144 -62.73 -8.26 10.01
C CYS D 144 -62.32 -9.33 9.02
N ASN D 145 -63.14 -9.54 8.00
CA ASN D 145 -62.80 -10.51 6.99
C ASN D 145 -61.87 -9.85 5.95
N GLN D 146 -61.58 -10.55 4.86
CA GLN D 146 -60.65 -10.06 3.84
C GLN D 146 -61.00 -8.66 3.28
N THR D 147 -62.28 -8.35 3.16
CA THR D 147 -62.70 -7.05 2.67
C THR D 147 -62.31 -5.96 3.66
N CYS D 148 -62.50 -6.25 4.94
CA CYS D 148 -62.12 -5.35 6.02
C CYS D 148 -60.61 -5.16 6.08
N LEU D 149 -59.87 -6.28 6.04
CA LEU D 149 -58.41 -6.25 6.09
C LEU D 149 -57.81 -5.42 4.97
N ASP D 150 -58.36 -5.54 3.77
CA ASP D 150 -57.88 -4.78 2.61
C ASP D 150 -58.00 -3.28 2.86
N ARG D 151 -59.03 -2.89 3.59
CA ARG D 151 -59.26 -1.49 3.93
C ARG D 151 -58.21 -1.01 4.93
N ILE D 152 -57.80 -1.91 5.81
CA ILE D 152 -56.75 -1.61 6.78
C ILE D 152 -55.41 -1.39 6.09
N ALA D 153 -55.01 -2.37 5.26
CA ALA D 153 -53.78 -2.27 4.49
C ALA D 153 -53.74 -0.99 3.65
N ALA D 154 -54.89 -0.62 3.09
CA ALA D 154 -54.99 0.58 2.26
C ALA D 154 -55.08 1.85 3.09
N GLY D 155 -55.31 1.71 4.38
CA GLY D 155 -55.38 2.86 5.28
C GLY D 155 -56.72 3.57 5.21
N THR D 156 -57.72 2.90 4.67
CA THR D 156 -59.03 3.52 4.47
C THR D 156 -60.04 3.05 5.51
N PHE D 157 -59.65 2.04 6.28
CA PHE D 157 -60.49 1.50 7.34
C PHE D 157 -60.96 2.55 8.34
N ASN D 158 -62.26 2.56 8.60
CA ASN D 158 -62.83 3.40 9.65
C ASN D 158 -63.54 2.53 10.67
N ALA D 159 -63.42 2.89 11.95
CA ALA D 159 -64.06 2.13 13.02
C ALA D 159 -65.54 2.49 13.08
N GLY D 160 -65.88 3.64 12.50
CA GLY D 160 -67.26 4.08 12.39
C GLY D 160 -68.04 3.19 11.44
N ASP D 161 -67.33 2.37 10.69
CA ASP D 161 -67.96 1.41 9.78
C ASP D 161 -68.55 0.24 10.56
N PHE D 162 -68.35 0.26 11.88
CA PHE D 162 -69.01 -0.66 12.79
C PHE D 162 -69.59 0.12 13.96
N SER D 163 -69.78 1.42 13.74
CA SER D 163 -70.30 2.33 14.77
C SER D 163 -69.45 2.33 16.04
N LEU D 164 -68.19 1.92 15.92
CA LEU D 164 -67.28 1.90 17.05
C LEU D 164 -66.54 3.25 17.12
N PRO D 165 -66.07 3.62 18.32
CA PRO D 165 -65.40 4.92 18.45
C PRO D 165 -64.06 4.97 17.71
N THR D 166 -63.65 6.16 17.30
CA THR D 166 -62.39 6.37 16.60
C THR D 166 -61.53 7.41 17.30
N PHE D 167 -60.21 7.31 17.12
CA PHE D 167 -59.38 8.49 17.34
C PHE D 167 -59.57 9.40 16.13
N ASP D 168 -60.24 10.53 16.31
CA ASP D 168 -60.47 11.47 15.22
C ASP D 168 -59.24 12.31 14.91
N SER D 169 -58.81 12.31 13.66
CA SER D 169 -57.58 12.99 13.29
C SER D 169 -57.85 14.47 13.02
N ASP E 1 -48.97 -5.00 42.77
CA ASP E 1 -47.53 -5.16 42.59
C ASP E 1 -47.06 -4.54 41.28
N ARG E 2 -45.79 -4.16 41.24
CA ARG E 2 -45.21 -3.59 40.04
C ARG E 2 -44.18 -4.54 39.43
N ILE E 3 -44.44 -4.97 38.20
CA ILE E 3 -43.51 -5.85 37.50
C ILE E 3 -42.79 -5.06 36.43
N CYS E 4 -41.46 -5.13 36.43
CA CYS E 4 -40.66 -4.35 35.51
C CYS E 4 -39.69 -5.21 34.70
N THR E 5 -39.15 -4.63 33.64
CA THR E 5 -38.06 -5.24 32.90
C THR E 5 -36.76 -4.68 33.46
N GLY E 6 -35.80 -5.55 33.76
CA GLY E 6 -34.56 -5.11 34.36
C GLY E 6 -33.30 -5.74 33.80
N ILE E 7 -32.17 -5.12 34.08
CA ILE E 7 -30.87 -5.62 33.63
C ILE E 7 -30.01 -5.94 34.85
N THR E 8 -29.21 -7.01 34.76
CA THR E 8 -28.37 -7.45 35.87
C THR E 8 -27.33 -6.43 36.28
N SER E 9 -26.69 -6.66 37.43
CA SER E 9 -25.57 -5.83 37.88
C SER E 9 -24.44 -6.71 38.40
N SER E 10 -23.27 -6.58 37.78
CA SER E 10 -22.14 -7.41 38.14
C SER E 10 -20.84 -6.62 38.07
N ASN E 11 -19.78 -7.20 38.62
CA ASN E 11 -18.46 -6.61 38.48
C ASN E 11 -18.10 -6.46 37.01
N SER E 12 -17.68 -5.26 36.62
CA SER E 12 -17.44 -4.96 35.22
C SER E 12 -16.07 -4.34 34.99
N PRO E 13 -15.01 -5.14 35.12
CA PRO E 13 -13.64 -4.64 35.00
C PRO E 13 -13.19 -4.40 33.55
N HIS E 14 -13.91 -4.97 32.59
CA HIS E 14 -13.51 -4.89 31.19
C HIS E 14 -14.10 -3.66 30.51
N VAL E 15 -13.35 -3.10 29.56
CA VAL E 15 -13.74 -1.87 28.88
C VAL E 15 -13.68 -2.02 27.36
N VAL E 16 -14.71 -1.52 26.67
CA VAL E 16 -14.71 -1.46 25.21
C VAL E 16 -15.11 -0.07 24.75
N LYS E 17 -14.67 0.30 23.56
CA LYS E 17 -15.03 1.59 22.99
C LYS E 17 -16.28 1.49 22.13
N THR E 18 -17.15 2.50 22.22
CA THR E 18 -18.32 2.58 21.37
C THR E 18 -18.30 3.88 20.57
N ALA E 19 -19.08 3.92 19.49
CA ALA E 19 -19.20 5.12 18.67
C ALA E 19 -19.91 6.26 19.41
N THR E 20 -21.02 5.95 20.07
CA THR E 20 -21.89 7.01 20.59
C THR E 20 -21.91 7.13 22.11
N GLN E 21 -21.16 6.29 22.81
CA GLN E 21 -21.15 6.35 24.28
C GLN E 21 -19.74 6.31 24.87
N GLY E 22 -18.73 6.39 24.01
CA GLY E 22 -17.35 6.34 24.45
C GLY E 22 -16.98 4.98 25.02
N GLU E 23 -15.99 4.95 25.91
CA GLU E 23 -15.62 3.71 26.59
C GLU E 23 -16.64 3.36 27.67
N VAL E 24 -17.01 2.09 27.72
CA VAL E 24 -17.96 1.62 28.73
C VAL E 24 -17.46 0.33 29.40
N ASN E 25 -17.69 0.22 30.70
CA ASN E 25 -17.40 -1.01 31.41
C ASN E 25 -18.45 -2.05 31.03
N VAL E 26 -18.04 -3.32 31.00
CA VAL E 26 -18.96 -4.41 30.70
C VAL E 26 -18.72 -5.61 31.59
N THR E 27 -19.71 -6.49 31.68
CA THR E 27 -19.65 -7.63 32.58
C THR E 27 -18.81 -8.76 32.01
N GLY E 28 -18.65 -8.76 30.69
CA GLY E 28 -17.90 -9.81 30.03
C GLY E 28 -17.43 -9.41 28.64
N VAL E 29 -16.24 -9.88 28.27
CA VAL E 29 -15.73 -9.68 26.93
C VAL E 29 -15.22 -10.97 26.33
N ILE E 30 -15.14 -11.00 25.00
CA ILE E 30 -14.41 -12.05 24.31
C ILE E 30 -13.16 -11.44 23.72
N PRO E 31 -11.99 -11.80 24.26
CA PRO E 31 -10.74 -11.23 23.76
C PRO E 31 -10.50 -11.67 22.32
N LEU E 32 -10.10 -10.74 21.47
CA LEU E 32 -9.92 -11.03 20.05
C LEU E 32 -8.45 -11.15 19.70
N THR E 33 -7.59 -10.85 20.66
CA THR E 33 -6.15 -10.89 20.44
C THR E 33 -5.38 -11.64 21.52
N THR E 34 -4.15 -12.01 21.17
CA THR E 34 -3.14 -12.44 22.13
C THR E 34 -1.83 -11.81 21.70
N THR E 35 -0.88 -11.72 22.62
CA THR E 35 0.48 -11.37 22.24
C THR E 35 1.28 -12.65 22.14
N PRO E 36 1.73 -12.99 20.92
CA PRO E 36 2.47 -14.24 20.73
C PRO E 36 3.82 -14.23 21.43
N THR E 37 4.36 -15.41 21.68
CA THR E 37 5.68 -15.55 22.28
C THR E 37 6.66 -16.13 21.27
N ARG E 38 7.93 -15.72 21.35
CA ARG E 38 8.93 -16.27 20.45
C ARG E 38 9.12 -17.76 20.63
N SER E 39 9.06 -18.47 19.51
CA SER E 39 9.22 -19.91 19.48
C SER E 39 10.20 -20.27 18.38
N HIS E 40 10.64 -21.52 18.39
CA HIS E 40 11.43 -22.06 17.29
C HIS E 40 10.62 -22.02 16.01
N PHE E 41 11.28 -21.88 14.87
CA PHE E 41 10.58 -21.94 13.60
C PHE E 41 10.23 -23.40 13.31
N ALA E 42 9.36 -23.61 12.34
CA ALA E 42 8.82 -24.95 12.09
C ALA E 42 8.43 -25.15 10.64
N ASN E 43 7.93 -26.33 10.33
CA ASN E 43 7.34 -26.58 9.02
C ASN E 43 5.96 -25.95 8.96
N LEU E 44 5.65 -25.32 7.83
CA LEU E 44 4.33 -24.76 7.62
C LEU E 44 3.35 -25.89 7.35
N LYS E 45 2.31 -26.00 8.17
CA LYS E 45 1.30 -27.04 7.98
C LYS E 45 0.70 -27.03 6.58
N GLY E 46 0.75 -28.19 5.91
CA GLY E 46 0.14 -28.33 4.60
C GLY E 46 1.02 -27.78 3.49
N THR E 47 2.29 -27.58 3.79
CA THR E 47 3.22 -27.03 2.81
C THR E 47 4.65 -27.38 3.17
N GLN E 48 5.32 -28.10 2.27
CA GLN E 48 6.70 -28.50 2.47
C GLN E 48 7.59 -27.25 2.54
N THR E 49 8.38 -27.15 3.61
CA THR E 49 9.11 -25.92 3.89
C THR E 49 10.61 -26.09 3.75
N ARG E 50 11.21 -25.24 2.93
CA ARG E 50 12.63 -25.31 2.63
C ARG E 50 13.48 -24.58 3.67
N GLY E 51 14.55 -25.25 4.12
CA GLY E 51 15.52 -24.66 5.00
C GLY E 51 16.81 -24.55 4.21
N LYS E 52 17.71 -25.51 4.42
CA LYS E 52 18.86 -25.68 3.55
C LYS E 52 18.41 -25.96 2.12
N LEU E 53 19.15 -25.44 1.15
CA LEU E 53 18.87 -25.69 -0.26
C LEU E 53 18.93 -27.18 -0.58
N CYS E 54 20.05 -27.80 -0.26
CA CYS E 54 20.26 -29.22 -0.51
C CYS E 54 20.38 -30.03 0.78
N PRO E 55 19.26 -30.62 1.23
CA PRO E 55 19.18 -31.35 2.50
C PRO E 55 20.17 -32.51 2.58
N ASN E 56 20.49 -33.13 1.44
CA ASN E 56 21.37 -34.28 1.41
C ASN E 56 22.85 -33.90 1.26
N CYS E 57 23.11 -32.61 1.11
CA CYS E 57 24.48 -32.11 1.04
C CYS E 57 25.04 -31.82 2.43
N PHE E 58 25.62 -32.85 3.04
CA PHE E 58 26.13 -32.77 4.41
C PHE E 58 27.45 -31.99 4.40
N ASN E 59 27.68 -31.19 5.44
CA ASN E 59 28.83 -30.25 5.52
C ASN E 59 28.83 -29.24 4.40
N CYS E 60 27.65 -28.87 3.92
CA CYS E 60 27.58 -27.88 2.86
C CYS E 60 26.71 -26.72 3.26
N THR E 61 27.24 -25.51 3.12
CA THR E 61 26.43 -24.32 3.31
C THR E 61 25.66 -24.11 2.02
N ASP E 62 24.59 -23.32 2.09
CA ASP E 62 23.80 -23.02 0.90
C ASP E 62 24.66 -22.40 -0.20
N LEU E 63 25.56 -21.51 0.20
CA LEU E 63 26.46 -20.87 -0.75
C LEU E 63 27.41 -21.90 -1.38
N ASP E 64 27.90 -22.85 -0.57
CA ASP E 64 28.69 -23.97 -1.08
C ASP E 64 27.95 -24.67 -2.23
N VAL E 65 26.68 -24.98 -1.98
CA VAL E 65 25.86 -25.70 -2.95
C VAL E 65 25.64 -24.84 -4.20
N ALA E 66 25.37 -23.57 -3.99
CA ALA E 66 25.08 -22.65 -5.09
C ALA E 66 26.29 -22.47 -6.00
N LEU E 67 27.49 -22.53 -5.42
CA LEU E 67 28.71 -22.39 -6.19
C LEU E 67 29.15 -23.70 -6.84
N GLY E 68 28.56 -24.81 -6.41
CA GLY E 68 28.91 -26.11 -6.96
C GLY E 68 30.21 -26.64 -6.39
N ARG E 69 30.46 -26.32 -5.12
CA ARG E 69 31.59 -26.88 -4.39
C ARG E 69 31.58 -28.40 -4.49
N PRO E 70 32.74 -28.99 -4.78
CA PRO E 70 32.84 -30.46 -4.86
C PRO E 70 32.36 -31.10 -3.55
N LYS E 71 31.69 -32.25 -3.67
CA LYS E 71 31.05 -32.98 -2.56
C LYS E 71 29.71 -32.33 -2.18
N CYS E 72 29.40 -31.19 -2.76
CA CYS E 72 28.18 -30.47 -2.42
C CYS E 72 27.17 -30.41 -3.56
N MET E 73 27.08 -31.49 -4.32
CA MET E 73 26.04 -31.61 -5.35
C MET E 73 24.97 -32.59 -4.91
N GLY E 74 23.72 -32.27 -5.19
CA GLY E 74 22.61 -33.12 -4.80
C GLY E 74 21.27 -32.58 -5.22
N ASN E 75 20.22 -33.34 -4.92
CA ASN E 75 18.85 -32.94 -5.23
C ASN E 75 18.43 -31.70 -4.46
N ILE E 76 17.86 -30.73 -5.16
CA ILE E 76 17.32 -29.55 -4.51
C ILE E 76 15.82 -29.53 -4.69
N PRO E 77 15.09 -29.99 -3.67
CA PRO E 77 13.63 -30.19 -3.74
C PRO E 77 12.89 -28.87 -3.90
N SER E 78 11.79 -28.92 -4.65
CA SER E 78 10.93 -27.75 -4.81
C SER E 78 10.23 -27.41 -3.50
N ALA E 79 9.87 -26.14 -3.34
CA ALA E 79 9.20 -25.69 -2.13
C ALA E 79 8.44 -24.39 -2.38
N LYS E 80 7.19 -24.34 -1.93
CA LYS E 80 6.38 -23.15 -2.07
C LYS E 80 6.68 -22.14 -0.97
N VAL E 81 7.47 -22.58 0.00
CA VAL E 81 7.81 -21.75 1.15
C VAL E 81 9.26 -21.99 1.57
N SER E 82 10.00 -20.91 1.77
CA SER E 82 11.42 -21.02 2.08
C SER E 82 11.81 -20.10 3.24
N ILE E 83 12.68 -20.60 4.11
CA ILE E 83 13.20 -19.80 5.20
C ILE E 83 14.56 -19.21 4.82
N LEU E 84 14.68 -17.89 4.92
CA LEU E 84 15.96 -17.23 4.74
C LEU E 84 16.66 -17.18 6.09
N HIS E 85 17.65 -18.05 6.28
CA HIS E 85 18.29 -18.21 7.58
C HIS E 85 19.69 -17.57 7.63
N GLU E 86 20.20 -17.16 6.47
CA GLU E 86 21.46 -16.41 6.41
C GLU E 86 21.27 -15.09 5.66
N VAL E 87 21.31 -13.98 6.37
CA VAL E 87 21.20 -12.67 5.72
C VAL E 87 22.46 -12.35 4.92
N LYS E 88 23.59 -12.92 5.32
CA LYS E 88 24.83 -12.79 4.56
C LYS E 88 25.53 -14.15 4.48
N PRO E 89 25.07 -15.01 3.55
CA PRO E 89 25.51 -16.41 3.40
C PRO E 89 27.01 -16.58 3.25
N VAL E 90 27.55 -17.63 3.85
CA VAL E 90 28.98 -17.88 3.84
C VAL E 90 29.36 -19.21 3.20
N THR E 91 30.60 -19.29 2.70
CA THR E 91 31.17 -20.55 2.22
C THR E 91 31.88 -21.26 3.37
N SER E 92 32.12 -22.56 3.21
CA SER E 92 32.81 -23.32 4.25
C SER E 92 33.81 -24.30 3.65
N GLY E 93 34.48 -23.90 2.58
CA GLY E 93 35.45 -24.76 1.93
C GLY E 93 35.89 -24.26 0.56
N CYS E 94 36.61 -25.12 -0.14
CA CYS E 94 37.13 -24.86 -1.49
C CYS E 94 38.06 -23.65 -1.55
N TYR E 95 38.33 -23.19 -2.77
CA TYR E 95 39.32 -22.15 -3.04
C TYR E 95 38.88 -20.80 -2.46
N PRO E 96 39.84 -20.05 -1.88
CA PRO E 96 39.55 -18.77 -1.24
C PRO E 96 38.91 -17.75 -2.18
N ILE E 97 37.72 -17.28 -1.79
CA ILE E 97 36.99 -16.27 -2.53
C ILE E 97 37.08 -14.91 -1.82
N MET E 98 37.17 -13.83 -2.59
CA MET E 98 37.01 -12.50 -2.03
C MET E 98 35.55 -12.07 -2.19
N HIS E 99 34.72 -12.55 -1.28
CA HIS E 99 33.26 -12.43 -1.37
C HIS E 99 32.72 -11.01 -1.50
N ASP E 100 33.19 -10.12 -0.64
CA ASP E 100 32.61 -8.78 -0.53
C ASP E 100 32.88 -7.87 -1.73
N ARG E 101 33.66 -8.37 -2.70
CA ARG E 101 33.97 -7.58 -3.88
C ARG E 101 32.90 -7.72 -4.96
N THR E 102 31.97 -8.63 -4.75
CA THR E 102 30.80 -8.75 -5.62
C THR E 102 29.52 -8.96 -4.82
N LYS E 103 28.43 -9.25 -5.54
CA LYS E 103 27.14 -9.52 -4.93
C LYS E 103 26.94 -11.02 -4.67
N ILE E 104 28.01 -11.79 -4.86
CA ILE E 104 27.92 -13.25 -4.90
C ILE E 104 27.30 -13.91 -3.67
N ARG E 105 27.46 -13.31 -2.50
CA ARG E 105 26.98 -13.92 -1.26
C ARG E 105 25.48 -14.19 -1.29
N GLN E 106 24.73 -13.31 -1.95
CA GLN E 106 23.28 -13.40 -1.96
C GLN E 106 22.75 -14.44 -2.94
N LEU E 107 23.63 -15.05 -3.72
CA LEU E 107 23.23 -16.01 -4.75
C LEU E 107 22.27 -17.10 -4.25
N PRO E 108 22.56 -17.75 -3.11
CA PRO E 108 21.59 -18.76 -2.67
C PRO E 108 20.28 -18.16 -2.19
N ASN E 109 20.31 -16.92 -1.71
CA ASN E 109 19.09 -16.26 -1.28
C ASN E 109 18.24 -15.88 -2.48
N LEU E 110 18.89 -15.64 -3.61
CA LEU E 110 18.21 -15.42 -4.87
C LEU E 110 17.56 -16.71 -5.35
N LEU E 111 18.31 -17.81 -5.28
CA LEU E 111 17.80 -19.10 -5.73
C LEU E 111 16.56 -19.53 -4.95
N ARG E 112 16.59 -19.37 -3.64
CA ARG E 112 15.49 -19.84 -2.79
C ARG E 112 14.20 -19.07 -3.03
N GLY E 113 14.28 -17.95 -3.75
CA GLY E 113 13.11 -17.19 -4.10
C GLY E 113 12.25 -17.90 -5.14
N TYR E 114 12.83 -18.91 -5.77
CA TYR E 114 12.12 -19.71 -6.77
C TYR E 114 11.52 -20.97 -6.13
N GLU E 115 10.43 -21.47 -6.71
CA GLU E 115 9.87 -22.74 -6.27
C GLU E 115 10.76 -23.91 -6.68
N ASN E 116 11.14 -23.94 -7.95
CA ASN E 116 11.94 -25.03 -8.49
C ASN E 116 13.38 -24.61 -8.76
N ILE E 117 14.32 -25.43 -8.33
CA ILE E 117 15.74 -25.17 -8.55
C ILE E 117 16.45 -26.43 -9.02
N ARG E 118 17.07 -26.36 -10.19
CA ARG E 118 17.92 -27.46 -10.64
C ARG E 118 19.19 -26.93 -11.28
N LEU E 119 20.25 -27.71 -11.19
CA LEU E 119 21.50 -27.39 -11.86
C LEU E 119 21.46 -27.94 -13.28
N SER E 120 21.97 -27.18 -14.24
CA SER E 120 21.97 -27.66 -15.62
C SER E 120 22.81 -28.93 -15.70
N THR E 121 22.49 -29.80 -16.66
CA THR E 121 23.12 -31.11 -16.74
C THR E 121 24.25 -31.10 -17.76
N SER E 122 24.22 -30.15 -18.68
CA SER E 122 25.31 -29.93 -19.62
C SER E 122 26.02 -28.62 -19.30
N ASN E 123 27.22 -28.44 -19.85
CA ASN E 123 27.94 -27.19 -19.64
C ASN E 123 27.42 -26.13 -20.62
N VAL E 124 27.43 -24.88 -20.18
CA VAL E 124 26.86 -23.80 -20.98
C VAL E 124 27.91 -23.27 -21.96
N ILE E 125 29.16 -23.58 -21.69
CA ILE E 125 30.27 -23.19 -22.56
C ILE E 125 31.29 -24.32 -22.65
N ASN E 126 31.64 -24.71 -23.87
CA ASN E 126 32.68 -25.69 -24.09
C ASN E 126 34.05 -25.04 -24.00
N THR E 127 34.82 -25.42 -23.00
CA THR E 127 36.13 -24.80 -22.74
C THR E 127 37.13 -25.02 -23.87
N GLU E 128 36.88 -26.01 -24.71
CA GLU E 128 37.80 -26.35 -25.79
C GLU E 128 37.55 -25.53 -27.06
N THR E 129 36.52 -24.70 -27.03
CA THR E 129 36.22 -23.82 -28.15
C THR E 129 36.06 -22.38 -27.68
N ALA E 130 36.21 -22.19 -26.38
CA ALA E 130 36.09 -20.86 -25.77
C ALA E 130 37.20 -19.93 -26.25
N PRO E 131 36.84 -18.66 -26.51
CA PRO E 131 37.78 -17.63 -26.98
C PRO E 131 38.96 -17.45 -26.02
N GLY E 132 40.12 -17.11 -26.58
CA GLY E 132 41.31 -16.87 -25.77
C GLY E 132 42.31 -18.00 -25.84
N GLY E 133 42.57 -18.49 -27.05
CA GLY E 133 43.53 -19.55 -27.25
C GLY E 133 43.08 -20.86 -26.64
N PRO E 134 43.88 -21.93 -26.82
CA PRO E 134 43.55 -23.24 -26.26
C PRO E 134 43.71 -23.28 -24.74
N TYR E 135 42.85 -24.05 -24.06
CA TYR E 135 42.88 -24.12 -22.61
C TYR E 135 43.01 -25.55 -22.09
N LYS E 136 43.57 -25.66 -20.89
CA LYS E 136 43.42 -26.88 -20.08
C LYS E 136 42.67 -26.47 -18.82
N VAL E 137 41.97 -27.42 -18.21
CA VAL E 137 41.17 -27.09 -17.02
C VAL E 137 41.98 -27.32 -15.74
N GLY E 138 42.00 -26.30 -14.89
CA GLY E 138 42.77 -26.34 -13.67
C GLY E 138 41.96 -26.84 -12.49
N THR E 139 42.66 -27.37 -11.49
CA THR E 139 42.01 -27.86 -10.27
C THR E 139 42.84 -27.45 -9.06
N SER E 140 42.35 -27.79 -7.86
CA SER E 140 43.07 -27.43 -6.65
C SER E 140 42.85 -28.43 -5.53
N GLY E 141 43.82 -28.50 -4.61
CA GLY E 141 43.71 -29.35 -3.44
C GLY E 141 42.76 -28.75 -2.43
N SER E 142 42.44 -27.48 -2.63
CA SER E 142 41.46 -26.79 -1.80
C SER E 142 40.06 -27.32 -2.09
N CYS E 143 39.89 -27.92 -3.26
CA CYS E 143 38.56 -28.39 -3.69
C CYS E 143 38.56 -29.90 -4.00
N PRO E 144 38.78 -30.75 -2.99
CA PRO E 144 38.83 -32.20 -3.20
C PRO E 144 37.48 -32.73 -3.69
N ASN E 145 37.47 -33.55 -4.74
CA ASN E 145 36.19 -34.03 -5.25
C ASN E 145 35.75 -35.27 -4.47
N VAL E 146 34.75 -35.98 -4.96
CA VAL E 146 34.16 -37.10 -4.20
C VAL E 146 35.11 -38.27 -3.99
N THR E 147 36.18 -38.31 -4.76
CA THR E 147 37.23 -39.32 -4.58
C THR E 147 38.49 -38.67 -4.05
N ASN E 148 38.35 -37.45 -3.54
CA ASN E 148 39.43 -36.68 -2.94
C ASN E 148 40.55 -36.32 -3.92
N GLY E 149 40.21 -36.34 -5.20
CA GLY E 149 41.10 -35.80 -6.22
C GLY E 149 40.91 -34.30 -6.30
N ASN E 150 41.89 -33.61 -6.90
CA ASN E 150 41.80 -32.16 -7.06
C ASN E 150 40.66 -31.75 -7.98
N GLY E 151 39.82 -30.84 -7.51
CA GLY E 151 38.67 -30.43 -8.30
C GLY E 151 38.45 -28.92 -8.27
N PHE E 152 37.23 -28.51 -8.63
CA PHE E 152 36.88 -27.09 -8.64
C PHE E 152 35.37 -26.93 -8.57
N PHE E 153 34.92 -25.69 -8.34
CA PHE E 153 33.50 -25.36 -8.41
C PHE E 153 32.88 -25.89 -9.69
N ASN E 154 31.87 -26.72 -9.56
CA ASN E 154 31.22 -27.34 -10.73
C ASN E 154 30.45 -26.34 -11.60
N THR E 155 30.25 -25.13 -11.08
CA THR E 155 29.55 -24.11 -11.85
C THR E 155 30.51 -23.37 -12.77
N MET E 156 31.81 -23.56 -12.55
CA MET E 156 32.82 -22.82 -13.29
C MET E 156 33.97 -23.69 -13.79
N ALA E 157 34.69 -23.18 -14.77
CA ALA E 157 35.90 -23.84 -15.26
C ALA E 157 37.10 -22.90 -15.15
N TRP E 158 38.04 -23.26 -14.30
CA TRP E 158 39.29 -22.51 -14.17
C TRP E 158 40.18 -22.79 -15.38
N VAL E 159 39.89 -22.13 -16.50
CA VAL E 159 40.61 -22.38 -17.74
C VAL E 159 41.99 -21.74 -17.73
N ILE E 160 42.99 -22.51 -18.17
CA ILE E 160 44.37 -22.05 -18.22
C ILE E 160 44.99 -22.21 -19.61
N PRO E 161 45.68 -21.16 -20.09
CA PRO E 161 46.38 -21.26 -21.38
C PRO E 161 47.45 -22.36 -21.36
N LYS E 162 47.57 -23.10 -22.45
CA LYS E 162 48.58 -24.15 -22.54
C LYS E 162 49.97 -23.55 -22.69
N ASP E 163 50.99 -24.37 -22.46
CA ASP E 163 52.39 -23.91 -22.41
C ASP E 163 52.85 -23.11 -23.63
N ASN E 164 52.29 -23.41 -24.79
CA ASN E 164 52.62 -22.67 -26.00
C ASN E 164 51.74 -21.44 -26.17
N ASN E 165 50.99 -21.10 -25.13
CA ASN E 165 50.00 -20.05 -25.22
C ASN E 165 50.01 -19.12 -23.99
N LYS E 166 51.08 -19.18 -23.21
CA LYS E 166 51.22 -18.33 -22.04
C LYS E 166 51.51 -16.89 -22.46
N ILE E 167 50.48 -16.20 -22.96
CA ILE E 167 50.64 -14.86 -23.47
C ILE E 167 49.39 -14.03 -23.17
N ALA E 168 49.58 -12.73 -22.97
CA ALA E 168 48.47 -11.82 -22.73
C ALA E 168 47.53 -11.75 -23.92
N ILE E 169 46.26 -11.49 -23.65
CA ILE E 169 45.27 -11.30 -24.70
C ILE E 169 44.49 -10.00 -24.50
N ASN E 170 44.03 -9.43 -25.61
CA ASN E 170 43.03 -8.38 -25.55
C ASN E 170 41.72 -8.97 -25.04
N PRO E 171 40.87 -8.14 -24.43
CA PRO E 171 39.57 -8.63 -23.94
C PRO E 171 38.76 -9.33 -25.03
N VAL E 172 38.45 -10.61 -24.82
CA VAL E 172 37.65 -11.37 -25.76
C VAL E 172 36.23 -11.51 -25.24
N THR E 173 35.28 -11.72 -26.16
CA THR E 173 33.88 -11.77 -25.80
C THR E 173 33.31 -13.17 -25.99
N VAL E 174 32.65 -13.68 -24.96
CA VAL E 174 31.90 -14.93 -25.10
C VAL E 174 30.42 -14.69 -24.86
N GLU E 175 29.59 -15.32 -25.68
CA GLU E 175 28.14 -15.27 -25.47
C GLU E 175 27.74 -16.44 -24.60
N VAL E 176 27.07 -16.15 -23.49
CA VAL E 176 26.56 -17.21 -22.63
C VAL E 176 25.14 -17.53 -23.08
N PRO E 177 24.97 -18.70 -23.72
CA PRO E 177 23.66 -19.07 -24.26
C PRO E 177 22.65 -19.43 -23.18
N TYR E 178 21.37 -19.31 -23.52
CA TYR E 178 20.30 -19.73 -22.62
C TYR E 178 20.01 -21.21 -22.84
N ILE E 179 20.25 -22.03 -21.81
CA ILE E 179 20.12 -23.47 -21.94
C ILE E 179 19.09 -24.10 -21.01
N CYS E 180 18.22 -23.28 -20.42
CA CYS E 180 17.22 -23.82 -19.50
C CYS E 180 15.90 -24.12 -20.20
N SER E 181 15.01 -24.81 -19.50
CA SER E 181 13.74 -25.25 -20.06
C SER E 181 12.65 -24.18 -19.96
N GLU E 182 11.52 -24.46 -20.59
CA GLU E 182 10.41 -23.52 -20.74
C GLU E 182 10.03 -22.79 -19.45
N GLY E 183 10.22 -21.48 -19.44
CA GLY E 183 9.78 -20.65 -18.34
C GLY E 183 10.84 -20.37 -17.30
N GLU E 184 11.92 -21.14 -17.34
CA GLU E 184 12.95 -21.07 -16.31
C GLU E 184 13.87 -19.87 -16.45
N ASP E 185 14.28 -19.31 -15.31
CA ASP E 185 15.36 -18.33 -15.28
C ASP E 185 16.68 -19.07 -15.26
N GLN E 186 17.67 -18.53 -15.94
CA GLN E 186 19.01 -19.10 -15.86
C GLN E 186 19.91 -18.19 -15.03
N ILE E 187 20.58 -18.77 -14.05
CA ILE E 187 21.49 -18.00 -13.21
C ILE E 187 22.91 -18.48 -13.45
N THR E 188 23.69 -17.63 -14.11
CA THR E 188 25.01 -17.99 -14.57
C THR E 188 26.10 -17.56 -13.59
N VAL E 189 26.90 -18.52 -13.14
CA VAL E 189 27.98 -18.24 -12.21
C VAL E 189 29.31 -18.20 -12.95
N TRP E 190 30.14 -17.21 -12.63
CA TRP E 190 31.38 -16.98 -13.34
C TRP E 190 32.29 -16.14 -12.46
N GLY E 191 33.55 -16.00 -12.87
CA GLY E 191 34.48 -15.18 -12.12
C GLY E 191 35.88 -15.17 -12.69
N PHE E 192 36.85 -14.82 -11.86
CA PHE E 192 38.24 -14.80 -12.30
C PHE E 192 39.24 -15.03 -11.18
N HIS E 193 40.29 -15.78 -11.49
CA HIS E 193 41.35 -16.06 -10.55
C HIS E 193 42.48 -15.06 -10.70
N SER E 194 43.10 -14.68 -9.58
CA SER E 194 44.23 -13.78 -9.60
C SER E 194 45.25 -14.23 -8.58
N ASP E 195 46.48 -13.76 -8.71
CA ASP E 195 47.58 -14.23 -7.87
C ASP E 195 48.66 -13.17 -7.75
N ASP E 196 49.78 -13.52 -7.11
CA ASP E 196 50.92 -12.62 -7.07
C ASP E 196 51.61 -12.60 -8.43
N LYS E 197 52.54 -11.68 -8.61
CA LYS E 197 53.20 -11.46 -9.90
C LYS E 197 53.82 -12.73 -10.48
N THR E 198 54.45 -13.54 -9.63
CA THR E 198 55.14 -14.73 -10.09
C THR E 198 54.16 -15.76 -10.64
N GLN E 199 53.13 -16.07 -9.86
CA GLN E 199 52.15 -17.09 -10.27
C GLN E 199 51.36 -16.62 -11.48
N MET E 200 51.08 -15.33 -11.55
CA MET E 200 50.39 -14.75 -12.69
C MET E 200 51.13 -15.01 -13.99
N GLU E 201 52.44 -14.76 -13.98
CA GLU E 201 53.27 -14.97 -15.17
C GLU E 201 53.41 -16.46 -15.50
N ARG E 202 53.60 -17.28 -14.47
CA ARG E 202 53.67 -18.72 -14.66
C ARG E 202 52.37 -19.28 -15.26
N LEU E 203 51.23 -18.90 -14.67
CA LEU E 203 49.93 -19.43 -15.10
C LEU E 203 49.40 -18.82 -16.40
N TYR E 204 49.61 -17.52 -16.59
CA TYR E 204 48.93 -16.81 -17.67
C TYR E 204 49.86 -16.07 -18.63
N GLY E 205 51.11 -15.87 -18.22
CA GLY E 205 52.06 -15.18 -19.07
C GLY E 205 51.84 -13.68 -19.05
N ASP E 206 51.17 -13.21 -18.00
CA ASP E 206 50.88 -11.80 -17.83
C ASP E 206 50.66 -11.52 -16.34
N SER E 207 51.31 -10.48 -15.83
CA SER E 207 51.22 -10.13 -14.42
C SER E 207 50.55 -8.77 -14.26
N ASN E 208 50.01 -8.25 -15.35
CA ASN E 208 49.21 -7.03 -15.30
C ASN E 208 47.81 -7.33 -14.80
N PRO E 209 47.15 -6.32 -14.19
CA PRO E 209 45.76 -6.54 -13.78
C PRO E 209 44.88 -6.90 -14.98
N GLN E 210 44.01 -7.87 -14.81
CA GLN E 210 43.13 -8.30 -15.90
C GLN E 210 41.75 -7.69 -15.70
N LYS E 211 41.02 -7.52 -16.79
CA LYS E 211 39.73 -6.84 -16.73
C LYS E 211 38.59 -7.71 -17.25
N PHE E 212 37.46 -7.65 -16.56
CA PHE E 212 36.32 -8.50 -16.87
C PHE E 212 35.04 -7.69 -16.88
N THR E 213 34.19 -7.94 -17.87
CA THR E 213 32.94 -7.21 -18.02
C THR E 213 31.79 -8.13 -18.44
N SER E 214 30.72 -8.14 -17.66
CA SER E 214 29.55 -8.94 -17.99
C SER E 214 28.38 -8.04 -18.38
N SER E 215 27.43 -8.60 -19.12
CA SER E 215 26.26 -7.85 -19.54
C SER E 215 25.04 -8.74 -19.76
N ALA E 216 23.97 -8.47 -19.03
CA ALA E 216 22.74 -9.25 -19.15
C ALA E 216 21.54 -8.45 -18.66
N ASN E 217 20.45 -8.53 -19.41
CA ASN E 217 19.22 -7.78 -19.12
C ASN E 217 19.47 -6.31 -18.79
N GLY E 218 20.34 -5.67 -19.55
CA GLY E 218 20.59 -4.25 -19.38
C GLY E 218 21.58 -3.92 -18.28
N VAL E 219 22.01 -4.94 -17.54
CA VAL E 219 22.92 -4.74 -16.43
C VAL E 219 24.36 -5.02 -16.82
N THR E 220 25.20 -3.98 -16.76
CA THR E 220 26.63 -4.16 -16.96
C THR E 220 27.39 -4.02 -15.66
N THR E 221 28.35 -4.92 -15.44
CA THR E 221 29.23 -4.83 -14.28
C THR E 221 30.68 -5.00 -14.74
N HIS E 222 31.58 -4.19 -14.18
CA HIS E 222 32.97 -4.19 -14.60
C HIS E 222 33.92 -4.43 -13.43
N TYR E 223 34.89 -5.31 -13.62
CA TYR E 223 35.84 -5.63 -12.57
C TYR E 223 37.28 -5.49 -13.05
N VAL E 224 38.17 -5.12 -12.14
CA VAL E 224 39.60 -5.09 -12.41
C VAL E 224 40.33 -5.90 -11.34
N SER E 225 41.12 -6.86 -11.78
CA SER E 225 41.76 -7.80 -10.86
C SER E 225 42.84 -7.13 -10.03
N GLN E 226 43.22 -7.78 -8.94
CA GLN E 226 44.28 -7.29 -8.08
C GLN E 226 45.45 -8.26 -8.11
N ILE E 227 46.67 -7.72 -8.18
CA ILE E 227 47.87 -8.56 -8.28
C ILE E 227 48.62 -8.61 -6.95
N GLY E 228 48.48 -9.72 -6.23
CA GLY E 228 49.13 -9.90 -4.95
C GLY E 228 48.60 -8.97 -3.86
N GLY E 229 49.15 -9.10 -2.66
CA GLY E 229 48.75 -8.27 -1.54
C GLY E 229 47.31 -8.47 -1.14
N PHE E 230 46.81 -9.70 -1.33
CA PHE E 230 45.41 -10.01 -1.09
C PHE E 230 44.98 -9.98 0.36
N PRO E 231 43.67 -9.79 0.59
CA PRO E 231 43.14 -10.01 1.94
C PRO E 231 43.31 -11.48 2.33
N ASN E 232 43.30 -11.75 3.63
CA ASN E 232 43.61 -13.08 4.14
C ASN E 232 42.49 -14.07 3.93
N GLN E 233 42.85 -15.33 3.71
CA GLN E 233 41.88 -16.38 3.42
C GLN E 233 40.86 -16.56 4.52
N THR E 234 39.61 -16.71 4.12
CA THR E 234 38.52 -16.92 5.06
C THR E 234 37.42 -17.74 4.39
N GLU E 235 36.65 -18.46 5.19
CA GLU E 235 35.54 -19.26 4.71
C GLU E 235 35.93 -20.24 3.61
N ASP E 236 37.20 -20.68 3.62
CA ASP E 236 37.69 -21.61 2.60
C ASP E 236 38.15 -22.93 3.22
N GLU E 237 38.88 -23.72 2.42
CA GLU E 237 39.29 -25.07 2.83
C GLU E 237 40.37 -25.10 3.92
N GLY E 238 41.08 -24.00 4.10
CA GLY E 238 42.10 -23.91 5.14
C GLY E 238 43.50 -24.24 4.67
N LEU E 239 43.62 -24.60 3.40
CA LEU E 239 44.93 -24.82 2.79
C LEU E 239 45.49 -23.51 2.28
N LYS E 240 46.74 -23.21 2.63
CA LYS E 240 47.32 -21.92 2.29
C LYS E 240 47.42 -21.78 0.78
N GLN E 241 47.04 -20.60 0.30
CA GLN E 241 47.03 -20.32 -1.13
C GLN E 241 47.51 -18.90 -1.36
N SER E 242 48.15 -18.66 -2.49
CA SER E 242 48.69 -17.34 -2.78
C SER E 242 47.73 -16.55 -3.66
N GLY E 243 46.76 -17.24 -4.23
CA GLY E 243 45.80 -16.61 -5.11
C GLY E 243 44.40 -16.49 -4.53
N ARG E 244 43.59 -15.66 -5.16
CA ARG E 244 42.21 -15.45 -4.76
C ARG E 244 41.32 -15.46 -5.99
N ILE E 245 40.08 -15.92 -5.83
CA ILE E 245 39.13 -15.80 -6.93
C ILE E 245 38.03 -14.80 -6.58
N VAL E 246 37.53 -14.12 -7.60
CA VAL E 246 36.37 -13.26 -7.47
C VAL E 246 35.24 -13.91 -8.23
N VAL E 247 34.10 -14.07 -7.58
CA VAL E 247 32.97 -14.75 -8.20
C VAL E 247 31.75 -13.85 -8.23
N ASP E 248 30.98 -13.95 -9.32
CA ASP E 248 29.79 -13.13 -9.51
C ASP E 248 28.71 -14.01 -10.13
N TYR E 249 27.47 -13.52 -10.13
CA TYR E 249 26.42 -14.27 -10.83
C TYR E 249 25.68 -13.35 -11.77
N MET E 250 25.07 -13.95 -12.78
CA MET E 250 24.44 -13.23 -13.87
C MET E 250 23.08 -13.85 -14.20
N VAL E 251 22.02 -13.06 -14.04
CA VAL E 251 20.67 -13.56 -14.26
C VAL E 251 20.25 -13.39 -15.72
N GLN E 252 19.88 -14.50 -16.34
CA GLN E 252 19.40 -14.48 -17.72
C GLN E 252 17.93 -14.91 -17.77
N LYS E 253 17.08 -14.00 -18.23
CA LYS E 253 15.65 -14.28 -18.31
C LYS E 253 15.41 -15.24 -19.47
N PRO E 254 14.20 -15.86 -19.55
CA PRO E 254 13.96 -16.89 -20.57
C PRO E 254 14.33 -16.50 -22.00
N GLY E 255 15.18 -17.31 -22.62
CA GLY E 255 15.60 -17.11 -24.00
C GLY E 255 16.58 -15.97 -24.18
N LYS E 256 17.09 -15.43 -23.08
CA LYS E 256 18.02 -14.30 -23.15
C LYS E 256 19.47 -14.76 -22.97
N THR E 257 20.34 -14.32 -23.86
CA THR E 257 21.77 -14.59 -23.69
C THR E 257 22.43 -13.44 -22.94
N GLY E 258 23.60 -13.73 -22.37
CA GLY E 258 24.41 -12.71 -21.74
C GLY E 258 25.81 -12.78 -22.32
N THR E 259 26.62 -11.76 -22.08
CA THR E 259 28.00 -11.79 -22.54
C THR E 259 28.98 -11.58 -21.41
N ILE E 260 30.14 -12.23 -21.54
CA ILE E 260 31.25 -11.99 -20.63
C ILE E 260 32.47 -11.62 -21.45
N VAL E 261 33.05 -10.45 -21.14
CA VAL E 261 34.26 -10.02 -21.80
C VAL E 261 35.41 -10.18 -20.83
N TYR E 262 36.39 -10.99 -21.18
CA TYR E 262 37.41 -11.39 -20.22
C TYR E 262 38.82 -11.43 -20.79
N GLN E 263 39.80 -11.45 -19.89
CA GLN E 263 41.19 -11.67 -20.27
C GLN E 263 41.71 -12.94 -19.60
N ARG E 264 42.83 -12.83 -18.89
CA ARG E 264 43.45 -14.01 -18.29
C ARG E 264 42.95 -14.25 -16.86
N GLY E 265 42.75 -15.52 -16.51
CA GLY E 265 42.33 -15.90 -15.18
C GLY E 265 40.83 -16.15 -15.08
N ILE E 266 40.16 -16.01 -16.22
CA ILE E 266 38.70 -16.14 -16.29
C ILE E 266 38.19 -17.49 -15.76
N LEU E 267 37.17 -17.43 -14.91
CA LEU E 267 36.44 -18.62 -14.53
C LEU E 267 35.16 -18.70 -15.36
N LEU E 268 35.21 -19.49 -16.43
CA LEU E 268 34.08 -19.61 -17.34
C LEU E 268 32.94 -20.42 -16.73
N PRO E 269 31.70 -19.97 -16.97
CA PRO E 269 30.53 -20.71 -16.50
C PRO E 269 30.44 -22.10 -17.11
N GLN E 270 30.14 -23.11 -16.30
CA GLN E 270 29.92 -24.46 -16.80
C GLN E 270 28.47 -24.84 -16.54
N LYS E 271 28.23 -25.48 -15.40
CA LYS E 271 26.85 -25.80 -15.01
C LYS E 271 26.16 -24.53 -14.53
N VAL E 272 24.90 -24.35 -14.91
CA VAL E 272 24.16 -23.16 -14.53
C VAL E 272 22.87 -23.54 -13.82
N TRP E 273 22.38 -22.62 -12.99
CA TRP E 273 21.14 -22.85 -12.28
C TRP E 273 19.93 -22.58 -13.17
N CYS E 274 18.97 -23.50 -13.13
CA CYS E 274 17.72 -23.31 -13.84
C CYS E 274 16.58 -23.29 -12.84
N ALA E 275 15.93 -22.14 -12.74
CA ALA E 275 14.93 -21.92 -11.70
C ALA E 275 13.62 -21.39 -12.26
N SER E 276 12.50 -21.75 -11.64
CA SER E 276 11.19 -21.31 -12.07
C SER E 276 10.22 -21.23 -10.91
N GLY E 277 9.09 -20.55 -11.13
CA GLY E 277 8.09 -20.39 -10.08
C GLY E 277 8.53 -19.42 -9.02
N ARG E 278 7.67 -19.19 -8.04
CA ARG E 278 8.04 -18.34 -6.90
C ARG E 278 7.80 -19.05 -5.58
N SER E 279 8.79 -18.98 -4.69
CA SER E 279 8.65 -19.46 -3.33
C SER E 279 8.41 -18.28 -2.40
N LYS E 280 7.50 -18.45 -1.45
CA LYS E 280 7.28 -17.41 -0.45
C LYS E 280 8.38 -17.49 0.61
N VAL E 281 9.05 -16.37 0.83
CA VAL E 281 10.26 -16.35 1.64
C VAL E 281 10.15 -15.38 2.81
N ILE E 282 10.52 -15.83 4.00
CA ILE E 282 10.63 -14.93 5.15
C ILE E 282 11.88 -15.27 5.96
N LYS E 283 12.38 -14.28 6.70
CA LYS E 283 13.50 -14.50 7.61
C LYS E 283 13.13 -15.48 8.72
N GLY E 284 14.06 -16.35 9.06
CA GLY E 284 13.87 -17.29 10.14
C GLY E 284 15.19 -17.94 10.53
N SER E 285 15.11 -18.97 11.37
CA SER E 285 16.30 -19.68 11.81
C SER E 285 16.07 -21.18 11.75
N LEU E 286 17.17 -21.93 11.78
CA LEU E 286 17.12 -23.39 11.70
C LEU E 286 17.54 -24.00 13.04
N PRO E 287 17.11 -25.25 13.31
CA PRO E 287 16.31 -26.14 12.47
C PRO E 287 14.80 -25.89 12.59
N LEU E 288 14.04 -26.43 11.64
CA LEU E 288 12.59 -26.36 11.70
C LEU E 288 12.05 -27.49 12.55
N ILE E 289 11.30 -27.13 13.59
CA ILE E 289 10.82 -28.10 14.57
C ILE E 289 9.31 -28.23 14.58
N GLY E 290 8.80 -29.32 14.00
CA GLY E 290 7.39 -29.62 14.07
C GLY E 290 6.58 -28.88 13.03
N GLU E 291 5.30 -28.68 13.32
CA GLU E 291 4.41 -27.96 12.41
C GLU E 291 3.83 -26.72 13.08
N ALA E 292 3.34 -25.81 12.25
CA ALA E 292 2.65 -24.61 12.74
C ALA E 292 1.73 -24.10 11.65
N ASP E 293 0.66 -23.40 12.06
CA ASP E 293 -0.27 -22.84 11.10
C ASP E 293 0.40 -21.69 10.37
N CYS E 294 1.28 -21.01 11.12
CA CYS E 294 1.87 -19.75 10.69
C CYS E 294 3.34 -19.57 11.07
N LEU E 295 4.17 -19.15 10.13
CA LEU E 295 5.55 -18.77 10.43
C LEU E 295 5.67 -17.25 10.46
N HIS E 296 6.21 -16.71 11.55
CA HIS E 296 6.24 -15.28 11.80
C HIS E 296 7.70 -14.88 12.05
N GLU E 297 8.18 -13.87 11.32
CA GLU E 297 9.60 -13.52 11.34
C GLU E 297 10.12 -13.21 12.74
N LYS E 298 9.23 -12.78 13.62
CA LYS E 298 9.64 -12.34 14.94
C LYS E 298 9.32 -13.38 16.01
N TYR E 299 8.24 -14.12 15.81
CA TYR E 299 7.76 -15.07 16.82
C TYR E 299 7.99 -16.52 16.42
N GLY E 300 8.49 -16.72 15.21
CA GLY E 300 8.76 -18.06 14.70
C GLY E 300 7.48 -18.78 14.35
N GLY E 301 7.42 -20.08 14.63
CA GLY E 301 6.21 -20.85 14.43
C GLY E 301 5.17 -20.58 15.50
N LEU E 302 3.92 -20.38 15.08
CA LEU E 302 2.83 -20.28 16.05
C LEU E 302 1.53 -20.77 15.41
N ASN E 303 0.65 -21.32 16.25
CA ASN E 303 -0.65 -21.80 15.81
C ASN E 303 -1.73 -20.75 16.00
N LYS E 304 -2.74 -20.79 15.14
CA LYS E 304 -3.77 -19.76 15.13
C LYS E 304 -4.92 -20.05 16.10
N SER E 305 -5.14 -19.13 17.04
CA SER E 305 -6.26 -19.22 17.96
C SER E 305 -7.20 -18.03 17.80
N LYS E 306 -6.88 -16.94 18.48
CA LYS E 306 -7.61 -15.68 18.31
C LYS E 306 -7.47 -15.18 16.87
N PRO E 307 -8.48 -14.43 16.37
CA PRO E 307 -8.45 -13.95 14.99
C PRO E 307 -7.38 -12.89 14.74
N TYR E 308 -7.03 -12.12 15.77
CA TYR E 308 -6.03 -11.06 15.63
C TYR E 308 -4.92 -11.25 16.64
N TYR E 309 -3.86 -10.46 16.52
CA TYR E 309 -2.82 -10.48 17.54
C TYR E 309 -2.20 -9.10 17.75
N THR E 310 -1.62 -8.91 18.92
CA THR E 310 -0.91 -7.68 19.24
C THR E 310 0.57 -7.97 19.45
N GLY E 311 1.40 -6.95 19.27
CA GLY E 311 2.83 -7.11 19.47
C GLY E 311 3.63 -6.57 18.30
N GLU E 312 4.68 -7.29 17.93
CA GLU E 312 5.57 -6.85 16.87
C GLU E 312 5.08 -7.33 15.50
N HIS E 313 4.62 -6.40 14.68
CA HIS E 313 4.23 -6.74 13.32
C HIS E 313 5.48 -7.04 12.50
N ALA E 314 5.39 -8.07 11.67
CA ALA E 314 6.45 -8.43 10.75
C ALA E 314 5.91 -9.33 9.67
N LYS E 315 6.74 -9.64 8.69
CA LYS E 315 6.36 -10.55 7.62
C LYS E 315 5.95 -11.89 8.19
N ALA E 316 4.88 -12.46 7.65
CA ALA E 316 4.39 -13.75 8.11
C ALA E 316 3.66 -14.49 7.00
N ILE E 317 3.83 -15.81 6.97
CA ILE E 317 3.18 -16.63 5.94
C ILE E 317 2.38 -17.77 6.57
N GLY E 318 1.31 -18.16 5.88
CA GLY E 318 0.49 -19.28 6.33
C GLY E 318 -0.85 -18.83 6.86
N ASN E 319 -1.46 -19.67 7.70
CA ASN E 319 -2.72 -19.35 8.35
C ASN E 319 -2.48 -18.53 9.61
N CYS E 320 -2.44 -17.21 9.43
CA CYS E 320 -1.95 -16.30 10.46
C CYS E 320 -3.05 -15.43 11.06
N PRO E 321 -2.88 -15.04 12.33
CA PRO E 321 -3.69 -13.95 12.89
C PRO E 321 -3.32 -12.62 12.25
N ILE E 322 -4.25 -11.68 12.18
CA ILE E 322 -3.96 -10.38 11.60
C ILE E 322 -3.52 -9.38 12.68
N TRP E 323 -2.42 -8.68 12.41
CA TRP E 323 -1.89 -7.71 13.38
C TRP E 323 -2.82 -6.52 13.59
N VAL E 324 -2.94 -6.07 14.83
CA VAL E 324 -3.70 -4.87 15.18
C VAL E 324 -2.97 -4.03 16.21
N LYS E 325 -3.26 -2.73 16.22
CA LYS E 325 -2.60 -1.79 17.13
C LYS E 325 -2.88 -2.03 18.61
N THR E 326 -4.11 -2.43 18.93
CA THR E 326 -4.52 -2.55 20.33
C THR E 326 -5.22 -3.87 20.60
N PRO E 327 -5.16 -4.34 21.87
CA PRO E 327 -5.86 -5.57 22.23
C PRO E 327 -7.37 -5.36 22.22
N LEU E 328 -8.00 -5.61 21.08
CA LEU E 328 -9.43 -5.44 20.91
C LEU E 328 -10.23 -6.49 21.67
N LYS E 329 -11.41 -6.11 22.12
CA LYS E 329 -12.28 -7.02 22.86
C LYS E 329 -13.68 -6.95 22.28
N LEU E 330 -14.29 -8.11 22.04
CA LEU E 330 -15.69 -8.13 21.64
C LEU E 330 -16.55 -8.17 22.90
N ALA E 331 -17.51 -7.27 22.98
CA ALA E 331 -18.34 -7.20 24.17
C ALA E 331 -19.21 -8.45 24.26
N ASN E 332 -19.15 -9.10 25.42
CA ASN E 332 -19.98 -10.26 25.70
C ASN E 332 -20.64 -10.14 27.07
N GLY E 333 -21.52 -9.16 27.20
CA GLY E 333 -22.20 -8.90 28.45
C GLY E 333 -22.93 -7.58 28.39
N THR E 334 -23.16 -6.98 29.55
CA THR E 334 -23.92 -5.73 29.62
C THR E 334 -23.07 -4.58 30.15
N LYS E 335 -23.37 -3.37 29.69
CA LYS E 335 -22.71 -2.18 30.21
C LYS E 335 -22.96 -2.08 31.72
N TYR E 336 -21.92 -1.70 32.46
CA TYR E 336 -22.00 -1.63 33.91
C TYR E 336 -23.16 -0.78 34.39
N ARG E 337 -23.86 -1.28 35.40
CA ARG E 337 -24.87 -0.51 36.13
C ARG E 337 -24.65 -0.65 37.63
N PRO E 338 -24.76 0.45 38.37
CA PRO E 338 -24.71 0.39 39.83
C PRO E 338 -25.85 -0.43 40.40
N PRO E 339 -25.65 -1.06 41.57
CA PRO E 339 -26.73 -1.80 42.23
C PRO E 339 -27.92 -0.88 42.52
N ALA E 340 -29.13 -1.39 42.31
CA ALA E 340 -30.34 -0.56 42.41
C ALA E 340 -30.64 -0.16 43.85
N LYS E 341 -30.88 1.13 44.04
CA LYS E 341 -31.25 1.67 45.34
C LYS E 341 -32.64 1.19 45.77
N GLY F 1 -29.65 3.09 27.73
CA GLY F 1 -28.95 3.93 26.78
C GLY F 1 -29.58 5.31 26.69
N PHE F 2 -29.71 5.82 25.46
CA PHE F 2 -30.32 7.13 25.25
C PHE F 2 -31.84 7.00 25.29
N PHE F 3 -32.34 5.87 24.82
CA PHE F 3 -33.77 5.60 24.88
C PHE F 3 -34.22 5.51 26.34
N GLY F 4 -33.58 4.63 27.10
CA GLY F 4 -33.91 4.42 28.49
C GLY F 4 -33.75 5.65 29.37
N ALA F 5 -32.82 6.52 29.01
CA ALA F 5 -32.60 7.75 29.76
C ALA F 5 -33.81 8.67 29.58
N ILE F 6 -34.27 8.80 28.34
CA ILE F 6 -35.43 9.61 28.01
C ILE F 6 -36.73 8.94 28.46
N ALA F 7 -36.81 7.63 28.25
CA ALA F 7 -38.01 6.87 28.57
C ALA F 7 -38.20 6.69 30.09
N GLY F 8 -37.23 7.09 30.89
CA GLY F 8 -37.33 6.93 32.34
C GLY F 8 -37.18 5.50 32.80
N PHE F 9 -36.47 4.68 32.03
CA PHE F 9 -36.14 3.32 32.46
C PHE F 9 -35.23 3.37 33.67
N LEU F 10 -35.30 2.36 34.52
CA LEU F 10 -34.40 2.26 35.67
C LEU F 10 -32.96 2.15 35.20
N GLU F 11 -32.11 3.07 35.65
CA GLU F 11 -30.73 3.14 35.20
C GLU F 11 -29.83 2.22 35.99
N GLY F 12 -30.26 1.83 37.18
CA GLY F 12 -29.51 0.89 37.99
C GLY F 12 -29.70 -0.54 37.52
N GLY F 13 -29.19 -1.48 38.29
CA GLY F 13 -29.30 -2.89 37.94
C GLY F 13 -29.44 -3.81 39.13
N TRP F 14 -29.70 -5.09 38.86
CA TRP F 14 -30.02 -6.03 39.92
C TRP F 14 -28.97 -7.13 40.06
N GLU F 15 -28.22 -7.05 41.15
CA GLU F 15 -27.18 -8.03 41.48
C GLU F 15 -27.76 -9.43 41.61
N GLY F 16 -29.05 -9.50 41.94
CA GLY F 16 -29.73 -10.78 42.08
C GLY F 16 -29.96 -11.46 40.74
N MET F 17 -29.87 -10.69 39.66
CA MET F 17 -30.03 -11.25 38.32
C MET F 17 -28.74 -11.92 37.89
N ILE F 18 -28.66 -13.22 38.11
CA ILE F 18 -27.41 -13.96 37.92
C ILE F 18 -27.50 -14.92 36.73
N ALA F 19 -28.64 -15.58 36.58
CA ALA F 19 -28.81 -16.60 35.55
C ALA F 19 -28.82 -16.02 34.14
N GLY F 20 -28.88 -14.69 34.03
CA GLY F 20 -28.97 -14.04 32.74
C GLY F 20 -28.66 -12.56 32.79
N TRP F 21 -28.68 -11.91 31.63
CA TRP F 21 -28.30 -10.51 31.53
C TRP F 21 -29.52 -9.60 31.62
N HIS F 22 -30.66 -10.14 31.20
CA HIS F 22 -31.89 -9.37 31.08
C HIS F 22 -32.99 -10.14 31.80
N GLY F 23 -33.99 -9.44 32.30
CA GLY F 23 -35.13 -10.13 32.89
C GLY F 23 -36.13 -9.23 33.57
N TYR F 24 -36.70 -9.73 34.67
CA TYR F 24 -37.80 -9.03 35.33
C TYR F 24 -37.55 -8.83 36.81
N THR F 25 -38.20 -7.80 37.35
CA THR F 25 -38.26 -7.59 38.79
C THR F 25 -39.71 -7.40 39.22
N SER F 26 -40.01 -7.78 40.46
CA SER F 26 -41.35 -7.62 41.00
C SER F 26 -41.29 -6.87 42.32
N HIS F 27 -42.02 -5.76 42.41
CA HIS F 27 -41.99 -4.94 43.62
C HIS F 27 -43.35 -4.99 44.31
N GLY F 28 -43.38 -5.51 45.53
CA GLY F 28 -44.61 -5.60 46.29
C GLY F 28 -44.43 -5.73 47.79
N ALA F 29 -45.29 -6.55 48.41
CA ALA F 29 -45.25 -6.78 49.84
C ALA F 29 -44.14 -7.76 50.21
N HIS F 30 -43.80 -8.63 49.28
CA HIS F 30 -42.75 -9.62 49.45
C HIS F 30 -41.38 -8.96 49.46
N GLY F 31 -41.35 -7.67 49.15
CA GLY F 31 -40.12 -6.93 48.95
C GLY F 31 -39.92 -6.76 47.46
N VAL F 32 -38.76 -7.17 46.94
CA VAL F 32 -38.51 -7.09 45.52
C VAL F 32 -37.94 -8.43 45.02
N ALA F 33 -38.67 -9.07 44.12
CA ALA F 33 -38.22 -10.32 43.53
C ALA F 33 -37.49 -10.04 42.22
N VAL F 34 -36.53 -10.89 41.88
CA VAL F 34 -35.71 -10.68 40.69
C VAL F 34 -35.53 -11.99 39.92
N ALA F 35 -35.79 -11.95 38.62
CA ALA F 35 -35.61 -13.12 37.76
C ALA F 35 -35.01 -12.75 36.41
N ALA F 36 -34.11 -13.59 35.92
CA ALA F 36 -33.51 -13.39 34.60
C ALA F 36 -34.32 -14.10 33.52
N ASP F 37 -34.38 -13.49 32.34
CA ASP F 37 -35.03 -14.11 31.18
C ASP F 37 -34.01 -14.82 30.30
N LEU F 38 -34.10 -16.14 30.23
CA LEU F 38 -33.12 -16.94 29.51
C LEU F 38 -33.26 -16.78 28.00
N LYS F 39 -34.49 -16.59 27.52
CA LYS F 39 -34.74 -16.37 26.11
C LYS F 39 -34.03 -15.12 25.61
N SER F 40 -34.14 -14.04 26.37
CA SER F 40 -33.51 -12.77 26.01
C SER F 40 -31.99 -12.84 26.13
N THR F 41 -31.51 -13.61 27.10
CA THR F 41 -30.08 -13.78 27.31
C THR F 41 -29.44 -14.58 26.18
N GLN F 42 -30.09 -15.67 25.80
CA GLN F 42 -29.60 -16.53 24.73
C GLN F 42 -29.48 -15.77 23.41
N GLU F 43 -30.52 -15.02 23.09
CA GLU F 43 -30.54 -14.22 21.85
C GLU F 43 -29.36 -13.26 21.78
N ALA F 44 -29.09 -12.57 22.88
CA ALA F 44 -27.99 -11.63 22.95
C ALA F 44 -26.65 -12.35 22.78
N ILE F 45 -26.55 -13.54 23.34
CA ILE F 45 -25.31 -14.31 23.28
C ILE F 45 -25.09 -14.88 21.88
N ASN F 46 -26.16 -15.32 21.23
CA ASN F 46 -26.07 -15.84 19.86
C ASN F 46 -25.69 -14.75 18.87
N LYS F 47 -26.27 -13.56 19.04
CA LYS F 47 -25.92 -12.42 18.20
C LYS F 47 -24.42 -12.11 18.30
N ILE F 48 -23.90 -12.13 19.51
CA ILE F 48 -22.49 -11.86 19.75
C ILE F 48 -21.62 -12.97 19.17
N THR F 49 -22.08 -14.22 19.30
CA THR F 49 -21.36 -15.36 18.79
C THR F 49 -21.26 -15.32 17.27
N LYS F 50 -22.36 -14.96 16.62
CA LYS F 50 -22.38 -14.78 15.17
C LYS F 50 -21.49 -13.61 14.77
N ASN F 51 -21.50 -12.57 15.60
CA ASN F 51 -20.70 -11.37 15.36
C ASN F 51 -19.21 -11.70 15.49
N LEU F 52 -18.90 -12.67 16.34
CA LEU F 52 -17.53 -13.12 16.52
C LEU F 52 -17.07 -13.92 15.30
N ASN F 53 -17.95 -14.77 14.80
CA ASN F 53 -17.66 -15.54 13.59
C ASN F 53 -17.42 -14.63 12.39
N SER F 54 -18.19 -13.55 12.32
CA SER F 54 -18.10 -12.61 11.21
C SER F 54 -16.75 -11.90 11.22
N LEU F 55 -16.35 -11.43 12.40
CA LEU F 55 -15.06 -10.77 12.57
C LEU F 55 -13.91 -11.73 12.29
N SER F 56 -14.12 -13.02 12.58
CA SER F 56 -13.08 -14.03 12.44
C SER F 56 -12.97 -14.54 11.01
N GLU F 57 -13.90 -14.13 10.16
CA GLU F 57 -13.94 -14.60 8.78
C GLU F 57 -13.02 -13.80 7.85
N LEU F 58 -12.56 -12.64 8.30
CA LEU F 58 -11.73 -11.76 7.48
C LEU F 58 -10.39 -12.42 7.12
N GLU F 59 -10.06 -12.41 5.85
CA GLU F 59 -8.75 -12.88 5.38
C GLU F 59 -8.01 -11.77 4.64
N VAL F 60 -6.71 -11.67 4.90
CA VAL F 60 -5.86 -10.77 4.13
C VAL F 60 -4.62 -11.50 3.63
N LYS F 61 -4.06 -11.01 2.52
CA LYS F 61 -2.87 -11.60 1.93
C LYS F 61 -1.69 -11.59 2.89
N ASN F 62 -0.93 -12.69 2.90
CA ASN F 62 0.33 -12.74 3.64
C ASN F 62 1.28 -11.65 3.17
N LEU F 63 2.07 -11.10 4.10
CA LEU F 63 3.20 -10.29 3.74
C LEU F 63 4.49 -11.09 3.87
N GLN F 64 5.17 -11.32 2.75
CA GLN F 64 6.47 -11.98 2.78
C GLN F 64 7.53 -11.12 2.10
N ARG F 65 8.71 -11.69 1.93
CA ARG F 65 9.81 -10.99 1.28
C ARG F 65 9.60 -10.96 -0.22
N LEU F 66 10.20 -9.96 -0.88
CA LEU F 66 10.29 -9.99 -2.33
C LEU F 66 11.26 -11.10 -2.72
N SER F 67 10.91 -11.87 -3.73
CA SER F 67 11.76 -12.98 -4.15
C SER F 67 13.01 -12.48 -4.88
N GLY F 68 12.87 -11.38 -5.59
CA GLY F 68 13.95 -10.87 -6.42
C GLY F 68 14.91 -9.90 -5.76
N ALA F 69 14.40 -9.09 -4.84
CA ALA F 69 15.22 -8.05 -4.21
C ALA F 69 16.21 -8.64 -3.20
N MET F 70 17.50 -8.45 -3.48
CA MET F 70 18.56 -9.00 -2.66
C MET F 70 19.11 -7.99 -1.67
N ASN F 71 19.37 -8.46 -0.44
CA ASN F 71 20.00 -7.66 0.60
C ASN F 71 21.28 -6.98 0.11
N GLU F 72 21.54 -5.79 0.64
CA GLU F 72 22.68 -4.94 0.26
C GLU F 72 22.53 -4.37 -1.15
N LEU F 73 22.39 -5.24 -2.14
CA LEU F 73 22.24 -4.82 -3.53
C LEU F 73 20.99 -3.96 -3.76
N HIS F 74 19.88 -4.35 -3.15
CA HIS F 74 18.60 -3.69 -3.38
C HIS F 74 17.99 -3.08 -2.12
N ASP F 75 18.83 -2.50 -1.26
CA ASP F 75 18.35 -1.97 0.02
C ASP F 75 17.32 -0.86 -0.14
N GLU F 76 17.45 -0.05 -1.19
CA GLU F 76 16.49 1.02 -1.45
C GLU F 76 15.11 0.45 -1.74
N ILE F 77 15.05 -0.55 -2.62
CA ILE F 77 13.79 -1.23 -2.93
C ILE F 77 13.22 -1.86 -1.66
N LEU F 78 14.09 -2.50 -0.88
CA LEU F 78 13.69 -3.17 0.34
C LEU F 78 13.13 -2.20 1.38
N GLU F 79 13.63 -0.96 1.38
CA GLU F 79 13.09 0.05 2.28
C GLU F 79 11.64 0.37 1.92
N LEU F 80 11.38 0.50 0.63
CA LEU F 80 10.04 0.77 0.15
C LEU F 80 9.12 -0.41 0.44
N ASP F 81 9.66 -1.62 0.31
CA ASP F 81 8.92 -2.83 0.61
C ASP F 81 8.54 -2.87 2.08
N GLU F 82 9.48 -2.44 2.93
CA GLU F 82 9.24 -2.33 4.36
C GLU F 82 8.13 -1.33 4.63
N LYS F 83 8.12 -0.25 3.85
CA LYS F 83 7.10 0.79 3.98
C LYS F 83 5.73 0.26 3.56
N VAL F 84 5.70 -0.53 2.49
CA VAL F 84 4.48 -1.14 2.01
C VAL F 84 3.86 -2.04 3.08
N ASP F 85 4.68 -2.86 3.72
CA ASP F 85 4.22 -3.73 4.79
C ASP F 85 3.67 -2.92 5.94
N ASP F 86 4.41 -1.90 6.35
CA ASP F 86 4.02 -1.03 7.46
C ASP F 86 2.65 -0.38 7.22
N LEU F 87 2.43 0.10 6.00
CA LEU F 87 1.18 0.78 5.68
C LEU F 87 0.02 -0.19 5.52
N ARG F 88 0.29 -1.39 5.03
CA ARG F 88 -0.74 -2.42 4.94
C ARG F 88 -1.22 -2.77 6.33
N ALA F 89 -0.26 -3.03 7.22
CA ALA F 89 -0.56 -3.36 8.61
C ALA F 89 -1.37 -2.25 9.27
N ASP F 90 -0.95 -1.01 9.05
CA ASP F 90 -1.61 0.14 9.64
C ASP F 90 -3.05 0.28 9.16
N THR F 91 -3.24 0.15 7.85
CA THR F 91 -4.54 0.36 7.23
C THR F 91 -5.54 -0.73 7.61
N ILE F 92 -5.13 -2.00 7.51
CA ILE F 92 -5.99 -3.11 7.86
C ILE F 92 -6.32 -3.09 9.36
N SER F 93 -5.35 -2.67 10.17
CA SER F 93 -5.57 -2.55 11.61
C SER F 93 -6.69 -1.58 11.92
N SER F 94 -6.65 -0.42 11.26
CA SER F 94 -7.65 0.62 11.49
C SER F 94 -9.02 0.19 10.97
N GLN F 95 -9.01 -0.63 9.91
CA GLN F 95 -10.26 -1.16 9.36
C GLN F 95 -10.90 -2.16 10.31
N ILE F 96 -10.06 -3.04 10.88
CA ILE F 96 -10.53 -4.02 11.84
C ILE F 96 -11.06 -3.31 13.09
N GLU F 97 -10.36 -2.27 13.51
CA GLU F 97 -10.78 -1.46 14.65
C GLU F 97 -12.15 -0.85 14.42
N LEU F 98 -12.40 -0.42 13.19
CA LEU F 98 -13.70 0.15 12.83
C LEU F 98 -14.79 -0.92 12.91
N ALA F 99 -14.48 -2.11 12.38
CA ALA F 99 -15.42 -3.21 12.37
C ALA F 99 -15.79 -3.64 13.79
N VAL F 100 -14.80 -3.66 14.67
CA VAL F 100 -15.02 -4.06 16.06
C VAL F 100 -15.79 -2.98 16.81
N LEU F 101 -15.49 -1.71 16.52
CA LEU F 101 -16.18 -0.60 17.14
C LEU F 101 -17.68 -0.63 16.84
N LEU F 102 -18.01 -0.86 15.58
CA LEU F 102 -19.41 -0.95 15.16
C LEU F 102 -20.09 -2.17 15.76
N SER F 103 -19.33 -3.25 15.90
CA SER F 103 -19.85 -4.47 16.50
C SER F 103 -20.23 -4.20 17.96
N ASN F 104 -19.32 -3.56 18.68
CA ASN F 104 -19.56 -3.21 20.08
C ASN F 104 -20.66 -2.16 20.17
N GLU F 105 -20.74 -1.30 19.16
CA GLU F 105 -21.80 -0.30 19.09
C GLU F 105 -23.16 -0.98 19.05
N GLY F 106 -23.29 -2.01 18.22
CA GLY F 106 -24.52 -2.76 18.09
C GLY F 106 -24.91 -3.50 19.35
N ILE F 107 -23.94 -4.17 19.98
CA ILE F 107 -24.19 -5.01 21.14
C ILE F 107 -24.65 -4.18 22.35
N ILE F 108 -23.95 -3.09 22.63
CA ILE F 108 -24.30 -2.22 23.74
C ILE F 108 -25.63 -1.52 23.49
N ASN F 109 -25.85 -1.06 22.26
CA ASN F 109 -27.09 -0.38 21.91
C ASN F 109 -28.33 -1.27 22.03
N SER F 110 -28.15 -2.57 21.77
CA SER F 110 -29.28 -3.49 21.68
C SER F 110 -29.93 -3.77 23.05
N GLU F 111 -29.29 -3.28 24.11
CA GLU F 111 -29.78 -3.52 25.47
C GLU F 111 -31.22 -3.05 25.66
N ASP F 112 -31.47 -1.77 25.37
CA ASP F 112 -32.81 -1.21 25.52
C ASP F 112 -33.81 -1.90 24.61
N GLU F 113 -33.35 -2.34 23.45
CA GLU F 113 -34.20 -3.08 22.52
C GLU F 113 -34.64 -4.41 23.14
N HIS F 114 -33.73 -5.04 23.88
CA HIS F 114 -34.06 -6.26 24.61
C HIS F 114 -35.12 -5.97 25.68
N LEU F 115 -34.92 -4.90 26.43
CA LEU F 115 -35.88 -4.48 27.45
C LEU F 115 -37.25 -4.21 26.82
N LEU F 116 -37.25 -3.53 25.67
CA LEU F 116 -38.48 -3.21 24.96
C LEU F 116 -39.22 -4.47 24.52
N ALA F 117 -38.47 -5.52 24.20
CA ALA F 117 -39.07 -6.78 23.75
C ALA F 117 -39.59 -7.60 24.93
N LEU F 118 -38.98 -7.41 26.10
CA LEU F 118 -39.40 -8.11 27.30
C LEU F 118 -40.72 -7.52 27.79
N GLU F 119 -40.95 -6.26 27.43
CA GLU F 119 -42.24 -5.62 27.69
C GLU F 119 -43.37 -6.37 27.02
N ARG F 120 -43.15 -6.77 25.78
CA ARG F 120 -44.18 -7.42 24.99
C ARG F 120 -44.44 -8.84 25.49
N LYS F 121 -43.40 -9.48 26.01
CA LYS F 121 -43.55 -10.80 26.60
C LYS F 121 -44.32 -10.72 27.91
N LEU F 122 -43.93 -9.75 28.74
CA LEU F 122 -44.55 -9.53 30.02
C LEU F 122 -46.02 -9.13 29.88
N LYS F 123 -46.27 -8.18 29.00
CA LYS F 123 -47.60 -7.63 28.78
C LYS F 123 -48.65 -8.69 28.43
N LYS F 124 -48.35 -9.54 27.45
CA LYS F 124 -49.30 -10.55 27.01
C LYS F 124 -49.59 -11.55 28.14
N MET F 125 -48.56 -11.91 28.88
CA MET F 125 -48.72 -12.85 29.99
C MET F 125 -49.56 -12.26 31.12
N LEU F 126 -49.36 -10.97 31.40
CA LEU F 126 -50.05 -10.32 32.50
C LEU F 126 -51.55 -10.14 32.26
N GLY F 127 -51.96 -10.21 31.00
CA GLY F 127 -53.36 -10.05 30.66
C GLY F 127 -53.82 -8.60 30.67
N PRO F 128 -55.06 -8.36 30.21
CA PRO F 128 -55.63 -7.02 30.01
C PRO F 128 -55.92 -6.25 31.29
N SER F 129 -55.81 -6.90 32.46
CA SER F 129 -56.14 -6.24 33.71
C SER F 129 -54.97 -5.43 34.26
N ALA F 130 -53.78 -5.67 33.73
CA ALA F 130 -52.58 -4.95 34.16
C ALA F 130 -52.47 -3.61 33.43
N VAL F 131 -51.77 -2.66 34.03
CA VAL F 131 -51.69 -1.31 33.48
C VAL F 131 -50.26 -0.95 33.07
N GLU F 132 -50.08 -0.67 31.79
CA GLU F 132 -48.76 -0.34 31.26
C GLU F 132 -48.40 1.11 31.57
N ILE F 133 -47.30 1.28 32.31
CA ILE F 133 -46.89 2.61 32.76
C ILE F 133 -46.10 3.35 31.68
N GLY F 134 -45.23 2.65 30.99
CA GLY F 134 -44.43 3.26 29.93
C GLY F 134 -42.95 3.26 30.25
N ASN F 135 -42.63 3.15 31.54
CA ASN F 135 -41.25 3.16 31.98
C ASN F 135 -40.65 1.76 32.07
N GLY F 136 -41.29 0.82 31.38
CA GLY F 136 -40.86 -0.56 31.39
C GLY F 136 -41.51 -1.35 32.51
N CYS F 137 -42.47 -0.73 33.19
CA CYS F 137 -43.14 -1.35 34.31
C CYS F 137 -44.64 -1.52 34.07
N PHE F 138 -45.20 -2.57 34.67
CA PHE F 138 -46.64 -2.78 34.65
C PHE F 138 -47.13 -2.84 36.09
N GLU F 139 -48.29 -2.24 36.35
CA GLU F 139 -48.90 -2.34 37.66
C GLU F 139 -49.97 -3.41 37.63
N THR F 140 -49.88 -4.37 38.55
CA THR F 140 -50.81 -5.48 38.56
C THR F 140 -51.82 -5.33 39.68
N LYS F 141 -53.00 -5.93 39.47
CA LYS F 141 -54.04 -5.93 40.48
C LYS F 141 -53.73 -7.02 41.52
N HIS F 142 -52.97 -8.02 41.10
CA HIS F 142 -52.63 -9.15 41.97
C HIS F 142 -51.22 -9.04 42.53
N LYS F 143 -50.95 -9.81 43.58
CA LYS F 143 -49.62 -9.89 44.17
C LYS F 143 -48.74 -10.83 43.35
N CYS F 144 -47.44 -10.58 43.35
CA CYS F 144 -46.50 -11.43 42.60
C CYS F 144 -45.17 -11.61 43.30
N ASN F 145 -45.04 -12.63 44.13
CA ASN F 145 -43.77 -12.88 44.79
C ASN F 145 -42.79 -13.62 43.87
N GLN F 146 -41.63 -14.00 44.42
CA GLN F 146 -40.58 -14.65 43.64
C GLN F 146 -41.07 -15.92 42.91
N THR F 147 -41.99 -16.65 43.53
CA THR F 147 -42.54 -17.84 42.90
C THR F 147 -43.34 -17.46 41.67
N CYS F 148 -44.08 -16.36 41.78
CA CYS F 148 -44.85 -15.83 40.67
C CYS F 148 -43.95 -15.36 39.54
N LEU F 149 -42.93 -14.58 39.88
CA LEU F 149 -41.98 -14.06 38.90
C LEU F 149 -41.28 -15.17 38.12
N ASP F 150 -40.90 -16.24 38.82
CA ASP F 150 -40.25 -17.38 38.17
C ASP F 150 -41.15 -17.99 37.10
N ARG F 151 -42.45 -17.95 37.33
CA ARG F 151 -43.42 -18.47 36.38
C ARG F 151 -43.50 -17.55 35.16
N ILE F 152 -43.32 -16.25 35.38
CA ILE F 152 -43.31 -15.28 34.30
C ILE F 152 -42.12 -15.48 33.38
N ALA F 153 -40.93 -15.51 33.98
CA ALA F 153 -39.68 -15.76 33.25
C ALA F 153 -39.74 -17.06 32.46
N ALA F 154 -40.37 -18.08 33.06
CA ALA F 154 -40.48 -19.40 32.43
C ALA F 154 -41.57 -19.41 31.37
N GLY F 155 -42.38 -18.35 31.33
CA GLY F 155 -43.43 -18.24 30.32
C GLY F 155 -44.67 -19.04 30.65
N THR F 156 -44.81 -19.43 31.91
CA THR F 156 -45.92 -20.26 32.34
C THR F 156 -46.99 -19.47 33.08
N PHE F 157 -46.70 -18.21 33.37
CA PHE F 157 -47.64 -17.35 34.09
C PHE F 157 -49.00 -17.32 33.42
N ASN F 158 -50.04 -17.59 34.20
CA ASN F 158 -51.41 -17.44 33.75
C ASN F 158 -52.13 -16.43 34.64
N ALA F 159 -52.95 -15.57 34.05
CA ALA F 159 -53.67 -14.57 34.84
C ALA F 159 -54.91 -15.18 35.49
N GLY F 160 -55.38 -16.29 34.93
CA GLY F 160 -56.51 -17.01 35.49
C GLY F 160 -56.14 -17.68 36.80
N ASP F 161 -54.83 -17.77 37.06
CA ASP F 161 -54.33 -18.31 38.31
C ASP F 161 -54.51 -17.29 39.45
N PHE F 162 -55.05 -16.13 39.10
CA PHE F 162 -55.44 -15.12 40.07
C PHE F 162 -56.86 -14.69 39.77
N SER F 163 -57.59 -15.56 39.06
CA SER F 163 -58.95 -15.31 38.62
C SER F 163 -59.07 -14.02 37.81
N LEU F 164 -57.94 -13.57 37.26
CA LEU F 164 -57.90 -12.39 36.41
C LEU F 164 -58.04 -12.76 34.94
N PRO F 165 -58.52 -11.82 34.12
CA PRO F 165 -58.70 -12.10 32.68
C PRO F 165 -57.38 -12.24 31.93
N THR F 166 -57.42 -12.98 30.83
CA THR F 166 -56.27 -13.17 29.98
C THR F 166 -56.60 -12.74 28.55
N PHE F 167 -55.57 -12.36 27.80
CA PHE F 167 -55.69 -12.36 26.35
C PHE F 167 -55.73 -13.83 25.97
N ASP F 168 -56.80 -14.26 25.32
CA ASP F 168 -56.93 -15.68 24.99
C ASP F 168 -55.86 -16.05 23.98
N SER F 169 -55.05 -17.04 24.35
CA SER F 169 -53.88 -17.39 23.56
C SER F 169 -54.24 -18.33 22.42
#